data_9FF2
#
_entry.id   9FF2
#
_cell.length_a   1.00
_cell.length_b   1.00
_cell.length_c   1.00
_cell.angle_alpha   90.00
_cell.angle_beta   90.00
_cell.angle_gamma   90.00
#
_symmetry.space_group_name_H-M   'P 1'
#
loop_
_entity.id
_entity.type
_entity.pdbx_description
1 polymer 'Gamma-aminobutyric acid receptor subunit beta-3'
2 branched alpha-D-mannopyranose-(1-3)-[alpha-D-mannopyranose-(1-6)]beta-D-mannopyranose-(1-4)-2-acetamido-2-deoxy-beta-D-glucopyranose-(1-4)-2-acetamido-2-deoxy-beta-D-glucopyranose
3 branched 2-acetamido-2-deoxy-beta-D-glucopyranose-(1-4)-2-acetamido-2-deoxy-beta-D-glucopyranose
4 non-polymer 2-acetamido-2-deoxy-beta-D-glucopyranose
5 non-polymer HISTAMINE
6 non-polymer DECANE
7 non-polymer 'CHLORIDE ION'
#
_entity_poly.entity_id   1
_entity_poly.type   'polypeptide(L)'
_entity_poly.pdbx_seq_one_letter_code
;MDEKTTGWRGGHVVEGLAGELEQLRARLEHHPQGQREPDYDIPTTENLYFQGTGQSVNDPGNMSFVKETVDKLLKGYDIR
LRPDFGGPPVCVGMNIDIASIDMVSEVNMDYTLTMYFQQYWRDKRLAYSGIPLNLTLDNRVADQLWVPDTYFLNDKKSFV
HGVTVKNRMIRLHPDGTVLYGLRITTTAACMMDLRRYPLDEQNCTLEIESYGYTTDDIEFYWRGGDKAVTGVERIELPQF
SIVEHRLVSRNVVFATGAYPRLSLSFRLKRNIGYFILQTYMPSILITILSWVSFWINYDASAARVALGITTVLTMTTINT
HLRETLPKIPYVKAIDMYLMGCFVFVFLALLEYAFVNYIFFSQPARAAAIDRWSRIVFPFTFSLFNLVYWLYYVN
;
_entity_poly.pdbx_strand_id   A,B,C,D,E
#
loop_
_chem_comp.id
_chem_comp.type
_chem_comp.name
_chem_comp.formula
BMA D-saccharide, beta linking beta-D-mannopyranose 'C6 H12 O6'
CL non-polymer 'CHLORIDE ION' 'Cl -1'
D10 non-polymer DECANE 'C10 H22'
HSM non-polymer HISTAMINE 'C5 H9 N3'
MAN D-saccharide, alpha linking alpha-D-mannopyranose 'C6 H12 O6'
NAG D-saccharide, beta linking 2-acetamido-2-deoxy-beta-D-glucopyranose 'C8 H15 N O6'
#
# COMPACT_ATOMS: atom_id res chain seq x y z
N ASN A 58 4.69 -8.06 57.24
CA ASN A 58 4.74 -6.79 57.96
C ASN A 58 5.50 -5.74 57.16
N ASP A 59 6.79 -5.97 56.96
CA ASP A 59 7.62 -5.02 56.23
C ASP A 59 7.20 -4.97 54.76
N PRO A 60 7.16 -3.77 54.16
CA PRO A 60 6.82 -3.68 52.73
C PRO A 60 7.79 -4.42 51.83
N GLY A 61 9.05 -4.57 52.25
CA GLY A 61 10.02 -5.28 51.43
C GLY A 61 9.85 -6.78 51.39
N ASN A 62 8.97 -7.32 52.22
CA ASN A 62 8.70 -8.76 52.22
C ASN A 62 7.79 -9.07 51.03
N MET A 63 8.37 -9.66 49.98
CA MET A 63 7.60 -9.91 48.76
C MET A 63 6.45 -10.89 49.00
N SER A 64 6.62 -11.82 49.93
CA SER A 64 5.54 -12.76 50.23
C SER A 64 4.33 -12.03 50.81
N PHE A 65 4.56 -11.06 51.70
CA PHE A 65 3.45 -10.29 52.26
C PHE A 65 2.74 -9.49 51.18
N VAL A 66 3.49 -8.88 50.26
CA VAL A 66 2.87 -8.12 49.18
C VAL A 66 2.08 -9.03 48.27
N LYS A 67 2.61 -10.22 47.97
CA LYS A 67 1.88 -11.17 47.14
C LYS A 67 0.59 -11.61 47.82
N GLU A 68 0.65 -11.84 49.14
CA GLU A 68 -0.56 -12.17 49.88
C GLU A 68 -1.59 -11.05 49.82
N THR A 69 -1.12 -9.81 49.98
CA THR A 69 -2.03 -8.66 49.92
C THR A 69 -2.69 -8.54 48.55
N VAL A 70 -1.92 -8.71 47.49
CA VAL A 70 -2.48 -8.59 46.14
C VAL A 70 -3.46 -9.73 45.87
N ASP A 71 -3.12 -10.95 46.31
CA ASP A 71 -4.02 -12.08 46.12
C ASP A 71 -5.33 -11.85 46.89
N LYS A 72 -5.24 -11.32 48.10
CA LYS A 72 -6.45 -10.99 48.85
C LYS A 72 -7.27 -9.93 48.13
N LEU A 73 -6.60 -8.94 47.53
CA LEU A 73 -7.31 -7.93 46.76
C LEU A 73 -8.05 -8.54 45.59
N LEU A 74 -7.41 -9.46 44.86
CA LEU A 74 -8.02 -10.05 43.68
C LEU A 74 -8.89 -11.26 44.00
N LYS A 75 -8.97 -11.68 45.24
CA LYS A 75 -9.81 -12.81 45.63
C LYS A 75 -11.25 -12.37 45.71
N GLY A 76 -12.12 -13.01 44.94
CA GLY A 76 -13.51 -12.60 44.86
C GLY A 76 -13.76 -11.38 44.01
N TYR A 77 -12.75 -10.88 43.31
CA TYR A 77 -12.92 -9.71 42.46
C TYR A 77 -13.68 -10.08 41.20
N ASP A 78 -14.74 -9.34 40.93
CA ASP A 78 -15.59 -9.58 39.75
C ASP A 78 -15.30 -8.46 38.74
N ILE A 79 -14.64 -8.82 37.64
CA ILE A 79 -14.32 -7.83 36.63
C ILE A 79 -15.56 -7.39 35.85
N ARG A 80 -16.66 -8.14 35.95
CA ARG A 80 -17.86 -7.79 35.22
C ARG A 80 -18.59 -6.60 35.83
N LEU A 81 -18.29 -6.25 37.07
CA LEU A 81 -18.98 -5.17 37.77
C LEU A 81 -18.06 -3.97 37.91
N ARG A 82 -18.57 -2.80 37.53
CA ARG A 82 -17.83 -1.58 37.71
C ARG A 82 -17.73 -1.23 39.19
N PRO A 83 -16.77 -0.39 39.58
CA PRO A 83 -16.71 0.06 40.97
C PRO A 83 -18.00 0.79 41.35
N ASP A 84 -18.45 0.54 42.58
CA ASP A 84 -19.71 1.10 43.08
C ASP A 84 -20.87 0.74 42.16
N PHE A 85 -20.89 -0.51 41.69
CA PHE A 85 -21.96 -0.96 40.82
C PHE A 85 -23.30 -0.83 41.53
N GLY A 86 -24.29 -0.28 40.82
CA GLY A 86 -25.58 -0.04 41.41
C GLY A 86 -25.66 1.20 42.28
N GLY A 87 -24.58 1.97 42.39
CA GLY A 87 -24.58 3.16 43.20
C GLY A 87 -24.21 4.39 42.39
N PRO A 88 -23.49 5.33 43.03
CA PRO A 88 -23.12 6.55 42.32
C PRO A 88 -22.17 6.23 41.19
N PRO A 89 -22.17 7.04 40.12
CA PRO A 89 -21.25 6.79 39.02
C PRO A 89 -19.80 6.95 39.43
N VAL A 90 -18.94 6.15 38.82
CA VAL A 90 -17.51 6.23 39.07
C VAL A 90 -16.91 7.31 38.17
N CYS A 91 -16.19 8.24 38.78
CA CYS A 91 -15.61 9.35 38.04
C CYS A 91 -14.23 8.95 37.52
N VAL A 92 -14.02 9.13 36.21
CA VAL A 92 -12.77 8.78 35.57
C VAL A 92 -12.12 10.06 35.06
N GLY A 93 -10.91 10.33 35.53
CA GLY A 93 -10.17 11.51 35.12
C GLY A 93 -9.06 11.14 34.16
N MET A 94 -8.97 11.87 33.07
CA MET A 94 -8.12 11.49 31.94
C MET A 94 -7.08 12.55 31.63
N ASN A 95 -5.86 12.09 31.34
N ASN A 95 -5.87 12.12 31.34
CA ASN A 95 -4.76 12.93 30.91
CA ASN A 95 -4.84 13.02 30.86
C ASN A 95 -4.23 12.39 29.59
C ASN A 95 -4.17 12.42 29.64
N ILE A 96 -3.75 13.28 28.73
CA ILE A 96 -3.12 12.90 27.48
C ILE A 96 -1.79 13.59 27.36
N ASP A 97 -0.74 12.82 27.11
CA ASP A 97 0.58 13.36 26.82
C ASP A 97 0.86 13.04 25.35
N ILE A 98 0.72 14.04 24.49
CA ILE A 98 0.83 13.84 23.05
C ILE A 98 2.31 13.69 22.69
N ALA A 99 2.69 12.49 22.24
CA ALA A 99 4.07 12.27 21.85
C ALA A 99 4.38 12.92 20.52
N SER A 100 3.48 12.80 19.55
CA SER A 100 3.68 13.38 18.23
C SER A 100 2.37 13.33 17.46
N ILE A 101 2.32 14.09 16.36
CA ILE A 101 1.26 14.01 15.37
C ILE A 101 1.93 13.63 14.06
N ASP A 102 1.73 12.37 13.65
CA ASP A 102 2.55 11.80 12.58
C ASP A 102 2.30 12.49 11.25
N MET A 103 1.03 12.59 10.84
CA MET A 103 0.73 13.14 9.52
C MET A 103 -0.72 13.58 9.46
N VAL A 104 -0.96 14.67 8.75
CA VAL A 104 -2.30 15.20 8.50
C VAL A 104 -2.57 15.08 7.01
N SER A 105 -3.54 14.26 6.64
CA SER A 105 -3.83 13.95 5.25
C SER A 105 -5.18 14.51 4.87
N GLU A 106 -5.19 15.36 3.83
CA GLU A 106 -6.44 15.84 3.25
C GLU A 106 -7.08 14.78 2.37
N VAL A 107 -6.27 13.98 1.67
CA VAL A 107 -6.81 12.96 0.78
C VAL A 107 -7.67 11.97 1.56
N ASN A 108 -7.16 11.53 2.70
CA ASN A 108 -7.91 10.64 3.58
C ASN A 108 -8.75 11.39 4.60
N MET A 109 -8.58 12.72 4.70
CA MET A 109 -9.29 13.55 5.67
C MET A 109 -9.14 13.00 7.08
N ASP A 110 -7.89 12.92 7.54
CA ASP A 110 -7.63 12.40 8.88
C ASP A 110 -6.26 12.86 9.34
N TYR A 111 -5.90 12.46 10.55
CA TYR A 111 -4.61 12.77 11.13
C TYR A 111 -4.21 11.66 12.09
N THR A 112 -2.91 11.34 12.09
CA THR A 112 -2.38 10.28 12.95
C THR A 112 -1.74 10.90 14.18
N LEU A 113 -2.05 10.35 15.35
CA LEU A 113 -1.65 10.92 16.62
C LEU A 113 -1.22 9.82 17.56
N THR A 114 -0.03 9.95 18.14
CA THR A 114 0.50 9.03 19.13
C THR A 114 0.48 9.72 20.49
N MET A 115 -0.01 9.00 21.51
CA MET A 115 -0.20 9.66 22.79
C MET A 115 -0.12 8.66 23.93
N TYR A 116 0.30 9.16 25.08
CA TYR A 116 0.17 8.47 26.35
C TYR A 116 -1.18 8.85 26.93
N PHE A 117 -2.11 7.91 26.97
CA PHE A 117 -3.46 8.13 27.44
C PHE A 117 -3.58 7.50 28.83
N GLN A 118 -3.80 8.33 29.85
CA GLN A 118 -3.84 7.86 31.23
C GLN A 118 -5.21 8.10 31.81
N GLN A 119 -5.78 7.06 32.41
CA GLN A 119 -7.06 7.10 33.09
C GLN A 119 -6.85 6.92 34.59
N TYR A 120 -7.71 7.58 35.36
CA TYR A 120 -7.60 7.63 36.82
CA TYR A 120 -7.61 7.62 36.82
C TYR A 120 -8.98 7.37 37.40
N TRP A 121 -9.09 6.38 38.28
CA TRP A 121 -10.36 6.16 38.94
C TRP A 121 -10.11 5.51 40.30
N ARG A 122 -11.18 5.29 41.05
CA ARG A 122 -11.07 4.72 42.38
C ARG A 122 -11.93 3.47 42.48
N ASP A 123 -11.32 2.36 42.88
CA ASP A 123 -12.02 1.10 43.08
C ASP A 123 -11.77 0.67 44.53
N LYS A 124 -12.79 0.82 45.37
CA LYS A 124 -12.64 0.50 46.78
C LYS A 124 -12.35 -0.97 47.01
N ARG A 125 -12.68 -1.84 46.06
CA ARG A 125 -12.34 -3.25 46.17
C ARG A 125 -10.84 -3.48 46.16
N LEU A 126 -10.07 -2.53 45.62
CA LEU A 126 -8.62 -2.67 45.52
C LEU A 126 -7.88 -1.93 46.62
N ALA A 127 -8.58 -1.38 47.60
CA ALA A 127 -7.93 -0.67 48.69
C ALA A 127 -7.17 -1.66 49.57
N TYR A 128 -5.92 -1.32 49.89
CA TYR A 128 -5.08 -2.17 50.71
C TYR A 128 -4.45 -1.35 51.81
N SER A 129 -4.16 -2.01 52.93
CA SER A 129 -3.60 -1.35 54.11
C SER A 129 -2.34 -2.07 54.54
N GLY A 130 -1.49 -1.35 55.27
CA GLY A 130 -0.25 -1.90 55.78
C GLY A 130 0.94 -1.72 54.88
N ILE A 131 0.75 -1.24 53.65
CA ILE A 131 1.83 -0.96 52.72
C ILE A 131 1.78 0.51 52.36
N PRO A 132 2.67 1.33 52.93
CA PRO A 132 2.71 2.76 52.63
C PRO A 132 3.42 3.09 51.32
N LEU A 133 3.05 2.38 50.26
CA LEU A 133 3.68 2.54 48.96
C LEU A 133 2.63 2.43 47.86
N ASN A 134 2.97 2.98 46.71
CA ASN A 134 2.16 2.83 45.50
C ASN A 134 2.63 1.60 44.75
N LEU A 135 1.73 0.65 44.53
CA LEU A 135 2.09 -0.64 43.92
C LEU A 135 2.04 -0.51 42.42
N THR A 136 3.21 -0.44 41.77
CA THR A 136 3.29 -0.47 40.32
C THR A 136 3.32 -1.93 39.89
N LEU A 137 2.20 -2.42 39.38
CA LEU A 137 2.12 -3.83 39.07
C LEU A 137 2.44 -4.08 37.60
N ASP A 138 2.73 -5.33 37.28
CA ASP A 138 2.97 -5.71 35.90
C ASP A 138 1.72 -5.48 35.07
N ASN A 139 1.91 -5.07 33.81
CA ASN A 139 0.77 -4.65 32.99
C ASN A 139 -0.22 -5.78 32.78
N ARG A 140 0.22 -7.04 32.87
CA ARG A 140 -0.68 -8.16 32.64
C ARG A 140 -1.81 -8.19 33.67
N VAL A 141 -1.57 -7.65 34.87
CA VAL A 141 -2.62 -7.62 35.88
C VAL A 141 -3.80 -6.78 35.43
N ALA A 142 -3.61 -5.94 34.40
CA ALA A 142 -4.73 -5.18 33.85
C ALA A 142 -5.82 -6.09 33.29
N ASP A 143 -5.46 -7.32 32.90
CA ASP A 143 -6.46 -8.25 32.42
C ASP A 143 -7.31 -8.82 33.55
N GLN A 144 -6.93 -8.61 34.80
CA GLN A 144 -7.67 -9.12 35.95
C GLN A 144 -8.42 -8.03 36.70
N LEU A 145 -8.47 -6.82 36.15
CA LEU A 145 -9.12 -5.68 36.78
C LEU A 145 -10.19 -5.11 35.86
N TRP A 146 -11.13 -4.38 36.45
CA TRP A 146 -12.10 -3.64 35.67
C TRP A 146 -11.43 -2.38 35.12
N VAL A 147 -11.63 -2.12 33.83
CA VAL A 147 -11.12 -0.91 33.20
C VAL A 147 -12.26 -0.25 32.45
N PRO A 148 -12.28 1.07 32.34
CA PRO A 148 -13.36 1.73 31.60
C PRO A 148 -13.36 1.33 30.14
N ASP A 149 -14.57 1.29 29.55
CA ASP A 149 -14.71 0.98 28.14
C ASP A 149 -14.51 2.23 27.29
N THR A 150 -13.40 2.92 27.51
CA THR A 150 -13.13 4.17 26.81
C THR A 150 -12.77 3.90 25.36
N TYR A 151 -13.37 4.66 24.45
CA TYR A 151 -13.05 4.56 23.03
C TYR A 151 -13.05 5.96 22.43
N PHE A 152 -12.55 6.05 21.21
CA PHE A 152 -12.44 7.31 20.49
C PHE A 152 -13.51 7.36 19.41
N LEU A 153 -14.38 8.36 19.50
CA LEU A 153 -15.59 8.39 18.68
C LEU A 153 -15.25 8.51 17.19
N ASN A 154 -14.22 9.29 16.86
CA ASN A 154 -13.91 9.62 15.47
C ASN A 154 -12.66 8.94 14.96
N ASP A 155 -12.21 7.87 15.60
CA ASP A 155 -11.04 7.17 15.10
C ASP A 155 -11.42 6.24 13.96
N LYS A 156 -10.42 5.81 13.20
CA LYS A 156 -10.57 4.89 12.09
C LYS A 156 -9.72 3.65 12.24
N LYS A 157 -8.51 3.80 12.78
CA LYS A 157 -7.63 2.66 13.03
C LYS A 157 -6.69 3.07 14.16
N SER A 158 -6.84 2.43 15.31
CA SER A 158 -5.98 2.70 16.46
C SER A 158 -5.46 1.39 17.02
N PHE A 159 -4.25 1.43 17.57
CA PHE A 159 -3.66 0.25 18.17
C PHE A 159 -2.85 0.68 19.38
N VAL A 160 -2.65 -0.28 20.28
CA VAL A 160 -1.78 -0.09 21.44
C VAL A 160 -0.46 -0.79 21.14
N HIS A 161 0.64 -0.04 21.29
CA HIS A 161 1.95 -0.58 20.96
C HIS A 161 2.29 -1.76 21.87
N GLY A 162 3.02 -2.73 21.32
CA GLY A 162 3.25 -3.97 22.03
C GLY A 162 4.66 -4.50 22.01
N VAL A 163 5.65 -3.62 21.98
CA VAL A 163 7.07 -4.00 22.00
C VAL A 163 7.75 -3.18 23.08
N THR A 164 8.50 -3.84 23.97
CA THR A 164 8.70 -5.30 23.96
C THR A 164 7.50 -6.02 24.53
N VAL A 165 6.87 -5.41 25.52
CA VAL A 165 5.61 -5.87 26.05
C VAL A 165 4.52 -4.89 25.62
N LYS A 166 3.27 -5.26 25.89
CA LYS A 166 2.18 -4.35 25.63
C LYS A 166 2.38 -3.06 26.42
N ASN A 167 2.42 -1.93 25.72
CA ASN A 167 2.76 -0.67 26.38
C ASN A 167 1.60 -0.23 27.26
N ARG A 168 1.62 -0.69 28.50
CA ARG A 168 0.50 -0.54 29.42
C ARG A 168 1.05 -0.43 30.83
N MET A 169 0.40 0.38 31.66
CA MET A 169 0.86 0.64 33.01
C MET A 169 -0.30 0.57 33.99
N ILE A 170 -0.13 -0.17 35.06
CA ILE A 170 -1.09 -0.27 36.15
C ILE A 170 -0.41 0.14 37.45
N ARG A 171 -0.95 1.16 38.11
CA ARG A 171 -0.45 1.60 39.40
C ARG A 171 -1.60 1.69 40.38
N LEU A 172 -1.43 1.06 41.53
CA LEU A 172 -2.44 1.06 42.59
C LEU A 172 -1.97 1.93 43.75
N HIS A 173 -2.92 2.49 44.47
CA HIS A 173 -2.70 3.36 45.61
C HIS A 173 -3.44 2.81 46.81
N PRO A 174 -2.99 3.14 48.02
CA PRO A 174 -3.61 2.54 49.22
C PRO A 174 -5.11 2.77 49.33
N ASP A 175 -5.61 3.90 48.85
CA ASP A 175 -7.05 4.19 48.92
C ASP A 175 -7.84 3.54 47.80
N GLY A 176 -7.28 2.52 47.14
CA GLY A 176 -7.98 1.84 46.07
C GLY A 176 -8.04 2.60 44.77
N THR A 177 -7.12 3.55 44.56
CA THR A 177 -7.11 4.34 43.34
C THR A 177 -6.22 3.67 42.29
N VAL A 178 -6.74 3.58 41.07
CA VAL A 178 -6.05 2.94 39.96
C VAL A 178 -5.68 4.00 38.93
N LEU A 179 -4.41 4.00 38.53
CA LEU A 179 -3.92 4.73 37.38
C LEU A 179 -3.57 3.72 36.29
N TYR A 180 -4.10 3.95 35.09
CA TYR A 180 -4.02 3.00 33.99
C TYR A 180 -3.60 3.75 32.73
N GLY A 181 -2.41 3.47 32.24
CA GLY A 181 -1.83 4.19 31.11
C GLY A 181 -1.64 3.28 29.91
N LEU A 182 -1.86 3.85 28.72
CA LEU A 182 -1.65 3.16 27.46
C LEU A 182 -0.92 4.08 26.50
N ARG A 183 -0.17 3.50 25.56
CA ARG A 183 0.45 4.26 24.49
C ARG A 183 -0.26 3.90 23.20
N ILE A 184 -1.04 4.85 22.68
CA ILE A 184 -1.99 4.59 21.61
C ILE A 184 -1.62 5.44 20.40
N THR A 185 -1.56 4.80 19.24
CA THR A 185 -1.42 5.49 17.96
C THR A 185 -2.75 5.35 17.24
N THR A 186 -3.45 6.47 17.08
CA THR A 186 -4.79 6.49 16.53
C THR A 186 -4.85 7.41 15.32
N THR A 187 -5.54 6.97 14.28
CA THR A 187 -5.78 7.78 13.08
C THR A 187 -7.23 8.28 13.17
N ALA A 188 -7.39 9.55 13.53
CA ALA A 188 -8.70 10.13 13.74
C ALA A 188 -9.13 10.93 12.53
N ALA A 189 -10.38 10.73 12.10
CA ALA A 189 -10.91 11.46 10.97
C ALA A 189 -11.09 12.93 11.29
N CYS A 190 -10.79 13.79 10.32
CA CYS A 190 -10.94 15.24 10.48
C CYS A 190 -11.48 15.80 9.17
N MET A 191 -12.77 16.12 9.15
CA MET A 191 -13.34 16.77 7.97
C MET A 191 -12.76 18.17 7.83
N MET A 192 -12.31 18.51 6.63
CA MET A 192 -11.62 19.76 6.37
CA MET A 192 -11.62 19.76 6.37
C MET A 192 -12.33 20.55 5.29
N ASP A 193 -12.42 21.86 5.50
CA ASP A 193 -13.02 22.77 4.52
C ASP A 193 -11.88 23.40 3.74
N LEU A 194 -11.66 22.92 2.52
CA LEU A 194 -10.55 23.35 1.69
C LEU A 194 -10.90 24.51 0.77
N ARG A 195 -11.90 25.32 1.13
CA ARG A 195 -12.30 26.42 0.26
C ARG A 195 -11.22 27.48 0.18
N ARG A 196 -10.56 27.78 1.30
CA ARG A 196 -9.48 28.76 1.34
C ARG A 196 -8.12 28.10 1.25
N TYR A 197 -8.07 26.81 0.94
CA TYR A 197 -6.81 26.11 0.75
C TYR A 197 -6.02 26.76 -0.38
N PRO A 198 -4.69 26.88 -0.26
CA PRO A 198 -3.82 26.39 0.82
C PRO A 198 -3.65 27.39 1.96
N LEU A 199 -4.41 28.48 1.98
CA LEU A 199 -4.36 29.44 3.09
C LEU A 199 -5.43 29.16 4.13
N ASP A 200 -5.82 27.91 4.30
CA ASP A 200 -6.92 27.52 5.17
C ASP A 200 -6.45 27.29 6.59
N GLU A 201 -7.41 27.34 7.52
CA GLU A 201 -7.19 27.02 8.91
C GLU A 201 -8.19 25.94 9.31
N GLN A 202 -7.69 24.82 9.81
CA GLN A 202 -8.51 23.66 10.10
C GLN A 202 -8.67 23.45 11.60
N ASN A 203 -9.65 22.64 11.95
CA ASN A 203 -9.98 22.35 13.34
C ASN A 203 -10.19 20.85 13.46
N CYS A 204 -9.22 20.15 14.03
CA CYS A 204 -9.26 18.70 14.14
C CYS A 204 -9.42 18.29 15.60
N THR A 205 -10.37 17.39 15.85
CA THR A 205 -10.76 17.03 17.21
C THR A 205 -10.61 15.55 17.44
N LEU A 206 -10.33 15.20 18.70
CA LEU A 206 -10.34 13.83 19.19
C LEU A 206 -11.45 13.72 20.23
N GLU A 207 -12.37 12.79 20.01
CA GLU A 207 -13.54 12.61 20.86
C GLU A 207 -13.38 11.33 21.67
N ILE A 208 -13.55 11.44 22.98
CA ILE A 208 -13.36 10.34 23.92
C ILE A 208 -14.70 10.08 24.59
N GLU A 209 -15.13 8.81 24.59
CA GLU A 209 -16.45 8.49 25.11
C GLU A 209 -16.44 7.10 25.70
N SER A 210 -17.35 6.89 26.67
CA SER A 210 -17.61 5.55 27.17
C SER A 210 -18.54 4.82 26.22
N TYR A 211 -18.29 3.52 26.03
CA TYR A 211 -19.08 2.79 25.04
C TYR A 211 -20.39 2.25 25.61
N GLY A 212 -20.30 1.51 26.71
CA GLY A 212 -21.49 0.87 27.25
C GLY A 212 -22.13 1.60 28.40
N TYR A 213 -21.30 2.17 29.29
CA TYR A 213 -21.83 2.80 30.48
C TYR A 213 -22.34 4.20 30.19
N THR A 214 -23.47 4.53 30.79
CA THR A 214 -24.07 5.85 30.64
C THR A 214 -23.60 6.76 31.77
N THR A 215 -24.12 7.99 31.78
CA THR A 215 -23.76 8.93 32.84
C THR A 215 -24.27 8.49 34.20
N ASP A 216 -25.22 7.56 34.25
CA ASP A 216 -25.63 6.98 35.51
C ASP A 216 -24.59 6.03 36.08
N ASP A 217 -23.60 5.64 35.29
CA ASP A 217 -22.58 4.69 35.72
C ASP A 217 -21.17 5.23 35.67
N ILE A 218 -20.84 6.11 34.72
CA ILE A 218 -19.48 6.62 34.56
CA ILE A 218 -19.48 6.61 34.53
C ILE A 218 -19.55 8.09 34.20
N GLU A 219 -18.61 8.87 34.72
CA GLU A 219 -18.46 10.27 34.40
C GLU A 219 -17.01 10.55 34.02
N PHE A 220 -16.83 11.46 33.07
CA PHE A 220 -15.51 11.82 32.58
C PHE A 220 -15.17 13.26 32.96
N TYR A 221 -13.89 13.50 33.27
CA TYR A 221 -13.40 14.85 33.49
C TYR A 221 -11.93 14.88 33.13
N TRP A 222 -11.44 16.08 32.82
CA TRP A 222 -10.03 16.27 32.55
C TRP A 222 -9.28 16.43 33.87
N ARG A 223 -8.36 15.51 34.15
CA ARG A 223 -7.60 15.55 35.38
C ARG A 223 -6.52 16.61 35.27
N GLY A 224 -6.67 17.70 36.01
CA GLY A 224 -5.78 18.83 35.91
C GLY A 224 -6.34 20.01 35.15
N GLY A 225 -7.59 19.93 34.70
CA GLY A 225 -8.19 21.07 34.02
C GLY A 225 -7.54 21.32 32.68
N ASP A 226 -7.15 22.57 32.45
CA ASP A 226 -6.55 22.95 31.18
C ASP A 226 -5.14 22.41 30.99
N LYS A 227 -4.51 21.88 32.03
CA LYS A 227 -3.20 21.27 31.94
C LYS A 227 -3.27 19.76 31.82
N ALA A 228 -4.45 19.21 31.55
CA ALA A 228 -4.59 17.77 31.42
C ALA A 228 -3.82 17.23 30.22
N VAL A 229 -3.84 17.97 29.11
CA VAL A 229 -3.15 17.57 27.89
C VAL A 229 -1.84 18.35 27.80
N THR A 230 -0.74 17.62 27.72
CA THR A 230 0.59 18.20 27.65
C THR A 230 1.28 17.76 26.37
N GLY A 231 2.41 18.40 26.07
CA GLY A 231 3.19 18.07 24.91
C GLY A 231 2.72 18.69 23.61
N VAL A 232 1.70 19.56 23.66
CA VAL A 232 1.19 20.16 22.44
C VAL A 232 2.21 21.10 21.83
N GLU A 233 2.94 21.84 22.67
CA GLU A 233 3.92 22.80 22.16
C GLU A 233 5.13 22.12 21.54
N ARG A 234 5.34 20.83 21.79
CA ARG A 234 6.45 20.10 21.21
C ARG A 234 6.10 19.39 19.92
N ILE A 235 4.90 19.58 19.40
CA ILE A 235 4.48 18.93 18.17
C ILE A 235 5.12 19.64 16.98
N GLU A 236 5.74 18.87 16.09
CA GLU A 236 6.49 19.41 14.97
C GLU A 236 5.82 18.95 13.68
N LEU A 237 4.86 19.74 13.21
CA LEU A 237 4.23 19.50 11.91
C LEU A 237 4.93 20.35 10.87
N PRO A 238 5.57 19.75 9.87
CA PRO A 238 6.24 20.57 8.84
C PRO A 238 5.30 21.48 8.08
N GLN A 239 4.05 21.05 7.87
CA GLN A 239 3.12 21.78 7.04
C GLN A 239 2.10 22.60 7.84
N PHE A 240 2.03 22.40 9.15
CA PHE A 240 1.04 23.07 9.98
C PHE A 240 1.68 23.63 11.24
N SER A 241 1.04 24.65 11.80
CA SER A 241 1.40 25.20 13.09
C SER A 241 0.16 25.17 13.98
N ILE A 242 0.32 24.67 15.21
CA ILE A 242 -0.81 24.49 16.12
C ILE A 242 -1.04 25.82 16.83
N VAL A 243 -2.07 26.55 16.43
CA VAL A 243 -2.37 27.84 17.04
C VAL A 243 -2.89 27.66 18.45
N GLU A 244 -3.81 26.73 18.67
CA GLU A 244 -4.47 26.61 19.95
C GLU A 244 -5.00 25.19 20.12
N HIS A 245 -5.08 24.75 21.37
CA HIS A 245 -5.74 23.50 21.72
C HIS A 245 -6.71 23.75 22.86
N ARG A 246 -7.88 23.12 22.77
CA ARG A 246 -8.94 23.31 23.75
C ARG A 246 -9.43 21.96 24.26
N LEU A 247 -9.88 21.98 25.52
CA LEU A 247 -10.45 20.81 26.18
C LEU A 247 -11.90 21.09 26.52
N VAL A 248 -12.77 20.15 26.18
CA VAL A 248 -14.21 20.29 26.40
C VAL A 248 -14.72 19.02 27.08
N SER A 249 -15.63 19.21 28.03
CA SER A 249 -16.29 18.11 28.72
C SER A 249 -17.79 18.33 28.68
N ARG A 250 -18.55 17.30 28.31
CA ARG A 250 -20.00 17.45 28.22
C ARG A 250 -20.64 16.06 28.23
N ASN A 251 -21.95 16.03 27.98
CA ASN A 251 -22.72 14.80 27.91
C ASN A 251 -23.54 14.79 26.62
N VAL A 252 -23.61 13.63 25.97
CA VAL A 252 -24.29 13.49 24.69
C VAL A 252 -25.38 12.45 24.85
N VAL A 253 -26.59 12.77 24.36
CA VAL A 253 -27.75 11.92 24.52
C VAL A 253 -27.94 11.10 23.27
N PHE A 254 -27.99 9.78 23.42
CA PHE A 254 -28.36 8.85 22.36
C PHE A 254 -29.57 8.04 22.81
N ALA A 255 -30.06 7.18 21.92
CA ALA A 255 -31.27 6.41 22.21
C ALA A 255 -31.10 5.54 23.44
N THR A 256 -29.87 5.16 23.78
CA THR A 256 -29.61 4.31 24.93
C THR A 256 -29.34 5.10 26.21
N GLY A 257 -29.27 6.42 26.15
CA GLY A 257 -29.10 7.22 27.34
C GLY A 257 -28.06 8.30 27.12
N ALA A 258 -27.64 8.90 28.23
CA ALA A 258 -26.65 9.99 28.20
C ALA A 258 -25.27 9.42 28.47
N TYR A 259 -24.31 9.79 27.63
CA TYR A 259 -22.95 9.30 27.73
C TYR A 259 -21.99 10.46 27.96
N PRO A 260 -20.98 10.27 28.81
CA PRO A 260 -19.96 11.31 28.98
C PRO A 260 -19.15 11.49 27.72
N ARG A 261 -18.60 12.69 27.55
CA ARG A 261 -17.85 13.01 26.35
C ARG A 261 -16.74 14.00 26.68
N LEU A 262 -15.53 13.68 26.24
CA LEU A 262 -14.41 14.59 26.30
C LEU A 262 -13.96 14.91 24.88
N SER A 263 -13.48 16.13 24.67
CA SER A 263 -13.04 16.56 23.36
C SER A 263 -11.73 17.31 23.48
N LEU A 264 -10.76 16.93 22.67
CA LEU A 264 -9.47 17.63 22.57
C LEU A 264 -9.36 18.16 21.15
N SER A 265 -9.36 19.48 20.99
CA SER A 265 -9.41 20.09 19.67
C SER A 265 -8.16 20.92 19.42
N PHE A 266 -7.61 20.80 18.22
CA PHE A 266 -6.51 21.62 17.75
C PHE A 266 -6.96 22.49 16.59
N ARG A 267 -6.54 23.75 16.61
CA ARG A 267 -6.68 24.62 15.46
C ARG A 267 -5.32 24.70 14.76
N LEU A 268 -5.28 24.24 13.52
CA LEU A 268 -4.05 24.16 12.74
C LEU A 268 -4.08 25.22 11.64
N LYS A 269 -2.98 25.95 11.49
CA LYS A 269 -2.82 26.91 10.41
C LYS A 269 -1.77 26.38 9.44
N ARG A 270 -2.15 26.29 8.17
CA ARG A 270 -1.27 25.69 7.16
C ARG A 270 -0.15 26.65 6.79
N ASN A 271 1.07 26.12 6.72
CA ASN A 271 2.19 26.92 6.25
C ASN A 271 2.10 27.11 4.74
N ILE A 272 2.47 28.30 4.28
CA ILE A 272 2.30 28.68 2.89
C ILE A 272 3.58 28.56 2.08
N GLY A 273 4.73 28.33 2.72
CA GLY A 273 5.99 28.34 2.00
C GLY A 273 6.07 27.27 0.92
N TYR A 274 5.64 26.04 1.24
CA TYR A 274 5.70 24.96 0.27
C TYR A 274 4.88 25.27 -0.97
N PHE A 275 3.68 25.81 -0.78
CA PHE A 275 2.82 26.09 -1.92
C PHE A 275 3.29 27.31 -2.70
N ILE A 276 3.93 28.27 -2.01
CA ILE A 276 4.57 29.37 -2.72
C ILE A 276 5.66 28.84 -3.63
N LEU A 277 6.49 27.92 -3.13
CA LEU A 277 7.58 27.38 -3.93
C LEU A 277 7.12 26.39 -4.99
N GLN A 278 5.95 25.77 -4.80
CA GLN A 278 5.52 24.67 -5.66
C GLN A 278 4.48 25.05 -6.70
N THR A 279 3.57 25.96 -6.39
CA THR A 279 2.47 26.27 -7.30
C THR A 279 2.46 27.71 -7.76
N TYR A 280 2.57 28.67 -6.84
CA TYR A 280 2.41 30.07 -7.22
C TYR A 280 3.58 30.56 -8.07
N MET A 281 4.81 30.26 -7.65
CA MET A 281 5.97 30.68 -8.43
C MET A 281 5.99 30.08 -9.82
N PRO A 282 5.76 28.78 -10.03
CA PRO A 282 5.69 28.28 -11.42
C PRO A 282 4.62 28.97 -12.24
N SER A 283 3.46 29.27 -11.65
CA SER A 283 2.41 29.95 -12.40
C SER A 283 2.86 31.35 -12.82
N ILE A 284 3.48 32.09 -11.91
CA ILE A 284 3.97 33.42 -12.24
C ILE A 284 5.03 33.35 -13.34
N LEU A 285 5.92 32.36 -13.24
CA LEU A 285 6.97 32.21 -14.25
C LEU A 285 6.39 31.88 -15.60
N ILE A 286 5.36 31.02 -15.64
CA ILE A 286 4.72 30.69 -16.92
C ILE A 286 4.02 31.91 -17.50
N THR A 287 3.39 32.73 -16.64
CA THR A 287 2.76 33.94 -17.13
C THR A 287 3.79 34.92 -17.73
N ILE A 288 4.93 35.07 -17.06
CA ILE A 288 5.98 35.93 -17.62
C ILE A 288 6.50 35.35 -18.92
N LEU A 289 6.64 34.03 -18.99
CA LEU A 289 7.04 33.37 -20.23
C LEU A 289 6.07 33.67 -21.35
N SER A 290 4.77 33.70 -21.04
CA SER A 290 3.78 34.08 -22.04
C SER A 290 3.95 35.53 -22.46
N TRP A 291 4.25 36.41 -21.50
CA TRP A 291 4.51 37.81 -21.84
C TRP A 291 5.68 37.95 -22.79
N VAL A 292 6.64 37.03 -22.72
CA VAL A 292 7.85 37.13 -23.55
C VAL A 292 7.50 37.27 -25.03
N SER A 293 6.40 36.67 -25.47
CA SER A 293 6.06 36.68 -26.90
C SER A 293 5.74 38.07 -27.41
N PHE A 294 5.45 39.03 -26.54
CA PHE A 294 5.08 40.36 -27.00
C PHE A 294 6.26 41.09 -27.62
N TRP A 295 7.48 40.73 -27.25
CA TRP A 295 8.66 41.37 -27.83
C TRP A 295 9.18 40.64 -29.07
N ILE A 296 8.64 39.49 -29.40
CA ILE A 296 9.02 38.77 -30.61
C ILE A 296 8.30 39.39 -31.79
N ASN A 297 8.98 39.46 -32.93
CA ASN A 297 8.36 40.02 -34.13
CA ASN A 297 8.36 40.02 -34.13
C ASN A 297 7.15 39.21 -34.55
N TYR A 298 6.11 39.91 -35.01
CA TYR A 298 4.86 39.23 -35.35
C TYR A 298 4.99 38.35 -36.60
N ASP A 299 6.02 38.54 -37.41
CA ASP A 299 6.20 37.66 -38.57
C ASP A 299 6.72 36.29 -38.17
N ALA A 300 7.23 36.15 -36.94
CA ALA A 300 7.68 34.85 -36.43
C ALA A 300 6.50 34.11 -35.85
N SER A 301 5.63 33.63 -36.75
CA SER A 301 4.38 33.01 -36.31
C SER A 301 4.63 31.75 -35.50
N ALA A 302 5.55 30.91 -35.95
CA ALA A 302 5.81 29.65 -35.26
C ALA A 302 6.27 29.89 -33.83
N ALA A 303 7.18 30.84 -33.63
CA ALA A 303 7.72 31.08 -32.30
C ALA A 303 6.66 31.55 -31.32
N ARG A 304 5.86 32.55 -31.73
CA ARG A 304 4.87 33.11 -30.82
C ARG A 304 3.72 32.14 -30.57
N VAL A 305 3.30 31.41 -31.61
CA VAL A 305 2.26 30.42 -31.41
C VAL A 305 2.77 29.30 -30.51
N ALA A 306 4.03 28.91 -30.65
CA ALA A 306 4.59 27.91 -29.76
C ALA A 306 4.63 28.41 -28.32
N LEU A 307 5.01 29.68 -28.13
CA LEU A 307 5.00 30.24 -26.78
C LEU A 307 3.61 30.17 -26.17
N GLY A 308 2.60 30.61 -26.92
CA GLY A 308 1.24 30.58 -26.42
C GLY A 308 0.78 29.17 -26.09
N ILE A 309 1.03 28.23 -27.00
CA ILE A 309 0.61 26.84 -26.80
C ILE A 309 1.26 26.27 -25.56
N THR A 310 2.58 26.43 -25.44
CA THR A 310 3.30 25.83 -24.32
C THR A 310 2.84 26.43 -23.00
N THR A 311 2.65 27.74 -22.94
CA THR A 311 2.19 28.35 -21.70
C THR A 311 0.79 27.85 -21.33
N VAL A 312 -0.11 27.80 -22.30
CA VAL A 312 -1.49 27.36 -22.02
C VAL A 312 -1.49 25.91 -21.53
N LEU A 313 -0.76 25.04 -22.23
CA LEU A 313 -0.76 23.64 -21.85
C LEU A 313 -0.08 23.42 -20.51
N THR A 314 0.99 24.17 -20.23
CA THR A 314 1.64 24.05 -18.93
C THR A 314 0.70 24.48 -17.81
N MET A 315 -0.04 25.57 -18.01
CA MET A 315 -0.98 26.00 -17.00
C MET A 315 -2.06 24.95 -16.76
N THR A 316 -2.60 24.37 -17.86
CA THR A 316 -3.62 23.34 -17.70
C THR A 316 -3.09 22.13 -16.97
N THR A 317 -1.87 21.69 -17.30
CA THR A 317 -1.30 20.53 -16.63
C THR A 317 -1.05 20.81 -15.16
N ILE A 318 -0.57 22.01 -14.83
CA ILE A 318 -0.37 22.38 -13.44
C ILE A 318 -1.68 22.30 -12.67
N ASN A 319 -2.74 22.88 -13.24
CA ASN A 319 -4.03 22.89 -12.56
C ASN A 319 -4.56 21.47 -12.37
N THR A 320 -4.49 20.65 -13.42
CA THR A 320 -5.03 19.30 -13.33
C THR A 320 -4.25 18.46 -12.33
N HIS A 321 -2.91 18.56 -12.34
CA HIS A 321 -2.11 17.81 -11.39
C HIS A 321 -2.41 18.23 -9.96
N LEU A 322 -2.51 19.55 -9.73
CA LEU A 322 -2.81 20.02 -8.38
C LEU A 322 -4.17 19.53 -7.90
N ARG A 323 -5.18 19.55 -8.78
CA ARG A 323 -6.49 19.05 -8.40
C ARG A 323 -6.43 17.54 -8.14
N GLU A 324 -5.61 16.82 -8.90
CA GLU A 324 -5.49 15.38 -8.68
C GLU A 324 -4.83 15.05 -7.35
N THR A 325 -3.91 15.91 -6.89
CA THR A 325 -3.25 15.66 -5.61
C THR A 325 -4.25 15.66 -4.46
N LEU A 326 -5.20 16.60 -4.49
CA LEU A 326 -6.19 16.73 -3.43
C LEU A 326 -7.36 15.77 -3.64
N PRO A 327 -8.14 15.51 -2.60
CA PRO A 327 -9.32 14.66 -2.77
C PRO A 327 -10.37 15.32 -3.63
N LYS A 328 -11.21 14.49 -4.26
CA LYS A 328 -12.25 14.96 -5.16
C LYS A 328 -13.29 15.74 -4.38
N ILE A 329 -13.34 17.05 -4.60
CA ILE A 329 -14.30 17.93 -3.93
C ILE A 329 -15.06 18.72 -4.99
N PRO A 330 -16.34 19.04 -4.77
CA PRO A 330 -17.13 19.72 -5.80
C PRO A 330 -16.97 21.23 -5.85
N TYR A 331 -16.30 21.86 -4.89
CA TYR A 331 -16.19 23.31 -4.84
C TYR A 331 -14.83 23.77 -5.33
N VAL A 332 -14.69 25.08 -5.46
CA VAL A 332 -13.49 25.71 -6.00
C VAL A 332 -12.63 26.23 -4.86
N LYS A 333 -11.35 25.88 -4.88
CA LYS A 333 -10.41 26.33 -3.86
C LYS A 333 -9.75 27.63 -4.29
N ALA A 334 -9.04 28.25 -3.34
CA ALA A 334 -8.37 29.52 -3.63
C ALA A 334 -7.30 29.35 -4.69
N ILE A 335 -6.47 28.31 -4.55
CA ILE A 335 -5.43 28.08 -5.54
C ILE A 335 -6.04 27.75 -6.89
N ASP A 336 -7.23 27.15 -6.91
CA ASP A 336 -7.94 26.96 -8.17
C ASP A 336 -8.27 28.30 -8.82
N MET A 337 -8.73 29.27 -8.02
CA MET A 337 -9.00 30.60 -8.56
C MET A 337 -7.74 31.23 -9.13
N TYR A 338 -6.62 31.11 -8.41
CA TYR A 338 -5.37 31.68 -8.90
C TYR A 338 -4.94 31.04 -10.21
N LEU A 339 -5.03 29.71 -10.29
CA LEU A 339 -4.63 29.01 -11.52
C LEU A 339 -5.55 29.36 -12.68
N MET A 340 -6.85 29.49 -12.42
CA MET A 340 -7.76 29.87 -13.49
C MET A 340 -7.48 31.29 -13.97
N GLY A 341 -7.15 32.21 -13.06
CA GLY A 341 -6.76 33.54 -13.48
C GLY A 341 -5.50 33.54 -14.34
N CYS A 342 -4.50 32.76 -13.93
CA CYS A 342 -3.27 32.67 -14.73
C CYS A 342 -3.55 32.06 -16.09
N PHE A 343 -4.42 31.05 -16.15
CA PHE A 343 -4.80 30.49 -17.44
C PHE A 343 -5.48 31.52 -18.31
N VAL A 344 -6.37 32.33 -17.72
CA VAL A 344 -7.02 33.38 -18.49
C VAL A 344 -5.99 34.34 -19.06
N PHE A 345 -4.97 34.67 -18.26
CA PHE A 345 -3.95 35.60 -18.74
C PHE A 345 -3.16 35.02 -19.90
N VAL A 346 -2.72 33.77 -19.80
CA VAL A 346 -1.92 33.19 -20.88
C VAL A 346 -2.78 33.00 -22.13
N PHE A 347 -4.05 32.62 -21.95
CA PHE A 347 -4.94 32.48 -23.10
C PHE A 347 -5.19 33.82 -23.76
N LEU A 348 -5.31 34.88 -22.98
CA LEU A 348 -5.50 36.21 -23.55
C LEU A 348 -4.25 36.66 -24.30
N ALA A 349 -3.07 36.31 -23.82
CA ALA A 349 -1.85 36.62 -24.57
C ALA A 349 -1.85 35.90 -25.92
N LEU A 350 -2.21 34.62 -25.93
CA LEU A 350 -2.26 33.90 -27.19
C LEU A 350 -3.31 34.49 -28.14
N LEU A 351 -4.47 34.86 -27.61
CA LEU A 351 -5.50 35.49 -28.42
C LEU A 351 -5.04 36.85 -28.94
N GLU A 352 -4.27 37.59 -28.14
CA GLU A 352 -3.72 38.85 -28.60
C GLU A 352 -2.80 38.64 -29.80
N TYR A 353 -1.95 37.61 -29.73
CA TYR A 353 -1.13 37.34 -30.91
C TYR A 353 -1.99 36.91 -32.09
N ALA A 354 -3.06 36.14 -31.84
CA ALA A 354 -3.93 35.73 -32.93
C ALA A 354 -4.54 36.94 -33.62
N PHE A 355 -4.99 37.92 -32.84
CA PHE A 355 -5.53 39.15 -33.39
C PHE A 355 -4.47 39.92 -34.17
N VAL A 356 -3.25 39.99 -33.62
CA VAL A 356 -2.16 40.69 -34.32
C VAL A 356 -1.88 40.03 -35.66
N ASN A 357 -1.82 38.70 -35.67
CA ASN A 357 -1.56 37.98 -36.91
C ASN A 357 -2.71 38.15 -37.90
N TYR A 358 -3.93 38.24 -37.39
CA TYR A 358 -5.09 38.43 -38.26
C TYR A 358 -5.06 39.79 -38.94
N ILE A 359 -4.66 40.84 -38.21
CA ILE A 359 -4.81 42.20 -38.73
C ILE A 359 -3.49 42.82 -39.20
N PHE A 360 -2.38 42.10 -39.08
CA PHE A 360 -1.10 42.76 -39.32
C PHE A 360 -0.76 42.92 -40.79
N PHE A 361 -1.52 42.32 -41.69
CA PHE A 361 -1.25 42.51 -43.12
C PHE A 361 -1.81 43.84 -43.60
N SER A 362 -3.09 44.10 -43.36
CA SER A 362 -3.70 45.34 -43.81
C SER A 362 -3.32 46.53 -42.94
N GLN A 363 -3.13 46.32 -41.65
CA GLN A 363 -2.88 47.40 -40.69
C GLN A 363 -1.66 47.06 -39.84
N PRO A 364 -0.46 47.11 -40.42
CA PRO A 364 0.74 46.81 -39.62
C PRO A 364 0.96 47.77 -38.47
N ALA A 365 0.62 49.05 -38.65
CA ALA A 365 0.81 50.02 -37.57
C ALA A 365 -0.08 49.70 -36.38
N ARG A 366 -1.34 49.30 -36.64
CA ARG A 366 -2.23 48.95 -35.55
C ARG A 366 -1.72 47.71 -34.82
N ALA A 367 -1.18 46.73 -35.55
CA ALA A 367 -0.64 45.54 -34.92
C ALA A 367 0.56 45.88 -34.03
N ALA A 368 1.45 46.75 -34.53
CA ALA A 368 2.59 47.16 -33.71
C ALA A 368 2.12 47.91 -32.46
N ALA A 369 1.12 48.77 -32.61
CA ALA A 369 0.59 49.48 -31.46
C ALA A 369 -0.04 48.52 -30.45
N ILE A 370 -0.73 47.48 -30.94
CA ILE A 370 -1.34 46.51 -30.05
C ILE A 370 -0.27 45.75 -29.27
N ASP A 371 0.81 45.34 -29.96
CA ASP A 371 1.90 44.68 -29.26
C ASP A 371 2.51 45.59 -28.20
N ARG A 372 2.77 46.85 -28.57
CA ARG A 372 3.39 47.77 -27.63
C ARG A 372 2.50 48.03 -26.43
N TRP A 373 1.20 48.15 -26.64
CA TRP A 373 0.29 48.36 -25.51
C TRP A 373 0.15 47.10 -24.66
N SER A 374 0.20 45.92 -25.29
CA SER A 374 0.13 44.69 -24.52
C SER A 374 1.33 44.55 -23.59
N ARG A 375 2.51 44.95 -24.08
CA ARG A 375 3.72 44.84 -23.26
C ARG A 375 3.58 45.52 -21.92
N ILE A 376 2.76 46.57 -21.84
CA ILE A 376 2.52 47.29 -20.60
C ILE A 376 1.26 46.80 -19.89
N VAL A 377 0.21 46.51 -20.66
CA VAL A 377 -1.08 46.18 -20.05
C VAL A 377 -1.01 44.84 -19.32
N PHE A 378 -0.45 43.82 -19.97
CA PHE A 378 -0.47 42.49 -19.36
C PHE A 378 0.27 42.44 -18.03
N PRO A 379 1.51 42.93 -17.90
CA PRO A 379 2.15 42.90 -16.57
C PRO A 379 1.40 43.72 -15.53
N PHE A 380 0.88 44.89 -15.91
CA PHE A 380 0.16 45.71 -14.95
C PHE A 380 -1.12 45.04 -14.48
N THR A 381 -1.89 44.48 -15.41
CA THR A 381 -3.13 43.79 -15.05
C THR A 381 -2.84 42.57 -14.19
N PHE A 382 -1.78 41.82 -14.51
CA PHE A 382 -1.44 40.66 -13.70
C PHE A 382 -0.99 41.07 -12.30
N SER A 383 -0.26 42.17 -12.19
CA SER A 383 0.11 42.68 -10.87
C SER A 383 -1.12 43.07 -10.07
N LEU A 384 -2.09 43.73 -10.72
CA LEU A 384 -3.33 44.08 -10.03
CA LEU A 384 -3.33 44.07 -10.02
C LEU A 384 -4.07 42.83 -9.59
N PHE A 385 -4.13 41.81 -10.45
CA PHE A 385 -4.81 40.57 -10.11
C PHE A 385 -4.15 39.90 -8.90
N ASN A 386 -2.82 39.84 -8.89
CA ASN A 386 -2.14 39.27 -7.73
C ASN A 386 -2.40 40.08 -6.48
N LEU A 387 -2.39 41.42 -6.59
CA LEU A 387 -2.64 42.26 -5.43
C LEU A 387 -4.01 41.98 -4.84
N VAL A 388 -5.05 41.99 -5.68
CA VAL A 388 -6.40 41.80 -5.16
C VAL A 388 -6.58 40.37 -4.64
N TYR A 389 -5.98 39.39 -5.30
CA TYR A 389 -6.09 38.01 -4.84
C TYR A 389 -5.45 37.84 -3.47
N TRP A 390 -4.24 38.39 -3.28
CA TRP A 390 -3.56 38.21 -2.00
C TRP A 390 -4.21 39.03 -0.91
N LEU A 391 -4.76 40.21 -1.23
CA LEU A 391 -5.49 40.96 -0.22
C LEU A 391 -6.75 40.23 0.21
N TYR A 392 -7.45 39.59 -0.73
CA TYR A 392 -8.68 38.89 -0.39
C TYR A 392 -8.42 37.70 0.52
N TYR A 393 -7.36 36.93 0.26
CA TYR A 393 -7.11 35.68 0.97
C TYR A 393 -6.11 35.83 2.12
N VAL A 394 -5.67 37.04 2.43
CA VAL A 394 -4.82 37.25 3.58
C VAL A 394 -5.41 38.34 4.48
N ASN B 58 -30.22 -8.47 48.33
CA ASN B 58 -31.37 -7.60 48.58
C ASN B 58 -31.12 -6.20 48.06
N ASP B 59 -30.09 -5.54 48.58
CA ASP B 59 -29.77 -4.18 48.16
C ASP B 59 -29.19 -4.19 46.75
N PRO B 60 -29.76 -3.44 45.82
CA PRO B 60 -29.17 -3.36 44.48
C PRO B 60 -27.74 -2.83 44.49
N GLY B 61 -27.41 -1.95 45.43
CA GLY B 61 -26.07 -1.42 45.56
C GLY B 61 -25.08 -2.34 46.24
N ASN B 62 -25.53 -3.51 46.69
CA ASN B 62 -24.66 -4.51 47.31
C ASN B 62 -23.98 -5.31 46.21
N MET B 63 -22.69 -5.06 46.00
CA MET B 63 -21.98 -5.69 44.88
C MET B 63 -21.89 -7.20 45.05
N SER B 64 -21.83 -7.69 46.30
CA SER B 64 -21.79 -9.13 46.52
C SER B 64 -23.08 -9.79 46.04
N PHE B 65 -24.22 -9.16 46.31
CA PHE B 65 -25.49 -9.71 45.86
C PHE B 65 -25.56 -9.76 44.33
N VAL B 66 -25.11 -8.69 43.67
CA VAL B 66 -25.12 -8.67 42.21
C VAL B 66 -24.18 -9.72 41.65
N LYS B 67 -23.00 -9.88 42.26
CA LYS B 67 -22.07 -10.90 41.80
C LYS B 67 -22.65 -12.30 41.95
N GLU B 68 -23.33 -12.55 43.08
CA GLU B 68 -23.97 -13.85 43.26
C GLU B 68 -25.06 -14.07 42.24
N THR B 69 -25.84 -13.03 41.95
CA THR B 69 -26.90 -13.15 40.93
C THR B 69 -26.32 -13.47 39.57
N VAL B 70 -25.24 -12.79 39.18
CA VAL B 70 -24.65 -13.04 37.86
C VAL B 70 -24.03 -14.43 37.81
N ASP B 71 -23.39 -14.86 38.90
CA ASP B 71 -22.83 -16.21 38.95
C ASP B 71 -23.92 -17.26 38.81
N LYS B 72 -25.07 -17.03 39.47
CA LYS B 72 -26.19 -17.95 39.30
C LYS B 72 -26.69 -17.94 37.87
N LEU B 73 -26.71 -16.77 37.23
CA LEU B 73 -27.12 -16.69 35.84
C LEU B 73 -26.20 -17.51 34.94
N LEU B 74 -24.89 -17.41 35.16
CA LEU B 74 -23.93 -18.09 34.31
C LEU B 74 -23.60 -19.51 34.76
N LYS B 75 -24.11 -19.94 35.91
CA LYS B 75 -23.87 -21.30 36.37
C LYS B 75 -24.71 -22.27 35.55
N GLY B 76 -24.06 -23.25 34.94
CA GLY B 76 -24.75 -24.19 34.08
C GLY B 76 -25.14 -23.63 32.73
N TYR B 77 -24.70 -22.43 32.40
CA TYR B 77 -25.03 -21.82 31.12
C TYR B 77 -24.20 -22.44 30.01
N ASP B 78 -24.86 -22.82 28.93
CA ASP B 78 -24.22 -23.46 27.79
C ASP B 78 -24.21 -22.48 26.63
N ILE B 79 -23.01 -22.03 26.25
CA ILE B 79 -22.88 -21.11 25.12
C ILE B 79 -23.07 -21.81 23.78
N ARG B 80 -23.06 -23.14 23.75
CA ARG B 80 -23.21 -23.87 22.50
C ARG B 80 -24.65 -23.96 22.02
N LEU B 81 -25.62 -23.60 22.86
CA LEU B 81 -27.03 -23.71 22.53
C LEU B 81 -27.66 -22.33 22.45
N ARG B 82 -28.45 -22.11 21.40
CA ARG B 82 -29.18 -20.86 21.26
C ARG B 82 -30.32 -20.81 22.29
N PRO B 83 -30.81 -19.62 22.60
CA PRO B 83 -31.98 -19.51 23.48
C PRO B 83 -33.18 -20.22 22.86
N ASP B 84 -33.97 -20.86 23.71
CA ASP B 84 -35.11 -21.67 23.27
C ASP B 84 -34.68 -22.71 22.25
N PHE B 85 -33.56 -23.38 22.54
CA PHE B 85 -33.07 -24.42 21.63
C PHE B 85 -34.08 -25.55 21.53
N GLY B 86 -34.34 -25.99 20.30
CA GLY B 86 -35.31 -27.03 20.06
C GLY B 86 -36.75 -26.56 20.03
N GLY B 87 -37.00 -25.27 20.23
CA GLY B 87 -38.34 -24.77 20.24
C GLY B 87 -38.54 -23.68 19.20
N PRO B 88 -39.30 -22.64 19.56
CA PRO B 88 -39.54 -21.55 18.61
C PRO B 88 -38.25 -20.82 18.30
N PRO B 89 -38.14 -20.25 17.11
CA PRO B 89 -36.93 -19.47 16.77
C PRO B 89 -36.81 -18.23 17.64
N VAL B 90 -35.57 -17.82 17.87
CA VAL B 90 -35.29 -16.61 18.64
C VAL B 90 -35.32 -15.42 17.69
N CYS B 91 -36.10 -14.40 18.04
CA CYS B 91 -36.22 -13.20 17.24
C CYS B 91 -35.13 -12.21 17.65
N VAL B 92 -34.32 -11.79 16.67
CA VAL B 92 -33.21 -10.89 16.91
C VAL B 92 -33.48 -9.60 16.15
N GLY B 93 -33.69 -8.51 16.87
CA GLY B 93 -33.88 -7.22 16.26
C GLY B 93 -32.57 -6.45 16.16
N MET B 94 -32.44 -5.67 15.10
CA MET B 94 -31.17 -5.03 14.81
C MET B 94 -31.36 -3.54 14.54
N ASN B 95 -30.43 -2.74 15.04
N ASN B 95 -30.43 -2.73 15.02
CA ASN B 95 -30.35 -1.32 14.79
CA ASN B 95 -30.43 -1.32 14.68
C ASN B 95 -28.96 -0.97 14.29
C ASN B 95 -29.00 -0.85 14.40
N ILE B 96 -28.87 0.01 13.40
CA ILE B 96 -27.59 0.50 12.92
C ILE B 96 -27.57 2.01 13.08
N ASP B 97 -26.54 2.52 13.73
CA ASP B 97 -26.29 3.95 13.82
C ASP B 97 -25.02 4.22 13.01
N ILE B 98 -25.19 4.80 11.83
CA ILE B 98 -24.08 4.96 10.89
C ILE B 98 -23.23 6.16 11.32
N ALA B 99 -21.99 5.90 11.70
CA ALA B 99 -21.09 6.98 12.09
C ALA B 99 -20.62 7.77 10.88
N SER B 100 -20.27 7.07 9.81
CA SER B 100 -19.77 7.73 8.60
C SER B 100 -19.63 6.69 7.50
N ILE B 101 -19.71 7.15 6.26
CA ILE B 101 -19.29 6.40 5.09
C ILE B 101 -17.93 6.94 4.69
N ASP B 102 -16.88 6.16 4.96
CA ASP B 102 -15.52 6.67 4.84
C ASP B 102 -15.18 7.02 3.39
N MET B 103 -15.42 6.10 2.48
CA MET B 103 -15.07 6.33 1.08
C MET B 103 -15.88 5.41 0.20
N VAL B 104 -16.03 5.82 -1.07
CA VAL B 104 -16.69 5.03 -2.10
C VAL B 104 -15.70 4.91 -3.25
N SER B 105 -15.29 3.68 -3.55
CA SER B 105 -14.26 3.40 -4.55
C SER B 105 -14.88 2.71 -5.74
N GLU B 106 -14.79 3.35 -6.92
CA GLU B 106 -15.18 2.72 -8.17
C GLU B 106 -14.13 1.73 -8.64
N VAL B 107 -12.86 2.02 -8.39
CA VAL B 107 -11.79 1.12 -8.83
C VAL B 107 -11.91 -0.22 -8.12
N ASN B 108 -12.13 -0.19 -6.81
CA ASN B 108 -12.32 -1.41 -6.04
C ASN B 108 -13.77 -1.84 -5.97
N MET B 109 -14.70 -1.03 -6.49
CA MET B 109 -16.12 -1.34 -6.50
C MET B 109 -16.64 -1.65 -5.09
N ASP B 110 -16.31 -0.79 -4.14
CA ASP B 110 -16.74 -1.02 -2.76
C ASP B 110 -16.92 0.31 -2.06
N TYR B 111 -17.24 0.23 -0.77
CA TYR B 111 -17.40 1.42 0.05
C TYR B 111 -17.15 1.05 1.51
N THR B 112 -16.53 1.95 2.25
CA THR B 112 -16.23 1.74 3.66
C THR B 112 -17.28 2.41 4.52
N LEU B 113 -17.71 1.71 5.56
CA LEU B 113 -18.83 2.13 6.39
C LEU B 113 -18.51 1.81 7.84
N THR B 114 -18.56 2.82 8.70
CA THR B 114 -18.39 2.65 10.14
C THR B 114 -19.74 2.80 10.82
N MET B 115 -20.07 1.89 11.72
CA MET B 115 -21.40 1.88 12.29
C MET B 115 -21.38 1.31 13.70
N TYR B 116 -22.41 1.68 14.46
CA TYR B 116 -22.76 1.04 15.71
C TYR B 116 -23.88 0.05 15.39
N PHE B 117 -23.56 -1.24 15.45
CA PHE B 117 -24.48 -2.31 15.12
C PHE B 117 -24.96 -2.96 16.42
N GLN B 118 -26.25 -2.87 16.69
CA GLN B 118 -26.82 -3.33 17.95
C GLN B 118 -27.83 -4.43 17.69
N GLN B 119 -27.70 -5.53 18.42
CA GLN B 119 -28.61 -6.66 18.36
C GLN B 119 -29.38 -6.80 19.67
N TYR B 120 -30.62 -7.20 19.54
CA TYR B 120 -31.58 -7.25 20.64
CA TYR B 120 -31.57 -7.25 20.65
C TYR B 120 -32.27 -8.60 20.61
N TRP B 121 -32.06 -9.41 21.64
CA TRP B 121 -32.75 -10.70 21.68
C TRP B 121 -33.10 -11.02 23.12
N ARG B 122 -33.72 -12.18 23.33
CA ARG B 122 -34.16 -12.58 24.65
C ARG B 122 -33.66 -13.98 24.96
N ASP B 123 -33.03 -14.14 26.12
CA ASP B 123 -32.57 -15.44 26.60
C ASP B 123 -33.08 -15.61 28.02
N LYS B 124 -34.07 -16.48 28.20
CA LYS B 124 -34.65 -16.68 29.51
C LYS B 124 -33.65 -17.26 30.51
N ARG B 125 -32.55 -17.84 30.02
CA ARG B 125 -31.49 -18.31 30.90
C ARG B 125 -30.80 -17.16 31.62
N LEU B 126 -30.96 -15.93 31.13
CA LEU B 126 -30.32 -14.76 31.71
C LEU B 126 -31.30 -13.85 32.44
N ALA B 127 -32.48 -14.36 32.76
CA ALA B 127 -33.46 -13.57 33.50
C ALA B 127 -33.15 -13.59 34.99
N TYR B 128 -33.25 -12.42 35.62
CA TYR B 128 -32.93 -12.26 37.04
C TYR B 128 -34.02 -11.45 37.72
N SER B 129 -34.19 -11.67 39.01
CA SER B 129 -35.19 -11.00 39.80
C SER B 129 -34.57 -10.43 41.07
N GLY B 130 -35.24 -9.44 41.65
CA GLY B 130 -34.77 -8.78 42.84
C GLY B 130 -33.88 -7.57 42.60
N ILE B 131 -33.50 -7.31 41.36
CA ILE B 131 -32.72 -6.14 41.01
C ILE B 131 -33.50 -5.33 39.99
N PRO B 132 -34.16 -4.24 40.43
CA PRO B 132 -34.95 -3.40 39.53
C PRO B 132 -34.11 -2.45 38.68
N LEU B 133 -33.06 -3.00 38.06
CA LEU B 133 -32.15 -2.20 37.25
C LEU B 133 -31.69 -3.03 36.06
N ASN B 134 -31.19 -2.33 35.04
CA ASN B 134 -30.55 -2.98 33.90
C ASN B 134 -29.06 -3.09 34.17
N LEU B 135 -28.50 -4.26 33.92
CA LEU B 135 -27.11 -4.55 34.24
C LEU B 135 -26.25 -4.29 33.00
N THR B 136 -25.48 -3.22 33.03
CA THR B 136 -24.50 -2.95 31.97
C THR B 136 -23.20 -3.61 32.37
N LEU B 137 -22.89 -4.74 31.74
CA LEU B 137 -21.76 -5.55 32.16
C LEU B 137 -20.53 -5.23 31.33
N ASP B 138 -19.38 -5.66 31.83
CA ASP B 138 -18.13 -5.50 31.08
C ASP B 138 -18.20 -6.31 29.80
N ASN B 139 -17.59 -5.78 28.74
CA ASN B 139 -17.74 -6.39 27.42
C ASN B 139 -17.18 -7.80 27.38
N ARG B 140 -16.22 -8.11 28.27
CA ARG B 140 -15.60 -9.42 28.25
C ARG B 140 -16.61 -10.53 28.55
N VAL B 141 -17.69 -10.21 29.27
CA VAL B 141 -18.71 -11.21 29.55
C VAL B 141 -19.37 -11.70 28.27
N ALA B 142 -19.22 -10.95 27.17
CA ALA B 142 -19.76 -11.38 25.89
C ALA B 142 -19.09 -12.66 25.40
N ASP B 143 -17.93 -13.01 25.94
CA ASP B 143 -17.30 -14.27 25.60
C ASP B 143 -17.91 -15.46 26.32
N GLN B 144 -18.73 -15.22 27.35
CA GLN B 144 -19.35 -16.27 28.11
C GLN B 144 -20.84 -16.40 27.83
N LEU B 145 -21.33 -15.73 26.79
CA LEU B 145 -22.75 -15.74 26.44
C LEU B 145 -22.91 -16.18 25.00
N TRP B 146 -24.10 -16.69 24.69
CA TRP B 146 -24.45 -16.98 23.32
C TRP B 146 -24.77 -15.68 22.58
N VAL B 147 -24.17 -15.51 21.40
CA VAL B 147 -24.46 -14.35 20.57
C VAL B 147 -24.82 -14.84 19.17
N PRO B 148 -25.66 -14.11 18.44
CA PRO B 148 -26.02 -14.56 17.10
C PRO B 148 -24.82 -14.59 16.17
N ASP B 149 -24.81 -15.56 15.25
CA ASP B 149 -23.74 -15.67 14.28
C ASP B 149 -24.01 -14.76 13.08
N THR B 150 -24.25 -13.49 13.37
CA THR B 150 -24.60 -12.52 12.33
C THR B 150 -23.34 -12.11 11.56
N TYR B 151 -23.44 -12.11 10.23
CA TYR B 151 -22.35 -11.69 9.38
C TYR B 151 -22.91 -10.82 8.25
N PHE B 152 -22.00 -10.21 7.50
CA PHE B 152 -22.35 -9.33 6.40
C PHE B 152 -22.03 -10.02 5.09
N LEU B 153 -23.05 -10.16 4.24
CA LEU B 153 -22.94 -11.01 3.06
C LEU B 153 -21.94 -10.47 2.05
N ASN B 154 -21.97 -9.16 1.81
CA ASN B 154 -21.18 -8.55 0.75
C ASN B 154 -19.94 -7.83 1.23
N ASP B 155 -19.54 -8.04 2.48
CA ASP B 155 -18.34 -7.37 2.96
C ASP B 155 -17.09 -8.06 2.44
N LYS B 156 -15.98 -7.37 2.53
CA LYS B 156 -14.68 -7.86 2.07
C LYS B 156 -13.64 -7.83 3.18
N LYS B 157 -13.65 -6.81 4.02
CA LYS B 157 -12.73 -6.72 5.15
C LYS B 157 -13.40 -5.87 6.22
N SER B 158 -13.84 -6.50 7.30
CA SER B 158 -14.49 -5.80 8.39
C SER B 158 -13.80 -6.15 9.69
N PHE B 159 -13.86 -5.23 10.65
CA PHE B 159 -13.24 -5.45 11.95
C PHE B 159 -13.98 -4.66 13.00
N VAL B 160 -13.80 -5.07 14.25
CA VAL B 160 -14.34 -4.37 15.41
C VAL B 160 -13.20 -3.59 16.06
N HIS B 161 -13.45 -2.32 16.35
CA HIS B 161 -12.43 -1.48 16.95
C HIS B 161 -12.08 -1.98 18.34
N GLY B 162 -10.79 -1.93 18.69
CA GLY B 162 -10.34 -2.50 19.94
C GLY B 162 -9.48 -1.61 20.80
N VAL B 163 -9.75 -0.31 20.80
CA VAL B 163 -9.06 0.66 21.63
C VAL B 163 -10.10 1.56 22.27
N THR B 164 -10.00 1.77 23.59
CA THR B 164 -8.97 1.20 24.46
C THR B 164 -9.26 -0.27 24.78
N VAL B 165 -10.54 -0.62 24.78
CA VAL B 165 -10.96 -2.00 24.88
C VAL B 165 -11.72 -2.34 23.61
N LYS B 166 -12.14 -3.59 23.48
CA LYS B 166 -12.96 -3.96 22.33
C LYS B 166 -14.25 -3.16 22.36
N ASN B 167 -14.59 -2.52 21.24
CA ASN B 167 -15.74 -1.63 21.18
C ASN B 167 -17.00 -2.49 21.19
N ARG B 168 -17.36 -2.94 22.38
CA ARG B 168 -18.42 -3.92 22.57
C ARG B 168 -19.19 -3.57 23.84
N MET B 169 -20.50 -3.79 23.79
CA MET B 169 -21.39 -3.46 24.90
C MET B 169 -22.34 -4.61 25.15
N ILE B 170 -22.48 -5.01 26.41
CA ILE B 170 -23.44 -6.03 26.81
C ILE B 170 -24.32 -5.43 27.92
N ARG B 171 -25.63 -5.46 27.71
CA ARG B 171 -26.58 -5.00 28.70
C ARG B 171 -27.66 -6.04 28.88
N LEU B 172 -27.95 -6.40 30.12
CA LEU B 172 -28.95 -7.39 30.47
C LEU B 172 -30.14 -6.71 31.13
N HIS B 173 -31.33 -7.21 30.82
CA HIS B 173 -32.57 -6.69 31.34
C HIS B 173 -33.23 -7.72 32.25
N PRO B 174 -34.07 -7.29 33.20
CA PRO B 174 -34.61 -8.24 34.18
C PRO B 174 -35.38 -9.40 33.58
N ASP B 175 -36.06 -9.20 32.46
CA ASP B 175 -36.83 -10.27 31.84
C ASP B 175 -35.97 -11.23 31.04
N GLY B 176 -34.66 -11.01 30.98
CA GLY B 176 -33.77 -11.84 30.21
C GLY B 176 -33.38 -11.27 28.86
N THR B 177 -33.79 -10.05 28.55
CA THR B 177 -33.44 -9.44 27.28
C THR B 177 -31.98 -8.99 27.28
N VAL B 178 -31.30 -9.28 26.18
CA VAL B 178 -29.89 -8.96 26.00
C VAL B 178 -29.77 -7.96 24.86
N LEU B 179 -29.07 -6.87 25.12
CA LEU B 179 -28.65 -5.91 24.11
C LEU B 179 -27.14 -6.02 23.94
N TYR B 180 -26.71 -6.21 22.69
CA TYR B 180 -25.32 -6.50 22.36
C TYR B 180 -24.89 -5.57 21.24
N GLY B 181 -24.02 -4.63 21.55
CA GLY B 181 -23.61 -3.60 20.61
C GLY B 181 -22.15 -3.74 20.22
N LEU B 182 -21.86 -3.43 18.95
CA LEU B 182 -20.50 -3.47 18.43
C LEU B 182 -20.27 -2.23 17.58
N ARG B 183 -19.01 -1.84 17.44
CA ARG B 183 -18.62 -0.77 16.53
C ARG B 183 -17.78 -1.40 15.43
N ILE B 184 -18.29 -1.36 14.21
CA ILE B 184 -17.76 -2.14 13.09
C ILE B 184 -17.40 -1.20 11.96
N THR B 185 -16.20 -1.36 11.42
CA THR B 185 -15.78 -0.69 10.19
C THR B 185 -15.67 -1.76 9.11
N THR B 186 -16.62 -1.76 8.18
CA THR B 186 -16.73 -2.79 7.16
C THR B 186 -16.54 -2.18 5.78
N THR B 187 -15.81 -2.89 4.92
CA THR B 187 -15.65 -2.51 3.52
C THR B 187 -16.56 -3.40 2.70
N ALA B 188 -17.74 -2.90 2.37
CA ALA B 188 -18.74 -3.70 1.66
C ALA B 188 -18.60 -3.51 0.16
N ALA B 189 -18.69 -4.61 -0.57
CA ALA B 189 -18.62 -4.55 -2.02
C ALA B 189 -19.90 -3.94 -2.59
N CYS B 190 -19.74 -3.14 -3.65
CA CYS B 190 -20.89 -2.52 -4.31
C CYS B 190 -20.58 -2.43 -5.80
N MET B 191 -21.14 -3.35 -6.58
CA MET B 191 -20.99 -3.28 -8.03
C MET B 191 -21.71 -2.04 -8.56
N MET B 192 -21.05 -1.35 -9.49
CA MET B 192 -21.53 -0.07 -10.00
CA MET B 192 -21.54 -0.07 -10.00
C MET B 192 -21.64 -0.13 -11.52
N ASP B 193 -22.68 0.51 -12.04
CA ASP B 193 -22.91 0.63 -13.48
C ASP B 193 -22.48 2.03 -13.90
N LEU B 194 -21.37 2.13 -14.62
CA LEU B 194 -20.76 3.41 -14.94
C LEU B 194 -21.04 3.85 -16.37
N ARG B 195 -22.13 3.39 -16.96
CA ARG B 195 -22.45 3.80 -18.34
C ARG B 195 -22.82 5.26 -18.42
N ARG B 196 -23.40 5.83 -17.36
CA ARG B 196 -23.74 7.24 -17.31
C ARG B 196 -22.73 8.05 -16.49
N TYR B 197 -21.59 7.47 -16.19
CA TYR B 197 -20.56 8.15 -15.41
C TYR B 197 -20.09 9.40 -16.15
N PRO B 198 -19.86 10.52 -15.45
CA PRO B 198 -20.00 10.73 -14.00
C PRO B 198 -21.40 11.23 -13.60
N LEU B 199 -22.39 11.15 -14.48
CA LEU B 199 -23.74 11.57 -14.17
C LEU B 199 -24.62 10.40 -13.75
N ASP B 200 -24.03 9.40 -13.09
CA ASP B 200 -24.72 8.17 -12.75
C ASP B 200 -25.32 8.25 -11.35
N GLU B 201 -26.18 7.28 -11.05
CA GLU B 201 -26.81 7.14 -9.75
C GLU B 201 -26.70 5.69 -9.32
N GLN B 202 -25.97 5.45 -8.25
CA GLN B 202 -25.64 4.09 -7.82
C GLN B 202 -26.50 3.66 -6.65
N ASN B 203 -26.51 2.35 -6.41
CA ASN B 203 -27.31 1.74 -5.34
C ASN B 203 -26.42 0.75 -4.62
N CYS B 204 -26.03 1.08 -3.39
CA CYS B 204 -25.12 0.26 -2.60
C CYS B 204 -25.84 -0.30 -1.39
N THR B 205 -25.70 -1.61 -1.16
CA THR B 205 -26.45 -2.30 -0.13
C THR B 205 -25.50 -2.95 0.87
N LEU B 206 -25.96 -3.01 2.11
CA LEU B 206 -25.34 -3.81 3.16
C LEU B 206 -26.29 -4.94 3.50
N GLU B 207 -25.80 -6.18 3.39
CA GLU B 207 -26.61 -7.37 3.61
C GLU B 207 -26.20 -8.02 4.92
N ILE B 208 -27.19 -8.30 5.76
CA ILE B 208 -26.99 -8.84 7.09
C ILE B 208 -27.70 -10.19 7.17
N GLU B 209 -26.97 -11.24 7.54
CA GLU B 209 -27.54 -12.57 7.48
C GLU B 209 -26.97 -13.43 8.60
N SER B 210 -27.77 -14.39 9.05
CA SER B 210 -27.29 -15.42 9.96
C SER B 210 -26.47 -16.43 9.20
N TYR B 211 -25.36 -16.88 9.79
CA TYR B 211 -24.46 -17.78 9.08
C TYR B 211 -24.90 -19.23 9.20
N GLY B 212 -25.04 -19.72 10.42
CA GLY B 212 -25.34 -21.13 10.62
C GLY B 212 -26.82 -21.42 10.78
N TYR B 213 -27.48 -20.69 11.67
CA TYR B 213 -28.87 -20.97 11.99
C TYR B 213 -29.78 -20.59 10.83
N THR B 214 -30.78 -21.42 10.59
CA THR B 214 -31.78 -21.17 9.55
C THR B 214 -32.97 -20.43 10.16
N THR B 215 -34.02 -20.19 9.37
CA THR B 215 -35.20 -19.52 9.88
C THR B 215 -35.93 -20.36 10.92
N ASP B 216 -35.66 -21.66 10.98
CA ASP B 216 -36.22 -22.50 12.04
C ASP B 216 -35.58 -22.24 13.39
N ASP B 217 -34.48 -21.50 13.43
CA ASP B 217 -33.77 -21.22 14.68
C ASP B 217 -33.67 -19.75 15.00
N ILE B 218 -33.47 -18.89 14.01
CA ILE B 218 -33.28 -17.46 14.25
CA ILE B 218 -33.27 -17.46 14.24
C ILE B 218 -34.08 -16.68 13.21
N GLU B 219 -34.68 -15.58 13.66
CA GLU B 219 -35.40 -14.67 12.79
C GLU B 219 -34.90 -13.25 13.01
N PHE B 220 -34.75 -12.51 11.91
CA PHE B 220 -34.26 -11.15 11.95
C PHE B 220 -35.41 -10.17 11.73
N TYR B 221 -35.29 -8.98 12.33
CA TYR B 221 -36.21 -7.89 12.05
C TYR B 221 -35.53 -6.58 12.39
N TRP B 222 -36.00 -5.51 11.76
CA TRP B 222 -35.49 -4.17 12.04
C TRP B 222 -36.21 -3.64 13.27
N ARG B 223 -35.48 -3.48 14.36
CA ARG B 223 -36.06 -3.00 15.61
C ARG B 223 -36.33 -1.52 15.48
N GLY B 224 -37.59 -1.17 15.23
CA GLY B 224 -37.99 0.20 15.02
C GLY B 224 -38.52 0.51 13.64
N GLY B 225 -38.58 -0.47 12.74
CA GLY B 225 -39.09 -0.21 11.40
C GLY B 225 -38.18 0.70 10.62
N ASP B 226 -38.79 1.68 9.94
CA ASP B 226 -38.02 2.60 9.09
C ASP B 226 -37.03 3.42 9.90
N LYS B 227 -37.29 3.62 11.20
CA LYS B 227 -36.39 4.34 12.06
C LYS B 227 -35.34 3.45 12.70
N ALA B 228 -35.15 2.23 12.16
CA ALA B 228 -34.18 1.31 12.71
C ALA B 228 -32.74 1.66 12.36
N VAL B 229 -32.53 2.51 11.37
CA VAL B 229 -31.20 2.96 10.97
C VAL B 229 -31.15 4.48 11.11
N THR B 230 -30.15 4.98 11.82
CA THR B 230 -29.98 6.40 12.06
C THR B 230 -28.61 6.84 11.58
N GLY B 231 -28.41 8.16 11.53
CA GLY B 231 -27.15 8.74 11.15
C GLY B 231 -26.94 8.92 9.67
N VAL B 232 -27.91 8.54 8.82
CA VAL B 232 -27.74 8.68 7.39
C VAL B 232 -27.68 10.15 6.99
N GLU B 233 -28.47 11.00 7.66
CA GLU B 233 -28.50 12.42 7.33
C GLU B 233 -27.21 13.13 7.72
N ARG B 234 -26.40 12.54 8.58
CA ARG B 234 -25.14 13.13 8.98
C ARG B 234 -23.96 12.66 8.14
N ILE B 235 -24.20 11.84 7.12
CA ILE B 235 -23.13 11.33 6.27
C ILE B 235 -22.68 12.41 5.32
N GLU B 236 -21.38 12.70 5.31
CA GLU B 236 -20.80 13.77 4.50
C GLU B 236 -19.87 13.15 3.47
N LEU B 237 -20.43 12.78 2.32
CA LEU B 237 -19.64 12.29 1.20
C LEU B 237 -19.29 13.45 0.29
N PRO B 238 -18.01 13.79 0.10
CA PRO B 238 -17.66 14.91 -0.77
C PRO B 238 -18.12 14.72 -2.21
N GLN B 239 -18.12 13.49 -2.72
CA GLN B 239 -18.42 13.23 -4.12
C GLN B 239 -19.83 12.73 -4.35
N PHE B 240 -20.54 12.31 -3.31
CA PHE B 240 -21.88 11.74 -3.46
C PHE B 240 -22.85 12.43 -2.52
N SER B 241 -24.13 12.34 -2.87
CA SER B 241 -25.22 12.77 -2.01
C SER B 241 -26.20 11.62 -1.88
N ILE B 242 -26.60 11.31 -0.64
CA ILE B 242 -27.48 10.18 -0.39
C ILE B 242 -28.92 10.62 -0.62
N VAL B 243 -29.50 10.16 -1.72
CA VAL B 243 -30.88 10.54 -2.04
C VAL B 243 -31.86 9.86 -1.10
N GLU B 244 -31.68 8.56 -0.86
CA GLU B 244 -32.66 7.79 -0.11
C GLU B 244 -31.99 6.54 0.45
N HIS B 245 -32.55 6.03 1.54
CA HIS B 245 -32.14 4.75 2.09
C HIS B 245 -33.38 3.92 2.41
N ARG B 246 -33.24 2.61 2.27
CA ARG B 246 -34.35 1.68 2.45
C ARG B 246 -33.90 0.51 3.32
N LEU B 247 -34.88 -0.06 4.04
CA LEU B 247 -34.68 -1.23 4.87
C LEU B 247 -35.58 -2.35 4.35
N VAL B 248 -34.98 -3.52 4.12
CA VAL B 248 -35.69 -4.67 3.58
C VAL B 248 -35.45 -5.87 4.49
N SER B 249 -36.50 -6.63 4.77
CA SER B 249 -36.39 -7.87 5.54
C SER B 249 -37.02 -8.99 4.75
N ARG B 250 -36.32 -10.12 4.63
CA ARG B 250 -36.83 -11.24 3.84
C ARG B 250 -36.11 -12.51 4.26
N ASN B 251 -36.34 -13.59 3.50
CA ASN B 251 -35.69 -14.87 3.72
C ASN B 251 -35.10 -15.35 2.40
N VAL B 252 -33.90 -15.92 2.47
CA VAL B 252 -33.18 -16.39 1.29
C VAL B 252 -32.95 -17.88 1.44
N VAL B 253 -33.28 -18.64 0.39
CA VAL B 253 -33.23 -20.10 0.43
C VAL B 253 -31.93 -20.56 -0.22
N PHE B 254 -31.15 -21.32 0.53
CA PHE B 254 -29.96 -22.02 0.03
C PHE B 254 -30.16 -23.51 0.23
N ALA B 255 -29.17 -24.29 -0.21
CA ALA B 255 -29.26 -25.74 -0.14
C ALA B 255 -29.45 -26.26 1.28
N THR B 256 -29.01 -25.50 2.29
CA THR B 256 -29.13 -25.91 3.67
C THR B 256 -30.40 -25.40 4.35
N GLY B 257 -31.24 -24.63 3.64
CA GLY B 257 -32.49 -24.17 4.18
C GLY B 257 -32.68 -22.69 3.96
N ALA B 258 -33.65 -22.12 4.66
CA ALA B 258 -33.97 -20.70 4.53
C ALA B 258 -33.31 -19.92 5.65
N TYR B 259 -32.66 -18.82 5.30
CA TYR B 259 -31.94 -17.98 6.24
C TYR B 259 -32.54 -16.58 6.27
N PRO B 260 -32.60 -15.95 7.44
CA PRO B 260 -33.11 -14.58 7.51
C PRO B 260 -32.15 -13.61 6.84
N ARG B 261 -32.69 -12.51 6.34
CA ARG B 261 -31.88 -11.54 5.60
C ARG B 261 -32.42 -10.14 5.85
N LEU B 262 -31.51 -9.22 6.14
CA LEU B 262 -31.81 -7.80 6.22
C LEU B 262 -30.93 -7.06 5.23
N SER B 263 -31.47 -5.98 4.67
CA SER B 263 -30.75 -5.20 3.67
C SER B 263 -30.94 -3.74 3.95
N LEU B 264 -29.83 -3.01 4.07
CA LEU B 264 -29.83 -1.56 4.22
C LEU B 264 -29.24 -0.98 2.94
N SER B 265 -30.07 -0.32 2.15
CA SER B 265 -29.66 0.13 0.82
C SER B 265 -29.66 1.66 0.75
N PHE B 266 -28.63 2.21 0.12
CA PHE B 266 -28.51 3.64 -0.14
C PHE B 266 -28.51 3.88 -1.64
N ARG B 267 -29.17 4.96 -2.06
CA ARG B 267 -29.10 5.44 -3.43
C ARG B 267 -28.22 6.68 -3.45
N LEU B 268 -27.02 6.55 -4.01
CA LEU B 268 -26.03 7.62 -4.05
C LEU B 268 -26.11 8.34 -5.39
N LYS B 269 -26.19 9.66 -5.34
CA LYS B 269 -26.14 10.51 -6.53
C LYS B 269 -24.80 11.23 -6.54
N ARG B 270 -24.09 11.16 -7.67
CA ARG B 270 -22.75 11.71 -7.76
C ARG B 270 -22.80 13.20 -8.05
N ASN B 271 -22.04 13.98 -7.28
CA ASN B 271 -21.90 15.39 -7.56
C ASN B 271 -21.06 15.61 -8.80
N ILE B 272 -21.41 16.64 -9.57
CA ILE B 272 -20.83 16.85 -10.89
C ILE B 272 -19.80 17.98 -10.91
N GLY B 273 -19.69 18.76 -9.84
CA GLY B 273 -18.79 19.90 -9.87
C GLY B 273 -17.34 19.53 -10.10
N TYR B 274 -16.90 18.45 -9.46
CA TYR B 274 -15.50 18.02 -9.59
C TYR B 274 -15.18 17.68 -11.03
N PHE B 275 -16.06 16.96 -11.71
CA PHE B 275 -15.79 16.56 -13.08
C PHE B 275 -15.96 17.71 -14.06
N ILE B 276 -16.83 18.69 -13.73
CA ILE B 276 -16.88 19.90 -14.53
C ILE B 276 -15.56 20.64 -14.45
N LEU B 277 -15.01 20.78 -13.24
CA LEU B 277 -13.75 21.49 -13.08
C LEU B 277 -12.55 20.69 -13.57
N GLN B 278 -12.66 19.38 -13.66
CA GLN B 278 -11.50 18.52 -13.91
C GLN B 278 -11.43 17.99 -15.34
N THR B 279 -12.55 17.65 -15.96
CA THR B 279 -12.51 17.02 -17.27
C THR B 279 -13.20 17.83 -18.35
N TYR B 280 -14.42 18.30 -18.12
CA TYR B 280 -15.18 18.95 -19.19
C TYR B 280 -14.56 20.29 -19.58
N MET B 281 -14.24 21.13 -18.58
CA MET B 281 -13.65 22.43 -18.90
C MET B 281 -12.32 22.31 -19.63
N PRO B 282 -11.38 21.45 -19.22
CA PRO B 282 -10.16 21.31 -20.03
C PRO B 282 -10.45 20.91 -21.47
N SER B 283 -11.42 20.02 -21.69
CA SER B 283 -11.75 19.62 -23.06
C SER B 283 -12.30 20.79 -23.86
N ILE B 284 -13.18 21.58 -23.26
CA ILE B 284 -13.74 22.74 -23.94
C ILE B 284 -12.64 23.75 -24.26
N LEU B 285 -11.72 23.96 -23.32
CA LEU B 285 -10.63 24.89 -23.55
C LEU B 285 -9.71 24.40 -24.66
N ILE B 286 -9.45 23.09 -24.71
CA ILE B 286 -8.64 22.54 -25.78
C ILE B 286 -9.32 22.72 -27.13
N THR B 287 -10.65 22.53 -27.17
CA THR B 287 -11.38 22.73 -28.42
C THR B 287 -11.33 24.18 -28.88
N ILE B 288 -11.46 25.12 -27.95
CA ILE B 288 -11.35 26.53 -28.30
C ILE B 288 -9.94 26.86 -28.79
N LEU B 289 -8.94 26.29 -28.13
CA LEU B 289 -7.57 26.45 -28.58
C LEU B 289 -7.39 25.94 -30.00
N SER B 290 -8.04 24.81 -30.32
CA SER B 290 -8.00 24.31 -31.69
C SER B 290 -8.66 25.28 -32.66
N TRP B 291 -9.80 25.86 -32.27
CA TRP B 291 -10.44 26.85 -33.13
C TRP B 291 -9.56 28.06 -33.39
N VAL B 292 -8.67 28.39 -32.45
CA VAL B 292 -7.81 29.57 -32.61
C VAL B 292 -7.07 29.53 -33.94
N SER B 293 -6.70 28.35 -34.43
CA SER B 293 -5.91 28.25 -35.65
C SER B 293 -6.65 28.75 -36.89
N PHE B 294 -7.98 28.89 -36.81
CA PHE B 294 -8.72 29.37 -37.97
C PHE B 294 -8.46 30.83 -38.27
N TRP B 295 -7.88 31.57 -37.34
CA TRP B 295 -7.56 32.97 -37.56
C TRP B 295 -6.11 33.22 -37.95
N ILE B 296 -5.23 32.24 -37.70
CA ILE B 296 -3.85 32.37 -38.16
C ILE B 296 -3.82 32.27 -39.69
N ASN B 297 -2.91 33.01 -40.30
CA ASN B 297 -2.79 32.99 -41.75
CA ASN B 297 -2.78 32.99 -41.75
C ASN B 297 -2.40 31.61 -42.24
N TYR B 298 -2.97 31.21 -43.39
CA TYR B 298 -2.75 29.86 -43.90
C TYR B 298 -1.31 29.62 -44.33
N ASP B 299 -0.52 30.67 -44.56
CA ASP B 299 0.89 30.46 -44.90
C ASP B 299 1.74 30.14 -43.69
N ALA B 300 1.22 30.36 -42.47
CA ALA B 300 1.93 29.99 -41.24
C ALA B 300 1.68 28.50 -40.97
N SER B 301 2.34 27.67 -41.77
CA SER B 301 2.11 26.24 -41.72
C SER B 301 2.53 25.65 -40.37
N ALA B 302 3.71 26.03 -39.90
CA ALA B 302 4.23 25.47 -38.66
C ALA B 302 3.31 25.78 -37.49
N ALA B 303 2.83 27.02 -37.40
CA ALA B 303 2.00 27.43 -36.27
C ALA B 303 0.70 26.64 -36.24
N ARG B 304 -0.01 26.56 -37.37
CA ARG B 304 -1.30 25.90 -37.38
C ARG B 304 -1.15 24.39 -37.22
N VAL B 305 -0.12 23.80 -37.81
CA VAL B 305 0.12 22.38 -37.62
C VAL B 305 0.46 22.08 -36.18
N ALA B 306 1.24 22.96 -35.54
CA ALA B 306 1.55 22.78 -34.12
C ALA B 306 0.29 22.87 -33.27
N LEU B 307 -0.60 23.83 -33.60
CA LEU B 307 -1.86 23.93 -32.87
C LEU B 307 -2.66 22.64 -32.98
N GLY B 308 -2.81 22.13 -34.21
CA GLY B 308 -3.57 20.90 -34.39
C GLY B 308 -2.94 19.73 -33.66
N ILE B 309 -1.63 19.58 -33.78
CA ILE B 309 -0.93 18.47 -33.14
C ILE B 309 -1.12 18.52 -31.63
N THR B 310 -0.86 19.69 -31.03
CA THR B 310 -0.96 19.80 -29.59
C THR B 310 -2.37 19.55 -29.10
N THR B 311 -3.38 20.09 -29.80
CA THR B 311 -4.75 19.86 -29.36
C THR B 311 -5.13 18.38 -29.45
N VAL B 312 -4.76 17.72 -30.56
CA VAL B 312 -5.13 16.31 -30.71
C VAL B 312 -4.44 15.45 -29.66
N LEU B 313 -3.15 15.69 -29.46
CA LEU B 313 -2.40 14.89 -28.49
C LEU B 313 -2.90 15.14 -27.07
N THR B 314 -3.20 16.39 -26.73
CA THR B 314 -3.72 16.70 -25.41
C THR B 314 -5.07 16.01 -25.18
N MET B 315 -5.93 16.03 -26.19
CA MET B 315 -7.22 15.35 -26.05
C MET B 315 -7.03 13.85 -25.84
N THR B 316 -6.13 13.24 -26.60
CA THR B 316 -5.89 11.80 -26.43
C THR B 316 -5.33 11.50 -25.05
N THR B 317 -4.39 12.31 -24.56
CA THR B 317 -3.81 12.07 -23.25
C THR B 317 -4.85 12.24 -22.15
N ILE B 318 -5.72 13.24 -22.27
CA ILE B 318 -6.80 13.43 -21.30
C ILE B 318 -7.69 12.19 -21.28
N ASN B 319 -8.07 11.71 -22.46
CA ASN B 319 -8.95 10.54 -22.53
C ASN B 319 -8.29 9.32 -21.89
N THR B 320 -7.03 9.06 -22.25
CA THR B 320 -6.34 7.88 -21.72
C THR B 320 -6.16 7.97 -20.21
N HIS B 321 -5.78 9.14 -19.70
CA HIS B 321 -5.61 9.28 -18.26
C HIS B 321 -6.92 9.08 -17.53
N LEU B 322 -8.02 9.65 -18.04
CA LEU B 322 -9.30 9.46 -17.41
C LEU B 322 -9.72 7.99 -17.40
N ARG B 323 -9.48 7.29 -18.52
CA ARG B 323 -9.80 5.87 -18.54
C ARG B 323 -8.96 5.09 -17.54
N GLU B 324 -7.69 5.48 -17.39
CA GLU B 324 -6.82 4.79 -16.45
C GLU B 324 -7.15 5.11 -15.00
N THR B 325 -7.91 6.18 -14.75
CA THR B 325 -8.34 6.49 -13.39
C THR B 325 -9.51 5.64 -12.91
N LEU B 326 -10.08 4.81 -13.79
CA LEU B 326 -11.27 4.02 -13.49
C LEU B 326 -11.00 2.54 -13.74
N PRO B 327 -11.85 1.65 -13.20
CA PRO B 327 -11.64 0.22 -13.43
C PRO B 327 -11.80 -0.14 -14.89
N LYS B 328 -11.20 -1.26 -15.27
CA LYS B 328 -11.15 -1.66 -16.67
C LYS B 328 -12.48 -2.23 -17.16
N ILE B 329 -13.52 -1.42 -17.13
CA ILE B 329 -14.83 -1.81 -17.67
C ILE B 329 -14.73 -1.88 -19.18
N PRO B 330 -15.47 -2.78 -19.84
CA PRO B 330 -15.36 -2.93 -21.29
C PRO B 330 -16.26 -2.04 -22.12
N TYR B 331 -17.13 -1.23 -21.51
CA TYR B 331 -18.09 -0.44 -22.26
C TYR B 331 -17.67 1.03 -22.30
N VAL B 332 -18.53 1.85 -22.88
CA VAL B 332 -18.27 3.26 -23.11
C VAL B 332 -19.09 4.09 -22.12
N LYS B 333 -18.42 4.98 -21.40
CA LYS B 333 -19.08 5.86 -20.46
C LYS B 333 -19.46 7.17 -21.14
N ALA B 334 -20.29 7.96 -20.44
CA ALA B 334 -20.75 9.23 -21.00
C ALA B 334 -19.59 10.19 -21.22
N ILE B 335 -18.69 10.31 -20.25
CA ILE B 335 -17.55 11.19 -20.40
C ILE B 335 -16.65 10.69 -21.52
N ASP B 336 -16.60 9.39 -21.75
CA ASP B 336 -15.88 8.87 -22.90
C ASP B 336 -16.49 9.37 -24.20
N MET B 337 -17.83 9.40 -24.27
CA MET B 337 -18.49 9.93 -25.46
C MET B 337 -18.15 11.41 -25.66
N TYR B 338 -18.15 12.19 -24.57
CA TYR B 338 -17.81 13.60 -24.68
C TYR B 338 -16.38 13.79 -25.15
N LEU B 339 -15.45 13.02 -24.60
CA LEU B 339 -14.05 13.14 -25.01
C LEU B 339 -13.85 12.72 -26.45
N MET B 340 -14.56 11.68 -26.89
CA MET B 340 -14.46 11.27 -28.29
C MET B 340 -15.03 12.34 -29.23
N GLY B 341 -16.12 12.99 -28.82
CA GLY B 341 -16.64 14.09 -29.61
C GLY B 341 -15.66 15.24 -29.72
N CYS B 342 -15.04 15.61 -28.59
CA CYS B 342 -14.05 16.68 -28.62
C CYS B 342 -12.86 16.31 -29.49
N PHE B 343 -12.43 15.04 -29.43
CA PHE B 343 -11.35 14.59 -30.29
C PHE B 343 -11.73 14.69 -31.76
N VAL B 344 -12.97 14.31 -32.10
CA VAL B 344 -13.41 14.43 -33.48
C VAL B 344 -13.38 15.88 -33.92
N PHE B 345 -13.78 16.79 -33.05
CA PHE B 345 -13.76 18.21 -33.41
C PHE B 345 -12.33 18.71 -33.67
N VAL B 346 -11.40 18.38 -32.78
CA VAL B 346 -10.04 18.87 -32.97
C VAL B 346 -9.38 18.23 -34.20
N PHE B 347 -9.66 16.95 -34.43
CA PHE B 347 -9.14 16.28 -35.61
C PHE B 347 -9.73 16.89 -36.88
N LEU B 348 -11.00 17.27 -36.86
CA LEU B 348 -11.60 17.93 -38.00
C LEU B 348 -10.97 19.29 -38.24
N ALA B 349 -10.62 20.01 -37.17
CA ALA B 349 -9.92 21.28 -37.35
C ALA B 349 -8.57 21.09 -38.02
N LEU B 350 -7.81 20.09 -37.57
CA LEU B 350 -6.52 19.81 -38.18
C LEU B 350 -6.67 19.40 -39.64
N LEU B 351 -7.65 18.54 -39.94
CA LEU B 351 -7.88 18.15 -41.32
C LEU B 351 -8.34 19.32 -42.18
N GLU B 352 -9.11 20.24 -41.60
CA GLU B 352 -9.50 21.44 -42.32
C GLU B 352 -8.28 22.26 -42.70
N TYR B 353 -7.33 22.43 -41.78
CA TYR B 353 -6.11 23.14 -42.15
C TYR B 353 -5.34 22.36 -43.22
N ALA B 354 -5.33 21.04 -43.13
CA ALA B 354 -4.64 20.26 -44.15
C ALA B 354 -5.25 20.51 -45.53
N PHE B 355 -6.57 20.54 -45.60
CA PHE B 355 -7.25 20.84 -46.86
C PHE B 355 -6.91 22.24 -47.35
N VAL B 356 -6.91 23.23 -46.44
CA VAL B 356 -6.60 24.60 -46.83
C VAL B 356 -5.18 24.70 -47.36
N ASN B 357 -4.23 24.04 -46.70
CA ASN B 357 -2.86 24.05 -47.17
C ASN B 357 -2.71 23.32 -48.50
N TYR B 358 -3.52 22.27 -48.71
CA TYR B 358 -3.47 21.55 -49.98
C TYR B 358 -3.96 22.40 -51.13
N ILE B 359 -5.02 23.18 -50.92
CA ILE B 359 -5.66 23.89 -52.03
C ILE B 359 -5.31 25.38 -52.08
N PHE B 360 -4.48 25.87 -51.15
CA PHE B 360 -4.31 27.31 -51.04
C PHE B 360 -3.38 27.89 -52.10
N PHE B 361 -2.62 27.05 -52.80
CA PHE B 361 -1.74 27.58 -53.85
C PHE B 361 -2.53 27.87 -55.12
N SER B 362 -3.31 26.91 -55.59
CA SER B 362 -4.07 27.11 -56.82
C SER B 362 -5.27 28.02 -56.61
N GLN B 363 -5.98 27.85 -55.49
CA GLN B 363 -7.24 28.55 -55.24
C GLN B 363 -7.18 29.24 -53.90
N PRO B 364 -6.43 30.35 -53.79
CA PRO B 364 -6.35 31.06 -52.50
C PRO B 364 -7.69 31.59 -52.02
N ALA B 365 -8.55 32.04 -52.94
CA ALA B 365 -9.84 32.58 -52.55
C ALA B 365 -10.71 31.51 -51.90
N ARG B 366 -10.71 30.30 -52.46
CA ARG B 366 -11.47 29.21 -51.86
C ARG B 366 -10.93 28.85 -50.49
N ALA B 367 -9.61 28.87 -50.32
CA ALA B 367 -9.03 28.58 -49.01
C ALA B 367 -9.42 29.64 -47.98
N ALA B 368 -9.41 30.91 -48.38
CA ALA B 368 -9.84 31.97 -47.47
C ALA B 368 -11.30 31.79 -47.11
N ALA B 369 -12.14 31.45 -48.08
CA ALA B 369 -13.56 31.20 -47.81
C ALA B 369 -13.74 30.04 -46.86
N ILE B 370 -12.93 28.99 -47.02
CA ILE B 370 -13.03 27.83 -46.14
C ILE B 370 -12.65 28.20 -44.72
N ASP B 371 -11.59 28.98 -44.55
CA ASP B 371 -11.22 29.43 -43.21
C ASP B 371 -12.34 30.28 -42.60
N ARG B 372 -12.88 31.21 -43.38
CA ARG B 372 -13.92 32.09 -42.86
C ARG B 372 -15.16 31.31 -42.47
N TRP B 373 -15.53 30.30 -43.24
CA TRP B 373 -16.70 29.49 -42.90
C TRP B 373 -16.42 28.57 -41.73
N SER B 374 -15.19 28.06 -41.60
CA SER B 374 -14.85 27.23 -40.45
C SER B 374 -14.96 28.02 -39.15
N ARG B 375 -14.53 29.29 -39.19
CA ARG B 375 -14.60 30.14 -38.00
C ARG B 375 -16.00 30.20 -37.43
N ILE B 376 -17.02 30.06 -38.26
CA ILE B 376 -18.40 30.07 -37.78
C ILE B 376 -18.93 28.67 -37.53
N VAL B 377 -18.58 27.72 -38.42
CA VAL B 377 -19.17 26.38 -38.35
C VAL B 377 -18.70 25.65 -37.10
N PHE B 378 -17.41 25.71 -36.79
CA PHE B 378 -16.90 24.91 -35.68
C PHE B 378 -17.50 25.31 -34.34
N PRO B 379 -17.53 26.59 -33.93
CA PRO B 379 -18.18 26.92 -32.67
C PRO B 379 -19.66 26.56 -32.64
N PHE B 380 -20.37 26.77 -33.75
CA PHE B 380 -21.79 26.45 -33.81
C PHE B 380 -22.03 24.96 -33.65
N THR B 381 -21.27 24.15 -34.38
CA THR B 381 -21.43 22.70 -34.30
C THR B 381 -21.05 22.19 -32.92
N PHE B 382 -19.99 22.74 -32.31
CA PHE B 382 -19.63 22.31 -30.97
C PHE B 382 -20.68 22.71 -29.95
N SER B 383 -21.29 23.88 -30.11
CA SER B 383 -22.38 24.27 -29.23
C SER B 383 -23.56 23.31 -29.37
N LEU B 384 -23.90 22.93 -30.61
CA LEU B 384 -24.99 21.98 -30.80
CA LEU B 384 -24.99 21.98 -30.80
C LEU B 384 -24.65 20.63 -30.18
N PHE B 385 -23.40 20.17 -30.34
CA PHE B 385 -22.99 18.90 -29.76
C PHE B 385 -23.10 18.94 -28.23
N ASN B 386 -22.63 20.01 -27.62
CA ASN B 386 -22.76 20.15 -26.17
C ASN B 386 -24.21 20.19 -25.75
N LEU B 387 -25.05 20.89 -26.50
CA LEU B 387 -26.46 20.98 -26.17
C LEU B 387 -27.12 19.61 -26.18
N VAL B 388 -26.92 18.84 -27.26
CA VAL B 388 -27.57 17.53 -27.33
C VAL B 388 -26.97 16.58 -26.30
N TYR B 389 -25.68 16.70 -26.02
CA TYR B 389 -25.05 15.85 -25.01
C TYR B 389 -25.65 16.10 -23.63
N TRP B 390 -25.70 17.37 -23.22
CA TRP B 390 -26.20 17.69 -21.90
C TRP B 390 -27.71 17.51 -21.78
N LEU B 391 -28.44 17.54 -22.90
CA LEU B 391 -29.85 17.20 -22.83
C LEU B 391 -30.06 15.69 -22.72
N TYR B 392 -29.21 14.89 -23.36
CA TYR B 392 -29.39 13.45 -23.31
C TYR B 392 -29.08 12.88 -21.93
N TYR B 393 -28.02 13.38 -21.28
CA TYR B 393 -27.54 12.81 -20.04
C TYR B 393 -28.05 13.53 -18.79
N VAL B 394 -28.94 14.50 -18.95
CA VAL B 394 -29.54 15.16 -17.81
C VAL B 394 -31.07 15.10 -17.91
N ASN C 58 -35.50 -35.89 27.27
CA ASN C 58 -36.56 -36.54 26.52
C ASN C 58 -37.12 -35.62 25.44
N ASP C 59 -37.77 -34.54 25.87
CA ASP C 59 -38.36 -33.61 24.93
C ASP C 59 -37.28 -32.87 24.15
N PRO C 60 -37.47 -32.66 22.85
CA PRO C 60 -36.46 -31.90 22.09
C PRO C 60 -36.26 -30.48 22.60
N GLY C 61 -37.32 -29.85 23.13
CA GLY C 61 -37.22 -28.51 23.65
C GLY C 61 -36.61 -28.39 25.02
N ASN C 62 -36.28 -29.51 25.66
CA ASN C 62 -35.64 -29.50 26.97
C ASN C 62 -34.16 -29.21 26.77
N MET C 63 -33.76 -27.96 27.02
CA MET C 63 -32.38 -27.57 26.81
C MET C 63 -31.44 -28.30 27.76
N SER C 64 -31.92 -28.70 28.94
CA SER C 64 -31.09 -29.46 29.86
C SER C 64 -30.72 -30.82 29.27
N PHE C 65 -31.69 -31.48 28.64
CA PHE C 65 -31.40 -32.77 28.00
C PHE C 65 -30.43 -32.62 26.85
N VAL C 66 -30.58 -31.57 26.05
CA VAL C 66 -29.66 -31.32 24.95
C VAL C 66 -28.26 -31.05 25.47
N LYS C 67 -28.15 -30.26 26.54
CA LYS C 67 -26.85 -29.99 27.14
C LYS C 67 -26.21 -31.26 27.66
N GLU C 68 -27.00 -32.12 28.31
CA GLU C 68 -26.48 -33.39 28.79
C GLU C 68 -26.00 -34.26 27.64
N THR C 69 -26.75 -34.31 26.55
CA THR C 69 -26.36 -35.10 25.40
C THR C 69 -25.06 -34.59 24.79
N VAL C 70 -24.92 -33.28 24.66
CA VAL C 70 -23.70 -32.72 24.08
C VAL C 70 -22.51 -32.96 25.00
N ASP C 71 -22.71 -32.81 26.31
CA ASP C 71 -21.62 -33.07 27.26
C ASP C 71 -21.21 -34.54 27.21
N LYS C 72 -22.16 -35.45 27.07
CA LYS C 72 -21.82 -36.85 26.92
C LYS C 72 -21.05 -37.09 25.63
N LEU C 73 -21.43 -36.39 24.55
CA LEU C 73 -20.70 -36.50 23.30
C LEU C 73 -19.25 -36.06 23.46
N LEU C 74 -19.03 -34.92 24.13
CA LEU C 74 -17.69 -34.35 24.21
C LEU C 74 -16.88 -34.86 25.38
N LYS C 75 -17.45 -35.68 26.26
CA LYS C 75 -16.69 -36.24 27.36
C LYS C 75 -15.81 -37.38 26.86
N GLY C 76 -14.51 -37.28 27.11
CA GLY C 76 -13.56 -38.25 26.61
C GLY C 76 -13.21 -38.08 25.14
N TYR C 77 -13.70 -37.03 24.50
CA TYR C 77 -13.42 -36.80 23.08
C TYR C 77 -12.01 -36.26 22.93
N ASP C 78 -11.21 -36.91 22.08
CA ASP C 78 -9.84 -36.54 21.84
C ASP C 78 -9.75 -35.85 20.48
N ILE C 79 -9.49 -34.55 20.48
CA ILE C 79 -9.40 -33.81 19.22
C ILE C 79 -8.14 -34.18 18.46
N ARG C 80 -7.17 -34.82 19.10
CA ARG C 80 -5.92 -35.19 18.45
C ARG C 80 -6.07 -36.37 17.51
N LEU C 81 -7.17 -37.10 17.57
CA LEU C 81 -7.35 -38.31 16.79
C LEU C 81 -8.46 -38.09 15.76
N ARG C 82 -8.18 -38.47 14.52
CA ARG C 82 -9.18 -38.41 13.47
C ARG C 82 -10.23 -39.49 13.70
N PRO C 83 -11.43 -39.30 13.15
CA PRO C 83 -12.44 -40.37 13.23
C PRO C 83 -11.94 -41.65 12.60
N ASP C 84 -12.27 -42.78 13.23
CA ASP C 84 -11.80 -44.09 12.81
C ASP C 84 -10.28 -44.13 12.72
N PHE C 85 -9.63 -43.56 13.73
CA PHE C 85 -8.17 -43.56 13.77
C PHE C 85 -7.65 -44.99 13.79
N GLY C 86 -6.63 -45.26 12.97
CA GLY C 86 -6.08 -46.58 12.86
C GLY C 86 -6.86 -47.53 11.98
N GLY C 87 -7.94 -47.07 11.35
CA GLY C 87 -8.76 -47.91 10.51
C GLY C 87 -8.90 -47.36 9.11
N PRO C 88 -10.10 -47.50 8.53
CA PRO C 88 -10.32 -46.99 7.18
C PRO C 88 -10.21 -45.48 7.16
N PRO C 89 -9.81 -44.90 6.03
CA PRO C 89 -9.73 -43.44 5.94
C PRO C 89 -11.10 -42.79 6.06
N VAL C 90 -11.12 -41.60 6.62
CA VAL C 90 -12.34 -40.82 6.76
C VAL C 90 -12.58 -40.06 5.48
N CYS C 91 -13.77 -40.22 4.91
CA CYS C 91 -14.14 -39.56 3.66
C CYS C 91 -14.68 -38.17 3.96
N VAL C 92 -14.10 -37.15 3.33
CA VAL C 92 -14.52 -35.78 3.50
C VAL C 92 -15.02 -35.28 2.15
N GLY C 93 -16.31 -34.98 2.07
CA GLY C 93 -16.91 -34.44 0.86
C GLY C 93 -17.04 -32.93 0.97
N MET C 94 -16.63 -32.25 -0.09
CA MET C 94 -16.48 -30.80 -0.06
C MET C 94 -17.37 -30.12 -1.08
N ASN C 95 -17.94 -28.99 -0.69
N ASN C 95 -17.95 -28.99 -0.71
CA ASN C 95 -18.74 -28.13 -1.55
CA ASN C 95 -18.66 -28.16 -1.66
C ASN C 95 -18.22 -26.70 -1.46
C ASN C 95 -18.28 -26.71 -1.46
N ILE C 96 -18.38 -25.94 -2.54
CA ILE C 96 -17.99 -24.54 -2.57
C ILE C 96 -19.13 -23.73 -3.15
N ASP C 97 -19.49 -22.66 -2.47
CA ASP C 97 -20.45 -21.68 -2.97
C ASP C 97 -19.68 -20.39 -3.19
N ILE C 98 -19.39 -20.09 -4.45
CA ILE C 98 -18.52 -18.96 -4.79
C ILE C 98 -19.33 -17.68 -4.69
N ALA C 99 -19.00 -16.83 -3.72
CA ALA C 99 -19.71 -15.57 -3.58
C ALA C 99 -19.32 -14.60 -4.68
N SER C 100 -18.03 -14.49 -4.97
CA SER C 100 -17.55 -13.57 -5.99
C SER C 100 -16.08 -13.86 -6.27
N ILE C 101 -15.60 -13.34 -7.39
CA ILE C 101 -14.18 -13.29 -7.70
C ILE C 101 -13.79 -11.82 -7.72
N ASP C 102 -13.00 -11.39 -6.73
CA ASP C 102 -12.79 -9.96 -6.51
C ASP C 102 -12.02 -9.33 -7.65
N MET C 103 -10.88 -9.92 -8.02
CA MET C 103 -10.04 -9.31 -9.04
C MET C 103 -9.09 -10.35 -9.60
N VAL C 104 -8.65 -10.12 -10.83
CA VAL C 104 -7.66 -10.93 -11.50
C VAL C 104 -6.50 -10.02 -11.88
N SER C 105 -5.32 -10.29 -11.31
CA SER C 105 -4.17 -9.41 -11.46
C SER C 105 -3.09 -10.10 -12.28
N GLU C 106 -2.72 -9.49 -13.41
CA GLU C 106 -1.58 -9.98 -14.17
C GLU C 106 -0.26 -9.61 -13.53
N VAL C 107 -0.18 -8.44 -12.89
CA VAL C 107 1.06 -7.97 -12.29
C VAL C 107 1.51 -8.91 -11.19
N ASN C 108 0.57 -9.32 -10.33
CA ASN C 108 0.88 -10.24 -9.24
C ASN C 108 0.63 -11.69 -9.59
N MET C 109 0.03 -11.97 -10.76
CA MET C 109 -0.26 -13.33 -11.21
C MET C 109 -1.09 -14.10 -10.18
N ASP C 110 -2.21 -13.50 -9.78
CA ASP C 110 -3.08 -14.13 -8.81
C ASP C 110 -4.48 -13.56 -8.92
N TYR C 111 -5.44 -14.26 -8.32
CA TYR C 111 -6.82 -13.82 -8.30
C TYR C 111 -7.39 -13.99 -6.90
N THR C 112 -8.28 -13.08 -6.51
CA THR C 112 -8.90 -13.12 -5.19
C THR C 112 -10.30 -13.71 -5.30
N LEU C 113 -10.62 -14.63 -4.39
CA LEU C 113 -11.83 -15.42 -4.46
C LEU C 113 -12.46 -15.51 -3.08
N THR C 114 -13.75 -15.21 -2.99
CA THR C 114 -14.51 -15.33 -1.75
C THR C 114 -15.52 -16.45 -1.90
N MET C 115 -15.58 -17.34 -0.90
CA MET C 115 -16.40 -18.52 -1.04
C MET C 115 -16.88 -19.02 0.31
N TYR C 116 -17.95 -19.82 0.26
CA TYR C 116 -18.40 -20.64 1.38
C TYR C 116 -17.87 -22.04 1.13
N PHE C 117 -16.94 -22.48 1.95
CA PHE C 117 -16.27 -23.76 1.81
C PHE C 117 -16.83 -24.70 2.88
N GLN C 118 -17.54 -25.75 2.45
CA GLN C 118 -18.23 -26.63 3.36
C GLN C 118 -17.65 -28.03 3.26
N GLN C 119 -17.33 -28.61 4.41
CA GLN C 119 -16.81 -29.97 4.52
C GLN C 119 -17.83 -30.86 5.22
N TYR C 120 -17.85 -32.12 4.81
CA TYR C 120 -18.84 -33.09 5.24
CA TYR C 120 -18.84 -33.09 5.25
C TYR C 120 -18.12 -34.38 5.58
N TRP C 121 -18.22 -34.81 6.83
CA TRP C 121 -17.60 -36.09 7.18
C TRP C 121 -18.43 -36.76 8.27
N ARG C 122 -17.98 -37.92 8.71
CA ARG C 122 -18.70 -38.68 9.72
C ARG C 122 -17.77 -39.04 10.87
N ASP C 123 -18.17 -38.69 12.08
CA ASP C 123 -17.44 -39.04 13.29
C ASP C 123 -18.40 -39.79 14.19
N LYS C 124 -18.17 -41.10 14.34
CA LYS C 124 -19.06 -41.91 15.17
C LYS C 124 -19.01 -41.52 16.63
N ARG C 125 -17.96 -40.82 17.06
CA ARG C 125 -17.90 -40.32 18.42
C ARG C 125 -18.96 -39.25 18.69
N LEU C 126 -19.47 -38.61 17.65
CA LEU C 126 -20.47 -37.56 17.79
C LEU C 126 -21.88 -38.03 17.50
N ALA C 127 -22.09 -39.35 17.36
CA ALA C 127 -23.43 -39.87 17.15
C ALA C 127 -24.24 -39.76 18.43
N TYR C 128 -25.45 -39.24 18.32
CA TYR C 128 -26.34 -39.09 19.46
C TYR C 128 -27.71 -39.63 19.11
N SER C 129 -28.43 -40.10 20.13
CA SER C 129 -29.75 -40.67 19.96
C SER C 129 -30.73 -40.01 20.92
N GLY C 130 -32.01 -40.12 20.59
CA GLY C 130 -33.06 -39.52 21.39
C GLY C 130 -33.45 -38.12 20.98
N ILE C 131 -32.70 -37.49 20.09
CA ILE C 131 -33.01 -36.15 19.59
C ILE C 131 -33.17 -36.24 18.08
N PRO C 132 -34.40 -36.27 17.58
CA PRO C 132 -34.65 -36.34 16.13
C PRO C 132 -34.50 -34.99 15.43
N LEU C 133 -33.39 -34.31 15.70
CA LEU C 133 -33.13 -33.00 15.12
C LEU C 133 -31.66 -32.88 14.77
N ASN C 134 -31.37 -32.01 13.81
CA ASN C 134 -30.00 -31.67 13.46
C ASN C 134 -29.55 -30.51 14.34
N LEU C 135 -28.48 -30.72 15.10
CA LEU C 135 -28.03 -29.73 16.09
C LEU C 135 -27.11 -28.72 15.41
N THR C 136 -27.60 -27.50 15.24
CA THR C 136 -26.77 -26.41 14.77
C THR C 136 -26.14 -25.75 15.99
N LEU C 137 -24.83 -25.95 16.16
CA LEU C 137 -24.16 -25.49 17.37
C LEU C 137 -23.41 -24.19 17.11
N ASP C 138 -23.09 -23.50 18.19
CA ASP C 138 -22.31 -22.27 18.09
C ASP C 138 -20.95 -22.59 17.49
N ASN C 139 -20.44 -21.66 16.68
CA ASN C 139 -19.21 -21.93 15.93
C ASN C 139 -18.03 -22.21 16.86
N ARG C 140 -18.08 -21.69 18.08
CA ARG C 140 -16.96 -21.88 19.01
C ARG C 140 -16.75 -23.36 19.33
N VAL C 141 -17.81 -24.18 19.25
CA VAL C 141 -17.67 -25.60 19.51
C VAL C 141 -16.73 -26.24 18.51
N ALA C 142 -16.47 -25.60 17.38
CA ALA C 142 -15.52 -26.13 16.42
C ALA C 142 -14.12 -26.23 17.00
N ASP C 143 -13.83 -25.48 18.06
CA ASP C 143 -12.52 -25.60 18.71
C ASP C 143 -12.42 -26.85 19.57
N GLN C 144 -13.55 -27.47 19.91
CA GLN C 144 -13.58 -28.65 20.76
C GLN C 144 -13.75 -29.93 19.98
N LEU C 145 -13.77 -29.86 18.66
CA LEU C 145 -13.95 -31.02 17.78
C LEU C 145 -12.70 -31.24 16.94
N TRP C 146 -12.72 -32.32 16.18
CA TRP C 146 -11.68 -32.61 15.20
C TRP C 146 -12.17 -32.14 13.83
N VAL C 147 -11.33 -31.42 13.12
CA VAL C 147 -11.67 -30.93 11.79
C VAL C 147 -10.55 -31.28 10.82
N PRO C 148 -10.84 -31.53 9.55
CA PRO C 148 -9.76 -31.85 8.60
C PRO C 148 -8.78 -30.70 8.45
N ASP C 149 -7.52 -31.04 8.21
CA ASP C 149 -6.47 -30.05 8.00
C ASP C 149 -6.40 -29.67 6.52
N THR C 150 -7.53 -29.19 6.02
CA THR C 150 -7.65 -28.78 4.63
C THR C 150 -7.00 -27.43 4.42
N TYR C 151 -6.18 -27.32 3.37
CA TYR C 151 -5.55 -26.05 3.01
C TYR C 151 -5.54 -25.94 1.50
N PHE C 152 -5.33 -24.72 1.02
CA PHE C 152 -5.32 -24.45 -0.42
C PHE C 152 -3.87 -24.38 -0.90
N LEU C 153 -3.54 -25.24 -1.86
CA LEU C 153 -2.14 -25.50 -2.19
C LEU C 153 -1.50 -24.31 -2.90
N ASN C 154 -2.28 -23.54 -3.66
CA ASN C 154 -1.73 -22.46 -4.48
C ASN C 154 -2.19 -21.09 -4.03
N ASP C 155 -2.39 -20.90 -2.72
CA ASP C 155 -2.79 -19.60 -2.20
C ASP C 155 -1.59 -18.84 -1.66
N LYS C 156 -1.78 -17.54 -1.49
CA LYS C 156 -0.74 -16.65 -0.99
C LYS C 156 -1.14 -15.94 0.28
N LYS C 157 -2.41 -15.53 0.39
CA LYS C 157 -2.93 -14.89 1.59
C LYS C 157 -4.42 -15.20 1.65
N SER C 158 -4.83 -15.90 2.71
CA SER C 158 -6.22 -16.25 2.90
C SER C 158 -6.61 -16.00 4.35
N PHE C 159 -7.89 -15.73 4.58
CA PHE C 159 -8.38 -15.53 5.92
C PHE C 159 -9.84 -15.94 5.99
N VAL C 160 -10.28 -16.25 7.20
CA VAL C 160 -11.69 -16.49 7.50
C VAL C 160 -12.25 -15.22 8.10
N HIS C 161 -13.39 -14.77 7.57
CA HIS C 161 -14.00 -13.55 8.07
C HIS C 161 -14.45 -13.73 9.50
N GLY C 162 -14.32 -12.67 10.30
CA GLY C 162 -14.60 -12.77 11.72
C GLY C 162 -15.47 -11.66 12.29
N VAL C 163 -16.42 -11.16 11.50
CA VAL C 163 -17.37 -10.15 11.94
C VAL C 163 -18.77 -10.62 11.56
N THR C 164 -19.70 -10.59 12.52
CA THR C 164 -19.47 -10.15 13.89
C THR C 164 -18.77 -11.22 14.72
N VAL C 165 -19.06 -12.48 14.39
CA VAL C 165 -18.32 -13.61 14.94
C VAL C 165 -17.53 -14.24 13.80
N LYS C 166 -16.67 -15.18 14.16
CA LYS C 166 -15.93 -15.92 13.14
C LYS C 166 -16.91 -16.63 12.22
N ASN C 167 -16.75 -16.42 10.91
CA ASN C 167 -17.70 -16.92 9.93
C ASN C 167 -17.59 -18.42 9.82
N ARG C 168 -18.25 -19.14 10.73
CA ARG C 168 -18.06 -20.57 10.87
C ARG C 168 -19.38 -21.21 11.28
N MET C 169 -19.64 -22.40 10.76
CA MET C 169 -20.88 -23.12 11.03
C MET C 169 -20.58 -24.57 11.35
N ILE C 170 -21.17 -25.08 12.42
CA ILE C 170 -21.05 -26.47 12.82
C ILE C 170 -22.44 -27.05 12.96
N ARG C 171 -22.71 -28.13 12.22
CA ARG C 171 -23.99 -28.82 12.30
C ARG C 171 -23.74 -30.30 12.51
N LEU C 172 -24.35 -30.86 13.55
CA LEU C 172 -24.24 -32.27 13.87
C LEU C 172 -25.53 -32.98 13.51
N HIS C 173 -25.40 -34.23 13.11
CA HIS C 173 -26.51 -35.07 12.69
C HIS C 173 -26.57 -36.31 13.57
N PRO C 174 -27.75 -36.93 13.70
CA PRO C 174 -27.89 -38.04 14.66
C PRO C 174 -26.94 -39.20 14.42
N ASP C 175 -26.58 -39.47 13.17
CA ASP C 175 -25.70 -40.60 12.88
C ASP C 175 -24.23 -40.27 13.10
N GLY C 176 -23.90 -39.07 13.56
CA GLY C 176 -22.53 -38.66 13.76
C GLY C 176 -21.95 -37.82 12.65
N THR C 177 -22.74 -37.49 11.64
CA THR C 177 -22.25 -36.69 10.52
C THR C 177 -22.03 -35.24 10.96
N VAL C 178 -20.90 -34.68 10.56
CA VAL C 178 -20.53 -33.30 10.86
C VAL C 178 -20.47 -32.54 9.55
N LEU C 179 -21.18 -31.40 9.51
CA LEU C 179 -21.07 -30.41 8.45
C LEU C 179 -20.39 -29.18 9.03
N TYR C 180 -19.31 -28.75 8.37
CA TYR C 180 -18.43 -27.69 8.88
C TYR C 180 -18.21 -26.68 7.76
N GLY C 181 -18.74 -25.48 7.93
CA GLY C 181 -18.70 -24.46 6.89
C GLY C 181 -17.87 -23.27 7.32
N LEU C 182 -17.11 -22.73 6.37
CA LEU C 182 -16.28 -21.56 6.59
C LEU C 182 -16.51 -20.57 5.46
N ARG C 183 -16.27 -19.28 5.73
CA ARG C 183 -16.29 -18.26 4.70
C ARG C 183 -14.88 -17.74 4.51
N ILE C 184 -14.30 -18.04 3.35
CA ILE C 184 -12.87 -17.85 3.11
C ILE C 184 -12.69 -16.90 1.94
N THR C 185 -11.84 -15.90 2.13
CA THR C 185 -11.36 -15.05 1.06
C THR C 185 -9.88 -15.35 0.86
N THR C 186 -9.56 -15.95 -0.28
CA THR C 186 -8.21 -16.43 -0.56
C THR C 186 -7.70 -15.81 -1.85
N THR C 187 -6.43 -15.42 -1.84
CA THR C 187 -5.75 -14.92 -3.03
C THR C 187 -4.91 -16.05 -3.59
N ALA C 188 -5.42 -16.73 -4.61
CA ALA C 188 -4.75 -17.90 -5.16
C ALA C 188 -3.87 -17.49 -6.34
N ALA C 189 -2.66 -18.03 -6.37
CA ALA C 189 -1.74 -17.74 -7.45
C ALA C 189 -2.20 -18.39 -8.75
N CYS C 190 -2.08 -17.66 -9.85
CA CYS C 190 -2.46 -18.17 -11.17
C CYS C 190 -1.43 -17.67 -12.17
N MET C 191 -0.51 -18.54 -12.56
CA MET C 191 0.44 -18.21 -13.62
C MET C 191 -0.32 -18.07 -14.94
N MET C 192 -0.01 -17.01 -15.68
CA MET C 192 -0.73 -16.67 -16.89
CA MET C 192 -0.73 -16.66 -16.88
C MET C 192 0.22 -16.58 -18.07
N ASP C 193 -0.23 -17.06 -19.23
CA ASP C 193 0.51 -16.99 -20.47
C ASP C 193 -0.03 -15.80 -21.26
N LEU C 194 0.78 -14.76 -21.40
CA LEU C 194 0.35 -13.50 -22.00
C LEU C 194 0.84 -13.33 -23.42
N ARG C 195 1.24 -14.41 -24.09
CA ARG C 195 1.74 -14.31 -25.45
C ARG C 195 0.66 -13.89 -26.44
N ARG C 196 -0.62 -14.09 -26.11
CA ARG C 196 -1.72 -13.63 -26.95
C ARG C 196 -2.47 -12.47 -26.31
N TYR C 197 -1.90 -11.86 -25.27
CA TYR C 197 -2.54 -10.75 -24.59
C TYR C 197 -2.72 -9.58 -25.56
N PRO C 198 -3.84 -8.85 -25.50
CA PRO C 198 -4.98 -9.00 -24.60
C PRO C 198 -6.06 -9.93 -25.13
N LEU C 199 -5.79 -10.69 -26.20
CA LEU C 199 -6.74 -11.65 -26.72
C LEU C 199 -6.52 -13.05 -26.17
N ASP C 200 -6.03 -13.15 -24.94
CA ASP C 200 -5.64 -14.42 -24.35
C ASP C 200 -6.79 -15.06 -23.58
N GLU C 201 -6.64 -16.36 -23.33
CA GLU C 201 -7.57 -17.12 -22.52
C GLU C 201 -6.78 -17.83 -21.44
N GLN C 202 -7.16 -17.64 -20.19
CA GLN C 202 -6.40 -18.14 -19.05
C GLN C 202 -7.14 -19.26 -18.34
N ASN C 203 -6.40 -20.04 -17.56
CA ASN C 203 -6.95 -21.16 -16.81
C ASN C 203 -6.42 -21.06 -15.38
N CYS C 204 -7.28 -20.66 -14.45
CA CYS C 204 -6.90 -20.44 -13.07
C CYS C 204 -7.53 -21.51 -12.18
N THR C 205 -6.71 -22.14 -11.35
CA THR C 205 -7.15 -23.28 -10.56
C THR C 205 -7.03 -22.98 -9.07
N LEU C 206 -7.92 -23.59 -8.30
CA LEU C 206 -7.82 -23.64 -6.85
C LEU C 206 -7.57 -25.09 -6.45
N GLU C 207 -6.46 -25.33 -5.76
CA GLU C 207 -6.02 -26.66 -5.39
C GLU C 207 -6.27 -26.87 -3.91
N ILE C 208 -7.04 -27.91 -3.59
CA ILE C 208 -7.43 -28.24 -2.23
C ILE C 208 -6.75 -29.54 -1.84
N GLU C 209 -6.08 -29.56 -0.70
CA GLU C 209 -5.33 -30.72 -0.30
C GLU C 209 -5.30 -30.82 1.22
N SER C 210 -5.20 -32.04 1.73
CA SER C 210 -4.95 -32.27 3.14
C SER C 210 -3.48 -32.06 3.43
N TYR C 211 -3.18 -31.49 4.61
CA TYR C 211 -1.81 -31.15 4.91
C TYR C 211 -1.05 -32.32 5.53
N GLY C 212 -1.54 -32.84 6.65
CA GLY C 212 -0.81 -33.87 7.36
C GLY C 212 -1.20 -35.29 7.00
N TYR C 213 -2.49 -35.53 6.82
CA TYR C 213 -2.98 -36.89 6.60
C TYR C 213 -2.80 -37.31 5.16
N THR C 214 -2.43 -38.57 4.96
CA THR C 214 -2.28 -39.14 3.63
C THR C 214 -3.58 -39.83 3.22
N THR C 215 -3.58 -40.48 2.05
CA THR C 215 -4.78 -41.19 1.61
C THR C 215 -5.08 -42.41 2.47
N ASP C 216 -4.10 -42.89 3.24
CA ASP C 216 -4.37 -43.96 4.20
C ASP C 216 -5.18 -43.48 5.40
N ASP C 217 -5.34 -42.18 5.56
CA ASP C 217 -6.09 -41.61 6.68
C ASP C 217 -7.27 -40.76 6.25
N ILE C 218 -7.19 -40.07 5.11
CA ILE C 218 -8.23 -39.16 4.69
CA ILE C 218 -8.22 -39.13 4.67
C ILE C 218 -8.41 -39.28 3.17
N GLU C 219 -9.66 -39.19 2.72
CA GLU C 219 -10.00 -39.19 1.31
C GLU C 219 -10.93 -38.02 1.02
N PHE C 220 -10.73 -37.39 -0.14
CA PHE C 220 -11.54 -36.27 -0.56
C PHE C 220 -12.45 -36.68 -1.72
N TYR C 221 -13.60 -36.02 -1.81
CA TYR C 221 -14.46 -36.14 -2.97
C TYR C 221 -15.33 -34.90 -3.03
N TRP C 222 -15.82 -34.62 -4.24
CA TRP C 222 -16.74 -33.50 -4.44
C TRP C 222 -18.15 -33.98 -4.08
N ARG C 223 -18.71 -33.42 -3.01
CA ARG C 223 -20.04 -33.83 -2.57
C ARG C 223 -21.08 -33.27 -3.52
N GLY C 224 -21.65 -34.13 -4.36
CA GLY C 224 -22.59 -33.72 -5.37
C GLY C 224 -22.11 -33.83 -6.80
N GLY C 225 -20.95 -34.42 -7.03
CA GLY C 225 -20.46 -34.58 -8.39
C GLY C 225 -20.13 -33.25 -9.02
N ASP C 226 -20.68 -33.01 -10.22
CA ASP C 226 -20.41 -31.78 -10.95
C ASP C 226 -21.09 -30.56 -10.36
N LYS C 227 -22.04 -30.74 -9.44
CA LYS C 227 -22.76 -29.63 -8.85
C LYS C 227 -22.22 -29.25 -7.47
N ALA C 228 -21.02 -29.73 -7.13
CA ALA C 228 -20.45 -29.40 -5.83
C ALA C 228 -20.16 -27.91 -5.71
N VAL C 229 -19.63 -27.30 -6.78
CA VAL C 229 -19.32 -25.88 -6.79
C VAL C 229 -20.45 -25.14 -7.48
N THR C 230 -21.06 -24.20 -6.77
CA THR C 230 -22.19 -23.43 -7.28
C THR C 230 -21.85 -21.95 -7.26
N GLY C 231 -22.70 -21.16 -7.92
CA GLY C 231 -22.53 -19.73 -7.93
C GLY C 231 -21.56 -19.20 -8.97
N VAL C 232 -21.03 -20.06 -9.84
CA VAL C 232 -20.09 -19.61 -10.85
C VAL C 232 -20.78 -18.68 -11.85
N GLU C 233 -22.02 -19.01 -12.23
CA GLU C 233 -22.73 -18.20 -13.21
C GLU C 233 -23.03 -16.80 -12.71
N ARG C 234 -23.03 -16.59 -11.40
CA ARG C 234 -23.33 -15.29 -10.81
C ARG C 234 -22.11 -14.39 -10.70
N ILE C 235 -20.93 -14.87 -11.12
CA ILE C 235 -19.72 -14.07 -11.00
C ILE C 235 -19.72 -12.97 -12.04
N GLU C 236 -19.45 -11.74 -11.60
CA GLU C 236 -19.41 -10.57 -12.47
C GLU C 236 -17.96 -10.08 -12.52
N LEU C 237 -17.23 -10.51 -13.54
CA LEU C 237 -15.88 -10.02 -13.79
C LEU C 237 -15.93 -8.98 -14.89
N PRO C 238 -15.56 -7.73 -14.63
CA PRO C 238 -15.64 -6.71 -15.68
C PRO C 238 -14.77 -7.01 -16.89
N GLN C 239 -13.61 -7.63 -16.69
CA GLN C 239 -12.65 -7.83 -17.76
C GLN C 239 -12.65 -9.24 -18.32
N PHE C 240 -13.19 -10.21 -17.60
CA PHE C 240 -13.15 -11.60 -18.02
C PHE C 240 -14.57 -12.17 -18.06
N SER C 241 -14.73 -13.23 -18.85
CA SER C 241 -15.95 -14.02 -18.88
C SER C 241 -15.57 -15.46 -18.62
N ILE C 242 -16.30 -16.12 -17.72
CA ILE C 242 -15.97 -17.49 -17.31
C ILE C 242 -16.59 -18.43 -18.35
N VAL C 243 -15.74 -18.99 -19.22
CA VAL C 243 -16.23 -19.89 -20.26
C VAL C 243 -16.68 -21.21 -19.65
N GLU C 244 -15.87 -21.77 -18.75
CA GLU C 244 -16.12 -23.11 -18.24
C GLU C 244 -15.43 -23.26 -16.89
N HIS C 245 -15.94 -24.20 -16.10
CA HIS C 245 -15.28 -24.61 -14.87
C HIS C 245 -15.35 -26.13 -14.76
N ARG C 246 -14.30 -26.69 -14.15
CA ARG C 246 -14.16 -28.14 -14.03
C ARG C 246 -13.77 -28.51 -12.61
N LEU C 247 -14.18 -29.71 -12.21
CA LEU C 247 -13.84 -30.30 -10.93
C LEU C 247 -13.00 -31.56 -11.17
N VAL C 248 -11.88 -31.67 -10.48
CA VAL C 248 -10.97 -32.80 -10.61
C VAL C 248 -10.67 -33.35 -9.23
N SER C 249 -10.67 -34.68 -9.11
CA SER C 249 -10.31 -35.35 -7.87
C SER C 249 -9.25 -36.39 -8.17
N ARG C 250 -8.15 -36.39 -7.43
CA ARG C 250 -7.08 -37.33 -7.68
C ARG C 250 -6.22 -37.46 -6.42
N ASN C 251 -5.08 -38.14 -6.56
CA ASN C 251 -4.12 -38.31 -5.49
C ASN C 251 -2.75 -37.90 -5.99
N VAL C 252 -2.01 -37.17 -5.17
CA VAL C 252 -0.69 -36.65 -5.52
C VAL C 252 0.34 -37.26 -4.58
N VAL C 253 1.42 -37.80 -5.14
CA VAL C 253 2.42 -38.50 -4.38
C VAL C 253 3.57 -37.55 -4.05
N PHE C 254 3.90 -37.43 -2.78
CA PHE C 254 5.07 -36.73 -2.30
C PHE C 254 5.95 -37.69 -1.50
N ALA C 255 7.09 -37.19 -1.02
CA ALA C 255 8.01 -38.02 -0.28
C ALA C 255 7.38 -38.64 0.96
N THR C 256 6.34 -38.03 1.51
CA THR C 256 5.68 -38.53 2.70
C THR C 256 4.43 -39.36 2.40
N GLY C 257 4.12 -39.61 1.13
CA GLY C 257 3.03 -40.49 0.78
C GLY C 257 2.06 -39.85 -0.19
N ALA C 258 0.91 -40.48 -0.34
CA ALA C 258 -0.11 -40.03 -1.28
C ALA C 258 -1.15 -39.19 -0.54
N TYR C 259 -1.42 -38.00 -1.07
CA TYR C 259 -2.35 -37.07 -0.48
C TYR C 259 -3.54 -36.83 -1.41
N PRO C 260 -4.75 -36.77 -0.88
CA PRO C 260 -5.91 -36.46 -1.73
C PRO C 260 -5.84 -35.03 -2.24
N ARG C 261 -6.41 -34.83 -3.42
CA ARG C 261 -6.35 -33.53 -4.08
C ARG C 261 -7.64 -33.26 -4.82
N LEU C 262 -8.16 -32.06 -4.64
CA LEU C 262 -9.29 -31.55 -5.42
C LEU C 262 -8.83 -30.31 -6.17
N SER C 263 -9.41 -30.10 -7.35
CA SER C 263 -9.02 -28.97 -8.19
C SER C 263 -10.27 -28.36 -8.79
N LEU C 264 -10.48 -27.08 -8.53
CA LEU C 264 -11.57 -26.31 -9.11
C LEU C 264 -10.95 -25.34 -10.10
N SER C 265 -11.17 -25.57 -11.40
CA SER C 265 -10.51 -24.80 -12.44
C SER C 265 -11.52 -23.97 -13.21
N PHE C 266 -11.19 -22.71 -13.45
CA PHE C 266 -11.97 -21.81 -14.31
C PHE C 266 -11.16 -21.48 -15.55
N ARG C 267 -11.85 -21.36 -16.68
CA ARG C 267 -11.26 -20.85 -17.90
C ARG C 267 -11.85 -19.48 -18.20
N LEU C 268 -11.01 -18.46 -18.15
CA LEU C 268 -11.44 -17.07 -18.32
C LEU C 268 -11.06 -16.58 -19.70
N LYS C 269 -12.02 -16.00 -20.41
CA LYS C 269 -11.80 -15.36 -21.69
C LYS C 269 -11.81 -13.84 -21.49
N ARG C 270 -10.74 -13.18 -21.90
CA ARG C 270 -10.59 -11.76 -21.64
C ARG C 270 -11.42 -10.95 -22.64
N ASN C 271 -12.19 -9.99 -22.11
CA ASN C 271 -12.91 -9.05 -22.96
C ASN C 271 -11.93 -8.09 -23.62
N ILE C 272 -12.28 -7.66 -24.83
CA ILE C 272 -11.37 -6.84 -25.64
C ILE C 272 -11.83 -5.39 -25.76
N GLY C 273 -13.05 -5.06 -25.34
CA GLY C 273 -13.55 -3.71 -25.53
C GLY C 273 -12.69 -2.66 -24.86
N TYR C 274 -12.24 -2.94 -23.64
CA TYR C 274 -11.40 -1.98 -22.93
C TYR C 274 -10.11 -1.71 -23.68
N PHE C 275 -9.49 -2.75 -24.21
CA PHE C 275 -8.23 -2.58 -24.92
C PHE C 275 -8.42 -1.95 -26.29
N ILE C 276 -9.56 -2.20 -26.93
CA ILE C 276 -9.89 -1.47 -28.15
C ILE C 276 -10.00 0.02 -27.86
N LEU C 277 -10.70 0.38 -26.78
CA LEU C 277 -10.87 1.78 -26.44
C LEU C 277 -9.59 2.42 -25.93
N GLN C 278 -8.67 1.64 -25.36
CA GLN C 278 -7.53 2.17 -24.63
C GLN C 278 -6.26 2.21 -25.46
N THR C 279 -5.99 1.18 -26.26
CA THR C 279 -4.71 1.08 -26.95
C THR C 279 -4.84 1.07 -28.47
N TYR C 280 -5.74 0.25 -29.02
CA TYR C 280 -5.79 0.08 -30.46
C TYR C 280 -6.28 1.34 -31.17
N MET C 281 -7.37 1.92 -30.69
CA MET C 281 -7.88 3.15 -31.30
C MET C 281 -6.87 4.30 -31.23
N PRO C 282 -6.22 4.57 -30.09
CA PRO C 282 -5.19 5.61 -30.11
C PRO C 282 -4.06 5.33 -31.10
N SER C 283 -3.66 4.07 -31.25
CA SER C 283 -2.61 3.74 -32.22
C SER C 283 -3.07 4.02 -33.65
N ILE C 284 -4.31 3.64 -33.97
CA ILE C 284 -4.83 3.90 -35.31
C ILE C 284 -4.92 5.39 -35.55
N LEU C 285 -5.37 6.15 -34.55
CA LEU C 285 -5.49 7.59 -34.70
C LEU C 285 -4.13 8.25 -34.88
N ILE C 286 -3.12 7.77 -34.16
CA ILE C 286 -1.77 8.33 -34.33
C ILE C 286 -1.22 8.00 -35.71
N THR C 287 -1.50 6.80 -36.22
CA THR C 287 -1.06 6.46 -37.56
C THR C 287 -1.73 7.35 -38.61
N ILE C 288 -3.03 7.60 -38.47
CA ILE C 288 -3.72 8.48 -39.40
C ILE C 288 -3.18 9.91 -39.28
N LEU C 289 -2.86 10.32 -38.05
CA LEU C 289 -2.24 11.63 -37.85
C LEU C 289 -0.91 11.72 -38.60
N SER C 290 -0.13 10.64 -38.57
CA SER C 290 1.12 10.62 -39.33
C SER C 290 0.85 10.72 -40.83
N TRP C 291 -0.20 10.04 -41.30
CA TRP C 291 -0.55 10.14 -42.72
C TRP C 291 -0.90 11.57 -43.11
N VAL C 292 -1.48 12.33 -42.19
CA VAL C 292 -1.91 13.70 -42.50
C VAL C 292 -0.80 14.52 -43.14
N SER C 293 0.46 14.23 -42.79
CA SER C 293 1.58 15.01 -43.32
C SER C 293 1.76 14.86 -44.83
N PHE C 294 1.16 13.83 -45.44
CA PHE C 294 1.33 13.63 -46.87
C PHE C 294 0.61 14.67 -47.71
N TRP C 295 -0.38 15.36 -47.14
CA TRP C 295 -1.08 16.42 -47.84
C TRP C 295 -0.49 17.80 -47.57
N ILE C 296 0.50 17.90 -46.71
CA ILE C 296 1.18 19.16 -46.43
C ILE C 296 2.27 19.35 -47.48
N ASN C 297 2.46 20.60 -47.90
CA ASN C 297 3.48 20.89 -48.91
CA ASN C 297 3.48 20.90 -48.90
C ASN C 297 4.87 20.59 -48.36
N TYR C 298 5.75 20.13 -49.26
CA TYR C 298 7.09 19.75 -48.84
C TYR C 298 7.94 20.93 -48.39
N ASP C 299 7.58 22.15 -48.79
CA ASP C 299 8.33 23.31 -48.34
C ASP C 299 8.09 23.59 -46.86
N ALA C 300 6.95 23.17 -46.32
CA ALA C 300 6.65 23.33 -44.89
C ALA C 300 7.42 22.25 -44.13
N SER C 301 8.72 22.48 -43.99
CA SER C 301 9.59 21.49 -43.36
C SER C 301 9.25 21.32 -41.89
N ALA C 302 9.06 22.44 -41.18
CA ALA C 302 8.82 22.37 -39.75
C ALA C 302 7.53 21.61 -39.45
N ALA C 303 6.47 21.86 -40.22
CA ALA C 303 5.19 21.22 -39.96
C ALA C 303 5.28 19.72 -40.09
N ARG C 304 5.82 19.24 -41.22
CA ARG C 304 5.86 17.81 -41.46
C ARG C 304 6.84 17.11 -40.53
N VAL C 305 7.98 17.74 -40.25
CA VAL C 305 8.93 17.14 -39.31
C VAL C 305 8.32 17.06 -37.92
N ALA C 306 7.57 18.10 -37.51
CA ALA C 306 6.90 18.06 -36.22
C ALA C 306 5.86 16.96 -36.17
N LEU C 307 5.10 16.78 -37.26
CA LEU C 307 4.12 15.70 -37.30
C LEU C 307 4.80 14.35 -37.13
N GLY C 308 5.88 14.12 -37.87
CA GLY C 308 6.59 12.85 -37.75
C GLY C 308 7.13 12.62 -36.35
N ILE C 309 7.77 13.66 -35.79
CA ILE C 309 8.36 13.53 -34.46
C ILE C 309 7.29 13.21 -33.43
N THR C 310 6.17 13.94 -33.48
CA THR C 310 5.13 13.75 -32.48
C THR C 310 4.51 12.35 -32.60
N THR C 311 4.25 11.90 -33.82
CA THR C 311 3.68 10.56 -33.97
C THR C 311 4.65 9.48 -33.48
N VAL C 312 5.94 9.60 -33.83
CA VAL C 312 6.90 8.61 -33.40
C VAL C 312 7.01 8.56 -31.88
N LEU C 313 7.14 9.74 -31.26
CA LEU C 313 7.28 9.79 -29.81
C LEU C 313 6.02 9.30 -29.11
N THR C 314 4.85 9.64 -29.64
CA THR C 314 3.60 9.16 -29.05
C THR C 314 3.51 7.64 -29.11
N MET C 315 3.90 7.05 -30.25
CA MET C 315 3.88 5.61 -30.35
C MET C 315 4.83 4.97 -29.36
N THR C 316 6.03 5.53 -29.22
CA THR C 316 6.98 4.98 -28.26
C THR C 316 6.46 5.10 -26.83
N THR C 317 5.87 6.24 -26.48
CA THR C 317 5.35 6.41 -25.13
C THR C 317 4.19 5.46 -24.86
N ILE C 318 3.31 5.26 -25.84
CA ILE C 318 2.22 4.31 -25.67
C ILE C 318 2.77 2.91 -25.41
N ASN C 319 3.75 2.51 -26.21
CA ASN C 319 4.33 1.17 -26.04
C ASN C 319 4.96 1.01 -24.67
N THR C 320 5.78 1.99 -24.26
CA THR C 320 6.46 1.88 -22.98
C THR C 320 5.48 1.89 -21.81
N HIS C 321 4.47 2.75 -21.86
CA HIS C 321 3.47 2.78 -20.80
C HIS C 321 2.72 1.46 -20.70
N LEU C 322 2.31 0.91 -21.84
CA LEU C 322 1.62 -0.38 -21.83
C LEU C 322 2.50 -1.47 -21.25
N ARG C 323 3.77 -1.51 -21.64
CA ARG C 323 4.66 -2.53 -21.09
C ARG C 323 4.88 -2.33 -19.60
N GLU C 324 4.92 -1.08 -19.13
CA GLU C 324 5.10 -0.83 -17.71
C GLU C 324 3.87 -1.23 -16.91
N THR C 325 2.68 -1.17 -17.51
CA THR C 325 1.49 -1.59 -16.79
C THR C 325 1.54 -3.08 -16.45
N LEU C 326 2.03 -3.91 -17.36
CA LEU C 326 2.08 -5.35 -17.17
C LEU C 326 3.35 -5.75 -16.41
N PRO C 327 3.40 -6.98 -15.89
CA PRO C 327 4.61 -7.45 -15.22
C PRO C 327 5.76 -7.62 -16.21
N LYS C 328 6.97 -7.69 -15.66
CA LYS C 328 8.19 -7.76 -16.45
C LYS C 328 8.36 -9.17 -17.02
N ILE C 329 7.71 -9.39 -18.16
CA ILE C 329 7.81 -10.67 -18.86
C ILE C 329 8.77 -10.50 -20.04
N PRO C 330 9.57 -11.51 -20.37
CA PRO C 330 10.60 -11.32 -21.41
C PRO C 330 10.11 -11.49 -22.84
N TYR C 331 8.97 -12.12 -23.06
CA TYR C 331 8.50 -12.42 -24.40
C TYR C 331 7.67 -11.28 -24.96
N VAL C 332 7.30 -11.40 -26.24
CA VAL C 332 6.58 -10.38 -26.98
C VAL C 332 5.11 -10.76 -27.04
N LYS C 333 4.24 -9.82 -26.69
CA LYS C 333 2.80 -10.03 -26.69
C LYS C 333 2.19 -9.55 -28.01
N ALA C 334 0.92 -9.90 -28.20
CA ALA C 334 0.23 -9.52 -29.43
C ALA C 334 0.10 -8.01 -29.55
N ILE C 335 -0.28 -7.35 -28.46
CA ILE C 335 -0.41 -5.90 -28.47
C ILE C 335 0.93 -5.24 -28.72
N ASP C 336 2.01 -5.84 -28.22
CA ASP C 336 3.35 -5.34 -28.53
C ASP C 336 3.63 -5.43 -30.02
N MET C 337 3.23 -6.53 -30.66
CA MET C 337 3.40 -6.66 -32.10
C MET C 337 2.63 -5.58 -32.85
N TYR C 338 1.39 -5.32 -32.43
CA TYR C 338 0.61 -4.28 -33.10
C TYR C 338 1.26 -2.91 -32.93
N LEU C 339 1.73 -2.61 -31.72
CA LEU C 339 2.36 -1.32 -31.47
C LEU C 339 3.66 -1.18 -32.27
N MET C 340 4.44 -2.26 -32.38
CA MET C 340 5.65 -2.20 -33.17
C MET C 340 5.34 -2.00 -34.65
N GLY C 341 4.28 -2.62 -35.16
CA GLY C 341 3.87 -2.36 -36.52
C GLY C 341 3.47 -0.92 -36.75
N CYS C 342 2.68 -0.36 -35.82
CA CYS C 342 2.28 1.04 -35.94
C CYS C 342 3.49 1.97 -35.88
N PHE C 343 4.45 1.65 -35.01
CA PHE C 343 5.67 2.44 -34.94
C PHE C 343 6.44 2.37 -36.25
N VAL C 344 6.52 1.19 -36.85
CA VAL C 344 7.18 1.06 -38.15
C VAL C 344 6.49 1.94 -39.17
N PHE C 345 5.15 1.97 -39.16
CA PHE C 345 4.42 2.78 -40.13
C PHE C 345 4.71 4.27 -39.95
N VAL C 346 4.67 4.76 -38.71
CA VAL C 346 4.88 6.19 -38.50
C VAL C 346 6.32 6.57 -38.80
N PHE C 347 7.27 5.69 -38.44
CA PHE C 347 8.67 5.96 -38.75
C PHE C 347 8.91 5.96 -40.26
N LEU C 348 8.24 5.07 -40.98
CA LEU C 348 8.35 5.06 -42.44
C LEU C 348 7.76 6.33 -43.05
N ALA C 349 6.67 6.85 -42.47
CA ALA C 349 6.14 8.12 -42.96
C ALA C 349 7.14 9.25 -42.76
N LEU C 350 7.78 9.29 -41.59
CA LEU C 350 8.79 10.32 -41.35
C LEU C 350 9.97 10.18 -42.31
N LEU C 351 10.43 8.94 -42.53
CA LEU C 351 11.52 8.73 -43.48
C LEU C 351 11.10 9.09 -44.90
N GLU C 352 9.84 8.86 -45.24
CA GLU C 352 9.35 9.26 -46.55
C GLU C 352 9.44 10.77 -46.72
N TYR C 353 9.05 11.52 -45.69
CA TYR C 353 9.22 12.97 -45.81
C TYR C 353 10.70 13.33 -45.89
N ALA C 354 11.55 12.61 -45.16
CA ALA C 354 12.99 12.90 -45.23
C ALA C 354 13.50 12.73 -46.65
N PHE C 355 13.08 11.66 -47.32
CA PHE C 355 13.47 11.42 -48.71
C PHE C 355 12.93 12.52 -49.62
N VAL C 356 11.67 12.92 -49.41
CA VAL C 356 11.07 13.98 -50.24
C VAL C 356 11.84 15.28 -50.08
N ASN C 357 12.18 15.63 -48.84
CA ASN C 357 12.96 16.83 -48.59
C ASN C 357 14.36 16.74 -49.18
N TYR C 358 14.94 15.53 -49.18
CA TYR C 358 16.27 15.36 -49.73
C TYR C 358 16.28 15.55 -51.25
N ILE C 359 15.25 15.07 -51.94
CA ILE C 359 15.28 15.04 -53.40
C ILE C 359 14.42 16.12 -54.04
N PHE C 360 13.71 16.93 -53.26
CA PHE C 360 12.74 17.84 -53.86
C PHE C 360 13.36 19.06 -54.52
N PHE C 361 14.64 19.32 -54.28
CA PHE C 361 15.27 20.46 -54.92
C PHE C 361 15.59 20.17 -56.39
N SER C 362 16.30 19.07 -56.64
CA SER C 362 16.67 18.73 -58.01
C SER C 362 15.51 18.15 -58.80
N GLN C 363 14.66 17.35 -58.15
CA GLN C 363 13.59 16.61 -58.83
C GLN C 363 12.26 16.87 -58.12
N PRO C 364 11.69 18.07 -58.27
CA PRO C 364 10.40 18.34 -57.63
C PRO C 364 9.28 17.44 -58.11
N ALA C 365 9.31 17.06 -59.40
CA ALA C 365 8.27 16.17 -59.92
C ALA C 365 8.31 14.82 -59.24
N ARG C 366 9.51 14.27 -59.03
CA ARG C 366 9.62 12.98 -58.36
C ARG C 366 9.14 13.07 -56.92
N ALA C 367 9.45 14.16 -56.23
CA ALA C 367 8.98 14.33 -54.85
C ALA C 367 7.46 14.42 -54.79
N ALA C 368 6.86 15.17 -55.72
CA ALA C 368 5.40 15.27 -55.75
C ALA C 368 4.78 13.91 -56.03
N ALA C 369 5.37 13.16 -56.96
CA ALA C 369 4.87 11.82 -57.25
C ALA C 369 4.99 10.90 -56.04
N ILE C 370 6.10 11.03 -55.29
CA ILE C 370 6.28 10.20 -54.11
C ILE C 370 5.22 10.52 -53.06
N ASP C 371 4.95 11.81 -52.84
CA ASP C 371 3.89 12.18 -51.90
C ASP C 371 2.54 11.64 -52.35
N ARG C 372 2.22 11.81 -53.63
CA ARG C 372 0.92 11.37 -54.14
C ARG C 372 0.77 9.87 -54.02
N TRP C 373 1.83 9.11 -54.30
CA TRP C 373 1.75 7.65 -54.19
C TRP C 373 1.68 7.22 -52.73
N SER C 374 2.40 7.90 -51.84
CA SER C 374 2.35 7.56 -50.43
C SER C 374 0.95 7.76 -49.87
N ARG C 375 0.25 8.80 -50.33
CA ARG C 375 -1.10 9.07 -49.86
C ARG C 375 -2.02 7.88 -50.02
N ILE C 376 -1.77 7.04 -51.02
CA ILE C 376 -2.57 5.86 -51.27
C ILE C 376 -1.94 4.60 -50.70
N VAL C 377 -0.60 4.52 -50.74
CA VAL C 377 0.09 3.32 -50.30
C VAL C 377 -0.05 3.13 -48.80
N PHE C 378 0.18 4.19 -48.03
CA PHE C 378 0.17 4.03 -46.57
C PHE C 378 -1.16 3.55 -46.02
N PRO C 379 -2.31 4.15 -46.35
CA PRO C 379 -3.57 3.61 -45.84
C PRO C 379 -3.84 2.19 -46.28
N PHE C 380 -3.50 1.85 -47.53
CA PHE C 380 -3.73 0.50 -48.02
C PHE C 380 -2.87 -0.51 -47.29
N THR C 381 -1.58 -0.21 -47.13
CA THR C 381 -0.69 -1.13 -46.44
C THR C 381 -1.08 -1.27 -44.98
N PHE C 382 -1.51 -0.18 -44.34
CA PHE C 382 -1.95 -0.26 -42.95
C PHE C 382 -3.22 -1.10 -42.83
N SER C 383 -4.13 -0.97 -43.79
CA SER C 383 -5.33 -1.80 -43.78
C SER C 383 -4.96 -3.27 -43.92
N LEU C 384 -4.00 -3.58 -44.81
CA LEU C 384 -3.56 -4.96 -44.96
CA LEU C 384 -3.56 -4.96 -44.96
C LEU C 384 -2.92 -5.48 -43.67
N PHE C 385 -2.11 -4.65 -43.02
CA PHE C 385 -1.48 -5.06 -41.77
C PHE C 385 -2.52 -5.34 -40.70
N ASN C 386 -3.52 -4.47 -40.57
CA ASN C 386 -4.58 -4.70 -39.61
C ASN C 386 -5.35 -5.97 -39.94
N LEU C 387 -5.62 -6.20 -41.23
CA LEU C 387 -6.35 -7.40 -41.63
C LEU C 387 -5.60 -8.66 -41.23
N VAL C 388 -4.31 -8.74 -41.57
CA VAL C 388 -3.56 -9.95 -41.25
C VAL C 388 -3.38 -10.10 -39.75
N TYR C 389 -3.19 -8.98 -39.03
CA TYR C 389 -3.04 -9.06 -37.59
C TYR C 389 -4.30 -9.60 -36.93
N TRP C 390 -5.46 -9.04 -37.27
CA TRP C 390 -6.70 -9.47 -36.65
C TRP C 390 -7.14 -10.84 -37.12
N LEU C 391 -6.68 -11.29 -38.29
CA LEU C 391 -6.95 -12.67 -38.68
C LEU C 391 -6.07 -13.65 -37.94
N TYR C 392 -4.81 -13.28 -37.66
CA TYR C 392 -3.92 -14.20 -36.96
C TYR C 392 -4.37 -14.44 -35.53
N TYR C 393 -4.79 -13.39 -34.82
CA TYR C 393 -5.09 -13.48 -33.40
C TYR C 393 -6.57 -13.72 -33.10
N VAL C 394 -7.39 -13.87 -34.13
CA VAL C 394 -8.80 -14.22 -33.90
C VAL C 394 -9.15 -15.47 -34.69
N ASN D 58 -3.70 -53.05 22.76
CA ASN D 58 -3.57 -54.29 22.02
C ASN D 58 -4.01 -54.11 20.56
N ASP D 59 -5.07 -53.33 20.36
CA ASP D 59 -5.62 -53.10 19.03
C ASP D 59 -5.20 -51.72 18.54
N PRO D 60 -4.41 -51.62 17.48
CA PRO D 60 -4.07 -50.30 16.93
C PRO D 60 -5.30 -49.50 16.50
N GLY D 61 -6.35 -50.18 16.04
CA GLY D 61 -7.57 -49.51 15.64
C GLY D 61 -8.49 -49.14 16.78
N ASN D 62 -8.13 -49.47 18.02
CA ASN D 62 -8.92 -49.12 19.19
C ASN D 62 -8.58 -47.70 19.61
N MET D 63 -9.49 -46.76 19.35
CA MET D 63 -9.21 -45.35 19.61
C MET D 63 -8.99 -45.07 21.09
N SER D 64 -9.65 -45.82 21.97
CA SER D 64 -9.44 -45.64 23.39
C SER D 64 -8.00 -45.98 23.79
N PHE D 65 -7.47 -47.07 23.22
CA PHE D 65 -6.08 -47.44 23.52
C PHE D 65 -5.10 -46.39 23.01
N VAL D 66 -5.34 -45.86 21.81
CA VAL D 66 -4.46 -44.83 21.28
C VAL D 66 -4.54 -43.56 22.12
N LYS D 67 -5.75 -43.19 22.56
CA LYS D 67 -5.89 -42.02 23.43
C LYS D 67 -5.15 -42.22 24.74
N GLU D 68 -5.26 -43.42 25.33
CA GLU D 68 -4.54 -43.72 26.55
C GLU D 68 -3.04 -43.62 26.34
N THR D 69 -2.55 -44.15 25.22
CA THR D 69 -1.12 -44.09 24.93
C THR D 69 -0.64 -42.65 24.77
N VAL D 70 -1.41 -41.83 24.05
CA VAL D 70 -1.00 -40.44 23.84
C VAL D 70 -1.02 -39.67 25.15
N ASP D 71 -2.05 -39.89 25.98
CA ASP D 71 -2.11 -39.23 27.28
C ASP D 71 -0.94 -39.66 28.16
N LYS D 72 -0.58 -40.95 28.11
CA LYS D 72 0.57 -41.41 28.86
C LYS D 72 1.86 -40.75 28.36
N LEU D 73 1.97 -40.56 27.05
CA LEU D 73 3.13 -39.86 26.51
C LEU D 73 3.20 -38.43 26.99
N LEU D 74 2.07 -37.74 27.03
CA LEU D 74 2.03 -36.33 27.41
C LEU D 74 1.86 -36.12 28.90
N LYS D 75 1.75 -37.18 29.70
CA LYS D 75 1.64 -37.04 31.14
C LYS D 75 3.03 -36.86 31.74
N GLY D 76 3.23 -35.75 32.44
CA GLY D 76 4.54 -35.43 32.96
C GLY D 76 5.50 -34.87 31.93
N TYR D 77 5.00 -34.48 30.76
CA TYR D 77 5.85 -33.94 29.71
C TYR D 77 6.10 -32.46 29.96
N ASP D 78 7.37 -32.07 29.95
CA ASP D 78 7.77 -30.69 30.19
C ASP D 78 8.17 -30.07 28.87
N ILE D 79 7.35 -29.13 28.37
CA ILE D 79 7.65 -28.48 27.10
C ILE D 79 8.81 -27.51 27.21
N ARG D 80 9.19 -27.13 28.44
CA ARG D 80 10.27 -26.17 28.63
C ARG D 80 11.65 -26.78 28.48
N LEU D 81 11.75 -28.10 28.46
CA LEU D 81 13.04 -28.79 28.38
C LEU D 81 13.17 -29.47 27.03
N ARG D 82 14.32 -29.25 26.38
CA ARG D 82 14.61 -29.90 25.11
C ARG D 82 14.87 -31.39 25.34
N PRO D 83 14.74 -32.21 24.30
CA PRO D 83 15.08 -33.63 24.44
C PRO D 83 16.54 -33.81 24.85
N ASP D 84 16.77 -34.80 25.72
CA ASP D 84 18.11 -35.06 26.25
C ASP D 84 18.70 -33.82 26.91
N PHE D 85 17.87 -33.11 27.67
CA PHE D 85 18.33 -31.91 28.35
C PHE D 85 19.46 -32.25 29.31
N GLY D 86 20.53 -31.47 29.25
CA GLY D 86 21.71 -31.75 30.04
C GLY D 86 22.60 -32.82 29.46
N GLY D 87 22.25 -33.40 28.32
CA GLY D 87 23.05 -34.42 27.69
C GLY D 87 23.54 -33.98 26.33
N PRO D 88 23.69 -34.95 25.42
CA PRO D 88 24.18 -34.61 24.09
C PRO D 88 23.20 -33.73 23.36
N PRO D 89 23.68 -32.88 22.44
CA PRO D 89 22.75 -32.03 21.68
C PRO D 89 21.80 -32.85 20.83
N VAL D 90 20.57 -32.35 20.72
CA VAL D 90 19.56 -33.00 19.90
C VAL D 90 19.78 -32.61 18.45
N CYS D 91 19.87 -33.62 17.57
CA CYS D 91 20.13 -33.39 16.16
C CYS D 91 18.82 -33.19 15.41
N VAL D 92 18.72 -32.08 14.69
CA VAL D 92 17.53 -31.72 13.93
C VAL D 92 17.90 -31.67 12.46
N GLY D 93 17.22 -32.49 11.65
CA GLY D 93 17.43 -32.49 10.21
C GLY D 93 16.29 -31.75 9.52
N MET D 94 16.65 -31.00 8.49
CA MET D 94 15.69 -30.10 7.87
C MET D 94 15.60 -30.34 6.36
N ASN D 95 14.37 -30.30 5.86
N ASN D 95 14.38 -30.30 5.84
CA ASN D 95 14.07 -30.37 4.43
CA ASN D 95 14.18 -30.33 4.40
C ASN D 95 13.20 -29.18 4.04
C ASN D 95 13.18 -29.25 4.00
N ILE D 96 13.36 -28.73 2.80
CA ILE D 96 12.55 -27.65 2.27
C ILE D 96 11.99 -28.07 0.92
N ASP D 97 10.69 -27.93 0.75
CA ASP D 97 10.03 -28.17 -0.53
C ASP D 97 9.49 -26.82 -1.00
N ILE D 98 10.19 -26.20 -1.95
CA ILE D 98 9.87 -24.84 -2.37
C ILE D 98 8.64 -24.87 -3.27
N ALA D 99 7.54 -24.28 -2.79
CA ALA D 99 6.33 -24.24 -3.59
C ALA D 99 6.47 -23.24 -4.73
N SER D 100 7.00 -22.05 -4.44
CA SER D 100 7.18 -21.02 -5.45
C SER D 100 8.06 -19.92 -4.87
N ILE D 101 8.63 -19.13 -5.76
CA ILE D 101 9.29 -17.87 -5.41
C ILE D 101 8.41 -16.76 -5.99
N ASP D 102 7.73 -16.04 -5.10
CA ASP D 102 6.68 -15.12 -5.53
C ASP D 102 7.25 -13.96 -6.34
N MET D 103 8.27 -13.30 -5.82
CA MET D 103 8.80 -12.11 -6.49
C MET D 103 10.20 -11.83 -5.99
N VAL D 104 10.97 -11.15 -6.83
CA VAL D 104 12.31 -10.68 -6.51
C VAL D 104 12.34 -9.19 -6.78
N SER D 105 12.53 -8.39 -5.72
CA SER D 105 12.47 -6.95 -5.81
C SER D 105 13.86 -6.36 -5.59
N GLU D 106 14.35 -5.62 -6.59
CA GLU D 106 15.58 -4.84 -6.41
C GLU D 106 15.32 -3.58 -5.61
N VAL D 107 14.13 -3.00 -5.74
CA VAL D 107 13.80 -1.77 -5.02
C VAL D 107 13.88 -2.01 -3.51
N ASN D 108 13.30 -3.12 -3.05
CA ASN D 108 13.36 -3.47 -1.64
C ASN D 108 14.52 -4.40 -1.32
N MET D 109 15.25 -4.87 -2.32
CA MET D 109 16.39 -5.77 -2.14
C MET D 109 15.98 -7.01 -1.35
N ASP D 110 14.97 -7.71 -1.86
CA ASP D 110 14.48 -8.90 -1.15
C ASP D 110 13.79 -9.82 -2.14
N TYR D 111 13.29 -10.94 -1.63
CA TYR D 111 12.56 -11.91 -2.43
C TYR D 111 11.59 -12.66 -1.54
N THR D 112 10.41 -12.97 -2.08
CA THR D 112 9.39 -13.71 -1.36
C THR D 112 9.47 -15.19 -1.74
N LEU D 113 9.35 -16.04 -0.74
CA LEU D 113 9.55 -17.48 -0.91
C LEU D 113 8.52 -18.23 -0.10
N THR D 114 7.77 -19.12 -0.75
CA THR D 114 6.81 -19.99 -0.09
C THR D 114 7.36 -21.40 -0.10
N MET D 115 7.33 -22.06 1.05
CA MET D 115 7.96 -23.37 1.16
C MET D 115 7.27 -24.23 2.20
N TYR D 116 7.43 -25.53 2.04
CA TYR D 116 7.12 -26.50 3.08
C TYR D 116 8.42 -26.78 3.83
N PHE D 117 8.48 -26.35 5.07
CA PHE D 117 9.67 -26.47 5.90
C PHE D 117 9.44 -27.59 6.91
N GLN D 118 10.23 -28.65 6.80
CA GLN D 118 10.04 -29.85 7.62
C GLN D 118 11.27 -30.09 8.48
N GLN D 119 11.03 -30.31 9.77
CA GLN D 119 12.06 -30.62 10.75
C GLN D 119 11.87 -32.05 11.27
N TYR D 120 12.99 -32.66 11.62
CA TYR D 120 13.04 -34.06 11.99
CA TYR D 120 13.05 -34.07 12.00
C TYR D 120 13.98 -34.21 13.20
N TRP D 121 13.44 -34.61 14.34
CA TRP D 121 14.30 -34.83 15.49
C TRP D 121 13.79 -36.05 16.25
N ARG D 122 14.43 -36.36 17.37
CA ARG D 122 14.04 -37.50 18.17
C ARG D 122 13.82 -37.06 19.61
N ASP D 123 12.68 -37.44 20.18
CA ASP D 123 12.34 -37.14 21.57
C ASP D 123 11.98 -38.47 22.23
N LYS D 124 12.89 -39.00 23.05
CA LYS D 124 12.66 -40.29 23.68
C LYS D 124 11.47 -40.26 24.64
N ARG D 125 11.09 -39.07 25.11
CA ARG D 125 9.88 -38.96 25.92
C ARG D 125 8.62 -39.31 25.14
N LEU D 126 8.68 -39.24 23.81
CA LEU D 126 7.52 -39.51 22.97
C LEU D 126 7.54 -40.89 22.36
N ALA D 127 8.47 -41.76 22.77
CA ALA D 127 8.51 -43.12 22.26
C ALA D 127 7.34 -43.92 22.80
N TYR D 128 6.66 -44.63 21.92
CA TYR D 128 5.50 -45.44 22.30
C TYR D 128 5.68 -46.85 21.75
N SER D 129 5.08 -47.81 22.44
CA SER D 129 5.19 -49.21 22.07
C SER D 129 3.81 -49.84 22.01
N GLY D 130 3.71 -50.93 21.25
CA GLY D 130 2.46 -51.64 21.09
C GLY D 130 1.62 -51.18 19.93
N ILE D 131 1.96 -50.07 19.29
CA ILE D 131 1.27 -49.56 18.12
C ILE D 131 2.24 -49.52 16.96
N PRO D 132 2.19 -50.50 16.07
CA PRO D 132 3.10 -50.55 14.91
C PRO D 132 2.71 -49.60 13.79
N LEU D 133 2.43 -48.35 14.14
CA LEU D 133 2.00 -47.35 13.18
C LEU D 133 2.63 -46.01 13.53
N ASN D 134 2.74 -45.16 12.52
CA ASN D 134 3.13 -43.77 12.73
C ASN D 134 1.89 -42.94 13.00
N LEU D 135 1.91 -42.19 14.09
CA LEU D 135 0.74 -41.42 14.52
C LEU D 135 0.79 -40.04 13.89
N THR D 136 -0.08 -39.79 12.92
CA THR D 136 -0.24 -38.46 12.35
C THR D 136 -1.25 -37.73 13.21
N LEU D 137 -0.77 -36.88 14.11
CA LEU D 137 -1.66 -36.25 15.06
C LEU D 137 -2.17 -34.92 14.53
N ASP D 138 -3.21 -34.41 15.18
CA ASP D 138 -3.74 -33.09 14.86
C ASP D 138 -2.67 -32.03 15.12
N ASN D 139 -2.66 -30.99 14.29
CA ASN D 139 -1.60 -29.99 14.38
C ASN D 139 -1.60 -29.29 15.74
N ARG D 140 -2.76 -29.21 16.39
CA ARG D 140 -2.85 -28.50 17.67
C ARG D 140 -1.98 -29.16 18.73
N VAL D 141 -1.71 -30.45 18.61
CA VAL D 141 -0.84 -31.13 19.56
C VAL D 141 0.56 -30.52 19.57
N ALA D 142 0.93 -29.81 18.50
CA ALA D 142 2.22 -29.14 18.47
C ALA D 142 2.35 -28.09 19.56
N ASP D 143 1.23 -27.60 20.09
CA ASP D 143 1.30 -26.65 21.19
C ASP D 143 1.63 -27.32 22.52
N GLN D 144 1.65 -28.64 22.57
CA GLN D 144 1.94 -29.38 23.79
C GLN D 144 3.27 -30.12 23.71
N LEU D 145 4.09 -29.83 22.70
CA LEU D 145 5.35 -30.52 22.49
C LEU D 145 6.47 -29.50 22.38
N TRP D 146 7.68 -29.94 22.69
CA TRP D 146 8.85 -29.11 22.45
C TRP D 146 9.17 -29.09 20.96
N VAL D 147 9.37 -27.90 20.42
CA VAL D 147 9.77 -27.75 19.02
C VAL D 147 11.00 -26.87 18.97
N PRO D 148 11.90 -27.06 18.00
CA PRO D 148 13.10 -26.23 17.93
C PRO D 148 12.75 -24.77 17.68
N ASP D 149 13.58 -23.88 18.21
CA ASP D 149 13.39 -22.44 18.00
C ASP D 149 14.05 -21.98 16.71
N THR D 150 13.75 -22.67 15.63
CA THR D 150 14.31 -22.35 14.33
C THR D 150 13.75 -21.02 13.82
N TYR D 151 14.64 -20.21 13.24
CA TYR D 151 14.21 -18.95 12.64
C TYR D 151 15.11 -18.64 11.46
N PHE D 152 14.64 -17.75 10.60
CA PHE D 152 15.36 -17.37 9.39
C PHE D 152 16.11 -16.07 9.66
N LEU D 153 17.42 -16.12 9.48
CA LEU D 153 18.28 -15.01 9.90
C LEU D 153 18.00 -13.74 9.11
N ASN D 154 17.80 -13.85 7.81
CA ASN D 154 17.72 -12.69 6.93
C ASN D 154 16.31 -12.36 6.49
N ASP D 155 15.30 -12.86 7.19
CA ASP D 155 13.94 -12.56 6.80
C ASP D 155 13.49 -11.21 7.36
N LYS D 156 12.49 -10.63 6.74
CA LYS D 156 11.92 -9.35 7.15
C LYS D 156 10.49 -9.50 7.62
N LYS D 157 9.64 -10.15 6.84
CA LYS D 157 8.28 -10.51 7.23
C LYS D 157 8.04 -11.95 6.83
N SER D 158 7.49 -12.74 7.74
CA SER D 158 7.15 -14.12 7.43
C SER D 158 5.94 -14.52 8.24
N PHE D 159 5.23 -15.53 7.76
CA PHE D 159 4.05 -16.02 8.46
C PHE D 159 3.81 -17.46 8.08
N VAL D 160 2.96 -18.13 8.85
CA VAL D 160 2.53 -19.49 8.59
C VAL D 160 1.07 -19.42 8.15
N HIS D 161 0.76 -20.06 7.02
CA HIS D 161 -0.60 -20.01 6.50
C HIS D 161 -1.56 -20.71 7.46
N GLY D 162 -2.73 -20.12 7.64
CA GLY D 162 -3.66 -20.62 8.63
C GLY D 162 -5.07 -20.86 8.14
N VAL D 163 -5.22 -21.21 6.87
CA VAL D 163 -6.52 -21.53 6.29
C VAL D 163 -6.40 -22.89 5.61
N THR D 164 -7.33 -23.80 5.91
CA THR D 164 -8.46 -23.55 6.82
C THR D 164 -8.06 -23.70 8.27
N VAL D 165 -6.91 -24.33 8.50
CA VAL D 165 -6.28 -24.41 9.80
C VAL D 165 -4.83 -24.01 9.64
N LYS D 166 -4.14 -23.90 10.77
CA LYS D 166 -2.71 -23.62 10.74
C LYS D 166 -2.01 -24.72 9.95
N ASN D 167 -1.31 -24.32 8.89
CA ASN D 167 -0.68 -25.29 7.99
C ASN D 167 0.51 -25.90 8.72
N ARG D 168 0.21 -26.91 9.52
CA ARG D 168 1.17 -27.50 10.44
C ARG D 168 0.90 -29.00 10.53
N MET D 169 1.96 -29.78 10.62
CA MET D 169 1.84 -31.24 10.64
C MET D 169 2.74 -31.80 11.72
N ILE D 170 2.19 -32.70 12.53
CA ILE D 170 2.94 -33.42 13.56
C ILE D 170 2.79 -34.90 13.30
N ARG D 171 3.91 -35.59 13.12
CA ARG D 171 3.92 -37.04 12.96
C ARG D 171 4.87 -37.65 13.98
N LEU D 172 4.39 -38.61 14.74
CA LEU D 172 5.18 -39.32 15.74
C LEU D 172 5.47 -40.73 15.25
N HIS D 173 6.63 -41.23 15.64
CA HIS D 173 7.11 -42.55 15.26
C HIS D 173 7.39 -43.38 16.51
N PRO D 174 7.30 -44.71 16.42
CA PRO D 174 7.39 -45.53 17.64
C PRO D 174 8.69 -45.35 18.41
N ASP D 175 9.79 -45.01 17.73
CA ASP D 175 11.06 -44.84 18.41
C ASP D 175 11.22 -43.48 19.06
N GLY D 176 10.24 -42.60 18.94
CA GLY D 176 10.31 -41.28 19.51
C GLY D 176 10.64 -40.18 18.53
N THR D 177 10.74 -40.49 17.25
CA THR D 177 11.05 -39.49 16.24
C THR D 177 9.84 -38.60 15.97
N VAL D 178 10.07 -37.30 15.90
CA VAL D 178 9.05 -36.31 15.62
C VAL D 178 9.37 -35.65 14.28
N LEU D 179 8.37 -35.60 13.41
CA LEU D 179 8.41 -34.84 12.16
C LEU D 179 7.42 -33.69 12.27
N TYR D 180 7.92 -32.48 12.03
CA TYR D 180 7.17 -31.24 12.26
C TYR D 180 7.24 -30.41 10.99
N GLY D 181 6.11 -30.21 10.33
CA GLY D 181 6.06 -29.51 9.05
C GLY D 181 5.25 -28.24 9.14
N LEU D 182 5.72 -27.21 8.44
CA LEU D 182 5.03 -25.93 8.36
C LEU D 182 5.02 -25.46 6.92
N ARG D 183 4.05 -24.62 6.58
CA ARG D 183 4.02 -23.94 5.28
C ARG D 183 4.24 -22.46 5.54
N ILE D 184 5.39 -21.96 5.10
CA ILE D 184 5.89 -20.65 5.47
C ILE D 184 6.07 -19.81 4.22
N THR D 185 5.58 -18.57 4.27
CA THR D 185 5.85 -17.56 3.24
C THR D 185 6.72 -16.48 3.89
N THR D 186 7.97 -16.40 3.46
CA THR D 186 8.95 -15.51 4.06
C THR D 186 9.51 -14.56 3.02
N THR D 187 9.68 -13.30 3.40
CA THR D 187 10.31 -12.29 2.55
C THR D 187 11.73 -12.09 3.06
N ALA D 188 12.70 -12.69 2.39
CA ALA D 188 14.08 -12.65 2.83
C ALA D 188 14.85 -11.56 2.10
N ALA D 189 15.66 -10.82 2.85
CA ALA D 189 16.47 -9.76 2.27
C ALA D 189 17.60 -10.33 1.43
N CYS D 190 17.92 -9.62 0.35
CA CYS D 190 18.98 -10.06 -0.56
C CYS D 190 19.64 -8.80 -1.12
N MET D 191 20.79 -8.43 -0.58
CA MET D 191 21.56 -7.33 -1.14
C MET D 191 22.05 -7.71 -2.52
N MET D 192 21.87 -6.79 -3.48
CA MET D 192 22.17 -7.05 -4.87
CA MET D 192 22.17 -7.05 -4.87
C MET D 192 23.21 -6.07 -5.39
N ASP D 193 24.13 -6.57 -6.19
CA ASP D 193 25.16 -5.76 -6.83
C ASP D 193 24.70 -5.48 -8.25
N LEU D 194 24.13 -4.29 -8.45
CA LEU D 194 23.54 -3.91 -9.73
C LEU D 194 24.52 -3.23 -10.66
N ARG D 195 25.82 -3.40 -10.46
CA ARG D 195 26.80 -2.72 -11.31
C ARG D 195 26.76 -3.23 -12.73
N ARG D 196 26.28 -4.46 -12.95
CA ARG D 196 26.14 -5.02 -14.29
C ARG D 196 24.67 -5.13 -14.70
N TYR D 197 23.80 -4.37 -14.06
CA TYR D 197 22.38 -4.40 -14.38
C TYR D 197 22.16 -3.90 -15.80
N PRO D 198 21.25 -4.50 -16.57
CA PRO D 198 20.41 -5.65 -16.24
C PRO D 198 21.03 -6.98 -16.63
N LEU D 199 22.31 -7.00 -17.00
CA LEU D 199 23.00 -8.24 -17.34
C LEU D 199 23.68 -8.88 -16.13
N ASP D 200 23.16 -8.63 -14.93
CA ASP D 200 23.80 -9.05 -13.69
C ASP D 200 23.40 -10.49 -13.35
N GLU D 201 24.12 -11.04 -12.36
CA GLU D 201 23.85 -12.35 -11.82
C GLU D 201 23.88 -12.25 -10.30
N GLN D 202 22.74 -12.51 -9.66
CA GLN D 202 22.59 -12.30 -8.23
C GLN D 202 22.67 -13.62 -7.48
N ASN D 203 22.93 -13.50 -6.17
CA ASN D 203 23.06 -14.66 -5.29
C ASN D 203 22.26 -14.36 -4.03
N CYS D 204 21.10 -15.00 -3.90
CA CYS D 204 20.18 -14.74 -2.78
C CYS D 204 20.13 -15.96 -1.88
N THR D 205 20.29 -15.73 -0.58
CA THR D 205 20.43 -16.81 0.39
C THR D 205 19.28 -16.79 1.39
N LEU D 206 18.97 -17.96 1.91
CA LEU D 206 18.08 -18.13 3.05
C LEU D 206 18.88 -18.78 4.17
N GLU D 207 18.97 -18.11 5.30
CA GLU D 207 19.79 -18.55 6.43
C GLU D 207 18.88 -19.03 7.55
N ILE D 208 19.15 -20.22 8.05
CA ILE D 208 18.32 -20.90 9.04
C ILE D 208 19.19 -21.13 10.27
N GLU D 209 18.67 -20.75 11.44
CA GLU D 209 19.49 -20.81 12.65
C GLU D 209 18.60 -21.04 13.86
N SER D 210 19.18 -21.64 14.89
CA SER D 210 18.53 -21.74 16.18
C SER D 210 18.69 -20.42 16.93
N TYR D 211 17.63 -19.99 17.60
CA TYR D 211 17.66 -18.68 18.24
C TYR D 211 18.30 -18.72 19.63
N GLY D 212 17.77 -19.57 20.51
CA GLY D 212 18.22 -19.56 21.89
C GLY D 212 19.23 -20.63 22.23
N TYR D 213 19.17 -21.77 21.55
CA TYR D 213 20.04 -22.90 21.85
C TYR D 213 21.35 -22.80 21.08
N THR D 214 22.45 -23.11 21.76
CA THR D 214 23.75 -23.13 21.15
C THR D 214 24.05 -24.51 20.59
N THR D 215 25.27 -24.69 20.07
CA THR D 215 25.68 -25.99 19.54
C THR D 215 25.78 -27.05 20.62
N ASP D 216 25.89 -26.65 21.88
CA ASP D 216 25.88 -27.61 22.98
C ASP D 216 24.50 -28.21 23.20
N ASP D 217 23.46 -27.67 22.58
CA ASP D 217 22.09 -28.13 22.78
C ASP D 217 21.43 -28.64 21.52
N ILE D 218 21.64 -27.98 20.38
CA ILE D 218 20.98 -28.37 19.14
CA ILE D 218 20.97 -28.34 19.13
C ILE D 218 22.00 -28.31 18.01
N GLU D 219 21.89 -29.25 17.07
CA GLU D 219 22.71 -29.29 15.88
C GLU D 219 21.82 -29.43 14.66
N PHE D 220 22.22 -28.81 13.56
CA PHE D 220 21.46 -28.81 12.32
C PHE D 220 22.20 -29.61 11.25
N TYR D 221 21.43 -30.26 10.39
CA TYR D 221 21.99 -30.91 9.21
C TYR D 221 20.90 -31.02 8.17
N TRP D 222 21.30 -30.98 6.90
CA TRP D 222 20.36 -31.11 5.80
C TRP D 222 19.99 -32.58 5.66
N ARG D 223 18.74 -32.91 5.98
CA ARG D 223 18.30 -34.31 5.93
C ARG D 223 18.18 -34.74 4.47
N GLY D 224 19.05 -35.64 4.06
CA GLY D 224 19.12 -36.06 2.67
C GLY D 224 20.27 -35.49 1.89
N GLY D 225 21.17 -34.76 2.53
CA GLY D 225 22.32 -34.22 1.82
C GLY D 225 21.90 -33.18 0.81
N ASP D 226 22.42 -33.31 -0.42
CA ASP D 226 22.11 -32.38 -1.48
C ASP D 226 20.69 -32.51 -2.01
N LYS D 227 19.96 -33.53 -1.59
CA LYS D 227 18.57 -33.72 -1.97
C LYS D 227 17.60 -33.20 -0.91
N ALA D 228 18.09 -32.42 0.05
CA ALA D 228 17.23 -31.93 1.12
C ALA D 228 16.21 -30.91 0.61
N VAL D 229 16.58 -30.11 -0.39
CA VAL D 229 15.72 -29.08 -0.93
C VAL D 229 15.20 -29.54 -2.29
N THR D 230 13.88 -29.53 -2.46
CA THR D 230 13.25 -29.96 -3.70
C THR D 230 12.38 -28.85 -4.26
N GLY D 231 12.01 -29.00 -5.52
CA GLY D 231 11.14 -28.05 -6.18
C GLY D 231 11.84 -26.87 -6.80
N VAL D 232 13.17 -26.82 -6.77
CA VAL D 232 13.90 -25.68 -7.33
C VAL D 232 13.74 -25.64 -8.85
N GLU D 233 13.74 -26.80 -9.50
CA GLU D 233 13.61 -26.84 -10.95
C GLU D 233 12.23 -26.45 -11.43
N ARG D 234 11.23 -26.49 -10.56
CA ARG D 234 9.87 -26.11 -10.93
C ARG D 234 9.55 -24.65 -10.67
N ILE D 235 10.53 -23.86 -10.21
CA ILE D 235 10.30 -22.45 -9.93
C ILE D 235 10.22 -21.68 -11.23
N GLU D 236 9.18 -20.87 -11.38
CA GLU D 236 8.92 -20.12 -12.60
C GLU D 236 9.06 -18.63 -12.29
N LEU D 237 10.27 -18.10 -12.51
CA LEU D 237 10.50 -16.66 -12.38
C LEU D 237 10.47 -16.04 -13.76
N PRO D 238 9.54 -15.14 -14.05
CA PRO D 238 9.50 -14.52 -15.39
C PRO D 238 10.77 -13.75 -15.74
N GLN D 239 11.41 -13.13 -14.76
CA GLN D 239 12.54 -12.26 -15.02
C GLN D 239 13.89 -12.91 -14.76
N PHE D 240 13.93 -13.99 -14.00
CA PHE D 240 15.18 -14.65 -13.63
C PHE D 240 15.13 -16.12 -14.00
N SER D 241 16.32 -16.70 -14.16
CA SER D 241 16.49 -18.14 -14.28
C SER D 241 17.44 -18.61 -13.19
N ILE D 242 17.10 -19.72 -12.55
CA ILE D 242 17.87 -20.24 -11.43
C ILE D 242 18.99 -21.11 -11.99
N VAL D 243 20.20 -20.58 -11.96
CA VAL D 243 21.35 -21.30 -12.48
C VAL D 243 21.72 -22.47 -11.57
N GLU D 244 21.75 -22.23 -10.26
CA GLU D 244 22.25 -23.23 -9.33
C GLU D 244 21.72 -22.93 -7.94
N HIS D 245 21.68 -23.97 -7.10
CA HIS D 245 21.38 -23.81 -5.68
C HIS D 245 22.35 -24.64 -4.88
N ARG D 246 22.72 -24.14 -3.70
CA ARG D 246 23.71 -24.79 -2.84
C ARG D 246 23.19 -24.85 -1.41
N LEU D 247 23.58 -25.92 -0.73
CA LEU D 247 23.27 -26.14 0.67
C LEU D 247 24.56 -26.11 1.48
N VAL D 248 24.59 -25.32 2.54
CA VAL D 248 25.76 -25.17 3.38
C VAL D 248 25.35 -25.37 4.83
N SER D 249 26.19 -26.10 5.58
CA SER D 249 25.97 -26.32 7.01
C SER D 249 27.23 -25.93 7.74
N ARG D 250 27.09 -25.14 8.81
CA ARG D 250 28.26 -24.69 9.56
C ARG D 250 27.82 -24.21 10.93
N ASN D 251 28.75 -23.62 11.67
CA ASN D 251 28.49 -23.05 12.99
C ASN D 251 29.00 -21.62 13.02
N VAL D 252 28.23 -20.72 13.62
CA VAL D 252 28.56 -19.31 13.69
C VAL D 252 28.74 -18.92 15.15
N VAL D 253 29.82 -18.21 15.44
CA VAL D 253 30.16 -17.83 16.81
C VAL D 253 29.69 -16.40 17.06
N PHE D 254 28.90 -16.23 18.11
CA PHE D 254 28.51 -14.92 18.62
C PHE D 254 28.96 -14.83 20.09
N ALA D 255 28.71 -13.67 20.69
CA ALA D 255 29.11 -13.45 22.08
C ALA D 255 28.46 -14.45 23.03
N THR D 256 27.32 -15.02 22.66
CA THR D 256 26.63 -15.99 23.50
C THR D 256 27.02 -17.43 23.20
N GLY D 257 27.86 -17.68 22.20
CA GLY D 257 28.33 -19.02 21.93
C GLY D 257 28.21 -19.37 20.47
N ALA D 258 28.33 -20.66 20.16
CA ALA D 258 28.28 -21.16 18.80
C ALA D 258 26.88 -21.66 18.48
N TYR D 259 26.35 -21.27 17.33
CA TYR D 259 25.01 -21.61 16.91
C TYR D 259 25.04 -22.34 15.57
N PRO D 260 24.22 -23.37 15.41
CA PRO D 260 24.15 -24.05 14.11
C PRO D 260 23.57 -23.14 13.05
N ARG D 261 24.00 -23.35 11.81
CA ARG D 261 23.56 -22.51 10.71
C ARG D 261 23.44 -23.35 9.45
N LEU D 262 22.28 -23.27 8.81
CA LEU D 262 22.05 -23.83 7.50
C LEU D 262 21.84 -22.70 6.51
N SER D 263 22.23 -22.93 5.26
CA SER D 263 22.12 -21.91 4.23
C SER D 263 21.68 -22.55 2.93
N LEU D 264 20.65 -21.97 2.32
CA LEU D 264 20.18 -22.37 0.99
C LEU D 264 20.36 -21.18 0.08
N SER D 265 21.30 -21.27 -0.87
CA SER D 265 21.64 -20.14 -1.71
C SER D 265 21.27 -20.43 -3.16
N PHE D 266 20.66 -19.44 -3.82
CA PHE D 266 20.32 -19.53 -5.23
C PHE D 266 21.15 -18.53 -6.01
N ARG D 267 21.57 -18.93 -7.21
CA ARG D 267 22.20 -18.04 -8.17
C ARG D 267 21.20 -17.77 -9.29
N LEU D 268 20.76 -16.52 -9.39
CA LEU D 268 19.76 -16.10 -10.36
C LEU D 268 20.44 -15.33 -11.48
N LYS D 269 20.07 -15.64 -12.71
CA LYS D 269 20.55 -14.91 -13.88
C LYS D 269 19.38 -14.17 -14.50
N ARG D 270 19.55 -12.87 -14.69
CA ARG D 270 18.45 -12.02 -15.15
C ARG D 270 18.22 -12.21 -16.65
N ASN D 271 16.97 -12.43 -17.03
CA ASN D 271 16.62 -12.51 -18.44
C ASN D 271 16.65 -11.12 -19.07
N ILE D 272 17.26 -11.03 -20.24
CA ILE D 272 17.53 -9.72 -20.86
C ILE D 272 16.45 -9.30 -21.83
N GLY D 273 15.50 -10.18 -22.18
CA GLY D 273 14.54 -9.85 -23.21
C GLY D 273 13.68 -8.64 -22.86
N TYR D 274 13.25 -8.56 -21.60
CA TYR D 274 12.40 -7.44 -21.18
C TYR D 274 13.12 -6.12 -21.35
N PHE D 275 14.40 -6.06 -20.96
CA PHE D 275 15.14 -4.82 -21.05
C PHE D 275 15.54 -4.49 -22.49
N ILE D 276 15.69 -5.51 -23.34
CA ILE D 276 15.86 -5.24 -24.76
C ILE D 276 14.61 -4.58 -25.32
N LEU D 277 13.43 -5.11 -24.97
CA LEU D 277 12.20 -4.57 -25.50
C LEU D 277 11.80 -3.25 -24.86
N GLN D 278 12.32 -2.94 -23.67
CA GLN D 278 11.86 -1.78 -22.90
C GLN D 278 12.80 -0.60 -22.92
N THR D 279 14.12 -0.83 -22.91
CA THR D 279 15.06 0.27 -22.79
C THR D 279 15.99 0.39 -23.99
N TYR D 280 16.64 -0.71 -24.40
CA TYR D 280 17.66 -0.61 -25.43
C TYR D 280 17.06 -0.25 -26.78
N MET D 281 15.98 -0.92 -27.18
CA MET D 281 15.35 -0.60 -28.46
C MET D 281 14.85 0.82 -28.54
N PRO D 282 14.16 1.38 -27.54
CA PRO D 282 13.80 2.81 -27.64
C PRO D 282 14.99 3.72 -27.77
N SER D 283 16.11 3.42 -27.09
CA SER D 283 17.29 4.26 -27.21
C SER D 283 17.87 4.20 -28.62
N ILE D 284 17.94 3.00 -29.19
CA ILE D 284 18.44 2.87 -30.56
C ILE D 284 17.54 3.61 -31.53
N LEU D 285 16.21 3.50 -31.34
CA LEU D 285 15.28 4.18 -32.22
C LEU D 285 15.40 5.70 -32.11
N ILE D 286 15.60 6.20 -30.90
CA ILE D 286 15.77 7.64 -30.72
C ILE D 286 17.06 8.12 -31.37
N THR D 287 18.13 7.33 -31.25
CA THR D 287 19.38 7.70 -31.91
C THR D 287 19.22 7.74 -33.43
N ILE D 288 18.51 6.77 -33.99
CA ILE D 288 18.26 6.78 -35.43
C ILE D 288 17.41 7.98 -35.82
N LEU D 289 16.40 8.30 -35.00
CA LEU D 289 15.59 9.49 -35.24
C LEU D 289 16.45 10.74 -35.25
N SER D 290 17.44 10.81 -34.36
CA SER D 290 18.37 11.93 -34.38
C SER D 290 19.17 11.96 -35.67
N TRP D 291 19.62 10.79 -36.13
CA TRP D 291 20.35 10.73 -37.39
C TRP D 291 19.52 11.26 -38.55
N VAL D 292 18.20 11.09 -38.49
CA VAL D 292 17.33 11.49 -39.59
C VAL D 292 17.56 12.95 -39.99
N SER D 293 17.98 13.79 -39.04
CA SER D 293 18.16 15.20 -39.32
C SER D 293 19.25 15.48 -40.34
N PHE D 294 20.19 14.55 -40.53
CA PHE D 294 21.31 14.81 -41.43
C PHE D 294 20.89 14.85 -42.90
N TRP D 295 19.76 14.26 -43.24
CA TRP D 295 19.25 14.33 -44.61
C TRP D 295 18.31 15.50 -44.83
N ILE D 296 17.96 16.24 -43.78
CA ILE D 296 17.12 17.42 -43.92
C ILE D 296 18.00 18.60 -44.32
N ASN D 297 17.46 19.47 -45.17
CA ASN D 297 18.23 20.61 -45.63
CA ASN D 297 18.23 20.61 -45.63
C ASN D 297 18.57 21.53 -44.46
N TYR D 298 19.78 22.11 -44.51
CA TYR D 298 20.24 22.95 -43.41
C TYR D 298 19.48 24.25 -43.30
N ASP D 299 18.73 24.64 -44.34
CA ASP D 299 17.93 25.86 -44.23
C ASP D 299 16.69 25.65 -43.37
N ALA D 300 16.29 24.39 -43.13
CA ALA D 300 15.14 24.08 -42.29
C ALA D 300 15.59 24.05 -40.83
N SER D 301 15.84 25.25 -40.30
CA SER D 301 16.40 25.36 -38.96
C SER D 301 15.44 24.83 -37.91
N ALA D 302 14.16 25.19 -38.02
CA ALA D 302 13.19 24.73 -37.02
C ALA D 302 13.10 23.22 -36.98
N ALA D 303 13.08 22.58 -38.14
CA ALA D 303 12.93 21.12 -38.19
C ALA D 303 14.09 20.42 -37.51
N ARG D 304 15.32 20.78 -37.89
CA ARG D 304 16.48 20.08 -37.36
C ARG D 304 16.70 20.39 -35.88
N VAL D 305 16.46 21.64 -35.48
CA VAL D 305 16.56 21.98 -34.07
C VAL D 305 15.51 21.22 -33.26
N ALA D 306 14.30 21.09 -33.81
CA ALA D 306 13.26 20.32 -33.12
C ALA D 306 13.64 18.85 -33.01
N LEU D 307 14.22 18.28 -34.06
CA LEU D 307 14.68 16.90 -34.00
C LEU D 307 15.71 16.72 -32.89
N GLY D 308 16.71 17.60 -32.86
CA GLY D 308 17.74 17.50 -31.82
C GLY D 308 17.16 17.66 -30.43
N ILE D 309 16.28 18.65 -30.25
CA ILE D 309 15.69 18.89 -28.93
C ILE D 309 14.90 17.67 -28.47
N THR D 310 14.05 17.14 -29.34
CA THR D 310 13.20 16.03 -28.95
C THR D 310 14.02 14.80 -28.64
N THR D 311 15.05 14.51 -29.44
CA THR D 311 15.89 13.36 -29.16
C THR D 311 16.63 13.51 -27.83
N VAL D 312 17.20 14.69 -27.57
CA VAL D 312 17.93 14.90 -26.32
C VAL D 312 17.00 14.78 -25.12
N LEU D 313 15.84 15.42 -25.20
CA LEU D 313 14.89 15.38 -24.08
C LEU D 313 14.37 13.97 -23.86
N THR D 314 14.09 13.24 -24.94
CA THR D 314 13.61 11.87 -24.79
C THR D 314 14.66 10.99 -24.14
N MET D 315 15.93 11.16 -24.53
CA MET D 315 16.99 10.38 -23.91
C MET D 315 17.12 10.70 -22.42
N THR D 316 17.05 12.00 -22.07
CA THR D 316 17.14 12.36 -20.66
C THR D 316 15.97 11.81 -19.86
N THR D 317 14.76 11.87 -20.42
CA THR D 317 13.60 11.34 -19.71
C THR D 317 13.70 9.84 -19.54
N ILE D 318 14.19 9.13 -20.57
CA ILE D 318 14.37 7.69 -20.44
C ILE D 318 15.35 7.38 -19.33
N ASN D 319 16.47 8.09 -19.28
CA ASN D 319 17.47 7.86 -18.24
C ASN D 319 16.89 8.11 -16.86
N THR D 320 16.20 9.25 -16.69
CA THR D 320 15.66 9.58 -15.37
C THR D 320 14.60 8.60 -14.93
N HIS D 321 13.71 8.20 -15.85
CA HIS D 321 12.69 7.22 -15.50
C HIS D 321 13.30 5.89 -15.11
N LEU D 322 14.29 5.44 -15.87
CA LEU D 322 14.95 4.18 -15.53
C LEU D 322 15.60 4.25 -14.16
N ARG D 323 16.29 5.34 -13.86
CA ARG D 323 16.92 5.46 -12.55
C ARG D 323 15.86 5.52 -11.45
N GLU D 324 14.72 6.16 -11.70
CA GLU D 324 13.66 6.22 -10.70
C GLU D 324 13.06 4.84 -10.44
N THR D 325 13.01 3.98 -11.46
CA THR D 325 12.42 2.66 -11.26
C THR D 325 13.21 1.85 -10.23
N LEU D 326 14.54 1.90 -10.31
CA LEU D 326 15.44 1.15 -9.44
C LEU D 326 15.68 1.90 -8.13
N PRO D 327 16.17 1.21 -7.10
CA PRO D 327 16.49 1.89 -5.84
C PRO D 327 17.64 2.87 -6.01
N LYS D 328 17.67 3.87 -5.14
CA LYS D 328 18.69 4.91 -5.17
C LYS D 328 20.03 4.32 -4.80
N ILE D 329 20.91 4.17 -5.78
CA ILE D 329 22.25 3.64 -5.56
C ILE D 329 23.25 4.68 -6.06
N PRO D 330 24.43 4.80 -5.44
CA PRO D 330 25.38 5.86 -5.82
C PRO D 330 26.30 5.51 -6.98
N TYR D 331 26.31 4.28 -7.47
CA TYR D 331 27.23 3.88 -8.53
C TYR D 331 26.51 3.84 -9.87
N VAL D 332 27.28 3.60 -10.92
CA VAL D 332 26.79 3.63 -12.29
C VAL D 332 26.56 2.20 -12.77
N LYS D 333 25.40 1.96 -13.37
CA LYS D 333 25.04 0.65 -13.90
C LYS D 333 25.40 0.57 -15.38
N ALA D 334 25.38 -0.65 -15.91
CA ALA D 334 25.69 -0.85 -17.33
C ALA D 334 24.68 -0.15 -18.22
N ILE D 335 23.39 -0.28 -17.90
CA ILE D 335 22.36 0.37 -18.67
C ILE D 335 22.51 1.89 -18.58
N ASP D 336 22.97 2.40 -17.44
CA ASP D 336 23.27 3.82 -17.33
C ASP D 336 24.37 4.23 -18.28
N MET D 337 25.41 3.39 -18.41
CA MET D 337 26.47 3.69 -19.35
C MET D 337 25.95 3.73 -20.79
N TYR D 338 25.09 2.77 -21.14
CA TYR D 338 24.54 2.75 -22.49
C TYR D 338 23.69 3.99 -22.75
N LEU D 339 22.85 4.37 -21.78
CA LEU D 339 22.00 5.54 -21.97
C LEU D 339 22.82 6.81 -22.07
N MET D 340 23.89 6.93 -21.27
CA MET D 340 24.76 8.09 -21.37
C MET D 340 25.45 8.15 -22.72
N GLY D 341 25.87 7.00 -23.24
CA GLY D 341 26.44 6.99 -24.58
C GLY D 341 25.45 7.44 -25.65
N CYS D 342 24.21 6.96 -25.56
CA CYS D 342 23.20 7.39 -26.51
C CYS D 342 22.92 8.89 -26.40
N PHE D 343 22.89 9.41 -25.17
CA PHE D 343 22.71 10.84 -24.98
C PHE D 343 23.87 11.62 -25.61
N VAL D 344 25.10 11.12 -25.43
CA VAL D 344 26.24 11.77 -26.05
C VAL D 344 26.09 11.81 -27.56
N PHE D 345 25.63 10.71 -28.15
CA PHE D 345 25.47 10.66 -29.60
C PHE D 345 24.43 11.68 -30.08
N VAL D 346 23.27 11.73 -29.41
CA VAL D 346 22.23 12.64 -29.87
C VAL D 346 22.66 14.10 -29.65
N PHE D 347 23.35 14.38 -28.54
CA PHE D 347 23.84 15.73 -28.30
C PHE D 347 24.88 16.12 -29.32
N LEU D 348 25.73 15.18 -29.73
CA LEU D 348 26.71 15.46 -30.78
C LEU D 348 26.04 15.73 -32.10
N ALA D 349 24.93 15.02 -32.38
CA ALA D 349 24.18 15.32 -33.60
C ALA D 349 23.64 16.75 -33.58
N LEU D 350 23.07 17.16 -32.44
CA LEU D 350 22.57 18.52 -32.34
C LEU D 350 23.69 19.54 -32.46
N LEU D 351 24.84 19.28 -31.85
CA LEU D 351 25.97 20.18 -31.97
C LEU D 351 26.48 20.24 -33.40
N GLU D 352 26.43 19.11 -34.11
CA GLU D 352 26.82 19.10 -35.51
C GLU D 352 25.93 20.01 -36.33
N TYR D 353 24.61 19.94 -36.09
CA TYR D 353 23.73 20.85 -36.81
C TYR D 353 24.02 22.30 -36.42
N ALA D 354 24.33 22.55 -35.15
CA ALA D 354 24.63 23.91 -34.73
C ALA D 354 25.85 24.44 -35.47
N PHE D 355 26.89 23.62 -35.60
CA PHE D 355 28.08 24.02 -36.35
C PHE D 355 27.75 24.26 -37.82
N VAL D 356 26.94 23.39 -38.42
CA VAL D 356 26.56 23.55 -39.81
C VAL D 356 25.80 24.85 -40.02
N ASN D 357 24.87 25.15 -39.12
CA ASN D 357 24.11 26.40 -39.21
C ASN D 357 25.02 27.60 -39.01
N TYR D 358 26.02 27.46 -38.14
CA TYR D 358 26.94 28.57 -37.89
C TYR D 358 27.80 28.88 -39.11
N ILE D 359 28.25 27.85 -39.83
CA ILE D 359 29.21 28.05 -40.91
C ILE D 359 28.60 27.99 -42.30
N PHE D 360 27.29 27.74 -42.41
CA PHE D 360 26.72 27.49 -43.73
C PHE D 360 26.51 28.75 -44.54
N PHE D 361 26.59 29.93 -43.93
CA PHE D 361 26.43 31.15 -44.70
C PHE D 361 27.68 31.48 -45.51
N SER D 362 28.83 31.53 -44.85
CA SER D 362 30.07 31.86 -45.54
C SER D 362 30.60 30.70 -46.35
N GLN D 363 30.44 29.48 -45.85
CA GLN D 363 31.03 28.29 -46.46
C GLN D 363 29.97 27.21 -46.65
N PRO D 364 29.04 27.42 -47.59
CA PRO D 364 28.00 26.40 -47.81
C PRO D 364 28.54 25.05 -48.26
N ALA D 365 29.61 25.04 -49.05
CA ALA D 365 30.18 23.78 -49.50
C ALA D 365 30.71 22.97 -48.33
N ARG D 366 31.39 23.63 -47.39
CA ARG D 366 31.90 22.93 -46.22
C ARG D 366 30.76 22.38 -45.37
N ALA D 367 29.68 23.16 -45.23
CA ALA D 367 28.53 22.68 -44.47
C ALA D 367 27.90 21.45 -45.11
N ALA D 368 27.75 21.46 -46.44
CA ALA D 368 27.21 20.30 -47.13
C ALA D 368 28.12 19.10 -46.97
N ALA D 369 29.44 19.31 -47.06
CA ALA D 369 30.39 18.23 -46.86
C ALA D 369 30.29 17.67 -45.44
N ILE D 370 30.11 18.54 -44.46
CA ILE D 370 30.00 18.08 -43.07
C ILE D 370 28.75 17.24 -42.90
N ASP D 371 27.62 17.67 -43.47
CA ASP D 371 26.40 16.86 -43.39
C ASP D 371 26.59 15.51 -44.06
N ARG D 372 27.20 15.50 -45.25
CA ARG D 372 27.40 14.25 -45.98
C ARG D 372 28.31 13.31 -45.21
N TRP D 373 29.37 13.83 -44.60
CA TRP D 373 30.26 12.99 -43.81
C TRP D 373 29.58 12.48 -42.54
N SER D 374 28.76 13.33 -41.90
CA SER D 374 28.06 12.91 -40.69
C SER D 374 27.12 11.75 -40.99
N ARG D 375 26.46 11.79 -42.16
CA ARG D 375 25.52 10.73 -42.52
C ARG D 375 26.15 9.35 -42.46
N ILE D 376 27.47 9.27 -42.69
CA ILE D 376 28.19 8.01 -42.61
C ILE D 376 28.83 7.81 -41.25
N VAL D 377 29.39 8.88 -40.68
CA VAL D 377 30.19 8.75 -39.46
C VAL D 377 29.31 8.35 -38.29
N PHE D 378 28.15 8.98 -38.14
CA PHE D 378 27.32 8.69 -36.96
C PHE D 378 26.85 7.25 -36.90
N PRO D 379 26.26 6.67 -37.95
CA PRO D 379 25.87 5.24 -37.84
C PRO D 379 27.04 4.31 -37.59
N PHE D 380 28.18 4.56 -38.25
CA PHE D 380 29.34 3.69 -38.06
C PHE D 380 29.87 3.78 -36.63
N THR D 381 29.99 4.99 -36.10
CA THR D 381 30.49 5.16 -34.74
C THR D 381 29.53 4.55 -33.72
N PHE D 382 28.23 4.71 -33.95
CA PHE D 382 27.26 4.10 -33.03
C PHE D 382 27.31 2.59 -33.10
N SER D 383 27.51 2.04 -34.30
CA SER D 383 27.69 0.59 -34.42
C SER D 383 28.91 0.12 -33.65
N LEU D 384 30.02 0.86 -33.75
CA LEU D 384 31.21 0.49 -33.00
CA LEU D 384 31.21 0.48 -32.99
C LEU D 384 30.97 0.57 -31.50
N PHE D 385 30.27 1.61 -31.05
CA PHE D 385 29.97 1.76 -29.64
C PHE D 385 29.12 0.61 -29.13
N ASN D 386 28.09 0.24 -29.89
CA ASN D 386 27.26 -0.90 -29.49
C ASN D 386 28.07 -2.18 -29.47
N LEU D 387 28.96 -2.37 -30.46
CA LEU D 387 29.77 -3.58 -30.51
C LEU D 387 30.64 -3.69 -29.27
N VAL D 388 31.38 -2.63 -28.93
CA VAL D 388 32.27 -2.69 -27.78
C VAL D 388 31.49 -2.82 -26.49
N TYR D 389 30.33 -2.15 -26.39
CA TYR D 389 29.51 -2.26 -25.19
C TYR D 389 29.01 -3.68 -24.99
N TRP D 390 28.46 -4.29 -26.03
CA TRP D 390 27.91 -5.64 -25.89
C TRP D 390 29.00 -6.69 -25.76
N LEU D 391 30.22 -6.41 -26.24
CA LEU D 391 31.31 -7.33 -25.99
C LEU D 391 31.83 -7.21 -24.56
N TYR D 392 31.80 -6.00 -23.99
CA TYR D 392 32.29 -5.82 -22.63
C TYR D 392 31.41 -6.52 -21.60
N TYR D 393 30.09 -6.39 -21.75
CA TYR D 393 29.15 -6.89 -20.75
C TYR D 393 28.62 -8.29 -21.04
N VAL D 394 29.10 -8.93 -22.10
CA VAL D 394 28.69 -10.31 -22.38
C VAL D 394 29.93 -11.19 -22.56
N ASN E 58 19.90 -34.65 41.38
CA ASN E 58 21.35 -34.84 41.48
C ASN E 58 22.02 -34.73 40.11
N ASP E 59 21.70 -35.67 39.23
CA ASP E 59 22.32 -35.70 37.90
C ASP E 59 21.85 -34.52 37.06
N PRO E 60 22.76 -33.69 36.54
CA PRO E 60 22.32 -32.63 35.62
C PRO E 60 21.60 -33.15 34.39
N GLY E 61 21.98 -34.34 33.90
CA GLY E 61 21.30 -34.93 32.77
C GLY E 61 19.99 -35.61 33.09
N ASN E 62 19.63 -35.68 34.37
CA ASN E 62 18.37 -36.28 34.79
C ASN E 62 17.26 -35.27 34.55
N MET E 63 16.46 -35.49 33.50
CA MET E 63 15.44 -34.53 33.13
C MET E 63 14.36 -34.39 34.21
N SER E 64 14.09 -35.47 34.95
CA SER E 64 13.10 -35.38 36.02
C SER E 64 13.56 -34.42 37.12
N PHE E 65 14.84 -34.49 37.49
CA PHE E 65 15.36 -33.59 38.51
C PHE E 65 15.30 -32.14 38.06
N VAL E 66 15.65 -31.88 36.80
CA VAL E 66 15.61 -30.51 36.28
C VAL E 66 14.18 -30.01 36.20
N LYS E 67 13.25 -30.88 35.81
CA LYS E 67 11.84 -30.49 35.79
C LYS E 67 11.35 -30.15 37.20
N GLU E 68 11.74 -30.95 38.19
CA GLU E 68 11.39 -30.64 39.57
C GLU E 68 11.96 -29.31 40.01
N THR E 69 13.23 -29.04 39.65
CA THR E 69 13.85 -27.79 40.02
C THR E 69 13.14 -26.59 39.40
N VAL E 70 12.79 -26.70 38.11
CA VAL E 70 12.11 -25.60 37.44
C VAL E 70 10.72 -25.38 38.03
N ASP E 71 10.01 -26.47 38.32
CA ASP E 71 8.68 -26.35 38.93
C ASP E 71 8.78 -25.68 40.31
N LYS E 72 9.80 -26.05 41.09
CA LYS E 72 10.00 -25.40 42.38
C LYS E 72 10.31 -23.92 42.20
N LEU E 73 11.09 -23.58 41.17
CA LEU E 73 11.40 -22.18 40.90
C LEU E 73 10.13 -21.40 40.58
N LEU E 74 9.23 -21.98 39.79
CA LEU E 74 8.03 -21.27 39.36
C LEU E 74 6.85 -21.48 40.30
N LYS E 75 7.00 -22.26 41.36
CA LYS E 75 5.92 -22.45 42.32
C LYS E 75 5.89 -21.29 43.30
N GLY E 76 4.73 -20.66 43.43
CA GLY E 76 4.63 -19.46 44.24
C GLY E 76 5.20 -18.22 43.59
N TYR E 77 5.56 -18.29 42.31
CA TYR E 77 6.13 -17.15 41.61
C TYR E 77 5.02 -16.21 41.16
N ASP E 78 5.16 -14.94 41.47
CA ASP E 78 4.17 -13.93 41.12
C ASP E 78 4.75 -13.04 40.03
N ILE E 79 4.20 -13.13 38.83
CA ILE E 79 4.68 -12.33 37.72
C ILE E 79 4.33 -10.87 37.89
N ARG E 80 3.37 -10.54 38.76
CA ARG E 80 2.94 -9.16 38.96
C ARG E 80 3.94 -8.34 39.76
N LEU E 81 4.91 -8.98 40.41
CA LEU E 81 5.85 -8.30 41.28
C LEU E 81 7.25 -8.37 40.68
N ARG E 82 7.88 -7.21 40.54
CA ARG E 82 9.24 -7.14 40.03
C ARG E 82 10.21 -7.75 41.06
N PRO E 83 11.39 -8.17 40.61
CA PRO E 83 12.39 -8.66 41.58
C PRO E 83 12.73 -7.58 42.61
N ASP E 84 12.91 -8.03 43.85
CA ASP E 84 13.18 -7.13 44.97
C ASP E 84 12.10 -6.05 45.08
N PHE E 85 10.85 -6.46 45.00
CA PHE E 85 9.75 -5.52 45.12
C PHE E 85 9.78 -4.85 46.48
N GLY E 86 9.63 -3.53 46.48
CA GLY E 86 9.69 -2.77 47.72
C GLY E 86 11.09 -2.49 48.22
N GLY E 87 12.12 -2.94 47.52
CA GLY E 87 13.49 -2.70 47.93
C GLY E 87 14.25 -1.90 46.91
N PRO E 88 15.55 -2.17 46.78
CA PRO E 88 16.35 -1.44 45.82
C PRO E 88 15.90 -1.74 44.40
N PRO E 89 16.08 -0.79 43.48
CA PRO E 89 15.67 -1.04 42.10
C PRO E 89 16.49 -2.15 41.46
N VAL E 90 15.86 -2.84 40.51
CA VAL E 90 16.51 -3.91 39.76
C VAL E 90 17.19 -3.31 38.54
N CYS E 91 18.48 -3.60 38.39
CA CYS E 91 19.26 -3.07 37.28
C CYS E 91 19.13 -3.99 36.07
N VAL E 92 18.75 -3.41 34.93
CA VAL E 92 18.58 -4.14 33.68
C VAL E 92 19.62 -3.62 32.71
N GLY E 93 20.56 -4.48 32.32
CA GLY E 93 21.58 -4.14 31.35
C GLY E 93 21.17 -4.61 29.96
N MET E 94 21.36 -3.75 28.97
CA MET E 94 20.83 -4.00 27.64
C MET E 94 21.93 -4.01 26.60
N ASN E 95 21.83 -4.95 25.66
N ASN E 95 21.85 -4.94 25.66
CA ASN E 95 22.71 -5.08 24.52
CA ASN E 95 22.75 -4.94 24.51
C ASN E 95 21.88 -5.09 23.24
C ASN E 95 21.94 -5.14 23.25
N ILE E 96 22.45 -4.58 22.16
CA ILE E 96 21.80 -4.60 20.86
C ILE E 96 22.78 -5.11 19.83
N ASP E 97 22.37 -6.09 19.05
CA ASP E 97 23.12 -6.58 17.90
C ASP E 97 22.31 -6.19 16.66
N ILE E 98 22.74 -5.14 15.97
CA ILE E 98 21.97 -4.61 14.86
C ILE E 98 22.17 -5.50 13.65
N ALA E 99 21.11 -6.20 13.24
CA ALA E 99 21.22 -7.05 12.06
C ALA E 99 21.26 -6.22 10.78
N SER E 100 20.42 -5.20 10.69
CA SER E 100 20.36 -4.36 9.49
C SER E 100 19.55 -3.12 9.78
N ILE E 101 19.77 -2.10 8.97
CA ILE E 101 18.90 -0.92 8.89
C ILE E 101 18.23 -0.98 7.54
N ASP E 102 16.93 -1.31 7.54
CA ASP E 102 16.25 -1.66 6.30
C ASP E 102 16.19 -0.49 5.33
N MET E 103 15.69 0.65 5.80
CA MET E 103 15.52 1.79 4.90
C MET E 103 15.36 3.05 5.73
N VAL E 104 15.77 4.17 5.13
CA VAL E 104 15.63 5.49 5.72
C VAL E 104 14.76 6.32 4.79
N SER E 105 13.65 6.84 5.32
CA SER E 105 12.64 7.51 4.52
C SER E 105 12.57 8.98 4.90
N GLU E 106 12.94 9.86 3.97
CA GLU E 106 12.74 11.28 4.18
C GLU E 106 11.26 11.65 4.11
N VAL E 107 10.49 10.95 3.28
CA VAL E 107 9.07 11.25 3.13
C VAL E 107 8.32 10.99 4.43
N ASN E 108 8.60 9.85 5.05
CA ASN E 108 7.93 9.48 6.30
C ASN E 108 8.69 9.92 7.54
N MET E 109 9.90 10.44 7.39
CA MET E 109 10.72 10.89 8.52
C MET E 109 10.93 9.78 9.54
N ASP E 110 11.38 8.62 9.05
CA ASP E 110 11.61 7.48 9.94
C ASP E 110 12.58 6.52 9.26
N TYR E 111 13.04 5.55 10.04
CA TYR E 111 13.94 4.52 9.54
C TYR E 111 13.55 3.18 10.17
N THR E 112 13.79 2.11 9.43
CA THR E 112 13.48 0.76 9.91
C THR E 112 14.75 0.09 10.38
N LEU E 113 14.68 -0.57 11.53
CA LEU E 113 15.83 -1.17 12.18
C LEU E 113 15.47 -2.57 12.66
N THR E 114 16.33 -3.54 12.35
CA THR E 114 16.17 -4.91 12.81
C THR E 114 17.33 -5.26 13.73
N MET E 115 17.02 -5.83 14.88
CA MET E 115 18.06 -6.02 15.89
C MET E 115 17.75 -7.21 16.78
N TYR E 116 18.79 -7.69 17.43
CA TYR E 116 18.69 -8.61 18.55
C TYR E 116 18.85 -7.79 19.82
N PHE E 117 17.76 -7.64 20.57
CA PHE E 117 17.69 -6.82 21.77
C PHE E 117 17.71 -7.75 22.96
N GLN E 118 18.77 -7.67 23.77
CA GLN E 118 18.96 -8.57 24.89
C GLN E 118 18.95 -7.79 26.19
N GLN E 119 18.19 -8.27 27.16
CA GLN E 119 18.10 -7.68 28.48
C GLN E 119 18.67 -8.66 29.51
N TYR E 120 19.30 -8.10 30.54
CA TYR E 120 20.05 -8.84 31.53
CA TYR E 120 20.05 -8.84 31.53
C TYR E 120 19.67 -8.33 32.90
N TRP E 121 19.09 -9.19 33.74
CA TRP E 121 18.76 -8.75 35.08
C TRP E 121 18.91 -9.92 36.03
N ARG E 122 18.62 -9.67 37.31
CA ARG E 122 18.78 -10.69 38.34
C ARG E 122 17.47 -10.83 39.11
N ASP E 123 17.01 -12.07 39.27
CA ASP E 123 15.80 -12.39 40.00
C ASP E 123 16.15 -13.51 40.98
N LYS E 124 16.23 -13.16 42.27
CA LYS E 124 16.60 -14.15 43.27
C LYS E 124 15.58 -15.27 43.39
N ARG E 125 14.33 -15.04 42.96
CA ARG E 125 13.33 -16.10 42.99
C ARG E 125 13.66 -17.22 42.02
N LEU E 126 14.50 -16.96 41.02
CA LEU E 126 14.87 -17.96 40.03
C LEU E 126 16.23 -18.58 40.30
N ALA E 127 16.82 -18.31 41.46
CA ALA E 127 18.11 -18.91 41.80
C ALA E 127 17.93 -20.39 42.10
N TYR E 128 18.79 -21.22 41.51
CA TYR E 128 18.73 -22.66 41.71
C TYR E 128 20.13 -23.18 42.01
N SER E 129 20.18 -24.28 42.76
CA SER E 129 21.43 -24.89 43.16
C SER E 129 21.43 -26.36 42.78
N GLY E 130 22.63 -26.93 42.68
CA GLY E 130 22.79 -28.32 42.33
C GLY E 130 22.94 -28.59 40.85
N ILE E 131 22.73 -27.59 40.00
CA ILE E 131 22.89 -27.72 38.56
C ILE E 131 23.93 -26.70 38.11
N PRO E 132 25.16 -27.14 37.84
CA PRO E 132 26.22 -26.23 37.39
C PRO E 132 26.14 -25.89 35.90
N LEU E 133 24.94 -25.54 35.44
CA LEU E 133 24.71 -25.25 34.03
C LEU E 133 23.80 -24.04 33.91
N ASN E 134 23.88 -23.39 32.75
CA ASN E 134 22.97 -22.32 32.39
C ASN E 134 21.77 -22.93 31.68
N LEU E 135 20.58 -22.76 32.25
CA LEU E 135 19.38 -23.42 31.73
C LEU E 135 18.79 -22.57 30.61
N THR E 136 18.94 -23.02 29.37
CA THR E 136 18.32 -22.37 28.23
C THR E 136 16.92 -22.94 28.08
N LEU E 137 15.91 -22.19 28.50
CA LEU E 137 14.56 -22.73 28.52
C LEU E 137 13.82 -22.35 27.25
N ASP E 138 12.73 -23.07 27.00
CA ASP E 138 11.88 -22.76 25.85
C ASP E 138 11.28 -21.37 26.03
N ASN E 139 11.13 -20.65 24.92
CA ASN E 139 10.73 -19.25 24.99
C ASN E 139 9.36 -19.07 25.64
N ARG E 140 8.51 -20.09 25.58
CA ARG E 140 7.17 -19.97 26.15
C ARG E 140 7.22 -19.72 27.67
N VAL E 141 8.28 -20.17 28.33
CA VAL E 141 8.41 -19.92 29.76
C VAL E 141 8.47 -18.44 30.07
N ALA E 142 8.79 -17.60 29.08
CA ALA E 142 8.78 -16.16 29.29
C ALA E 142 7.39 -15.65 29.65
N ASP E 143 6.33 -16.36 29.25
CA ASP E 143 5.00 -15.96 29.64
C ASP E 143 4.72 -16.19 31.11
N GLN E 144 5.59 -16.92 31.82
CA GLN E 144 5.42 -17.24 33.22
C GLN E 144 6.44 -16.54 34.10
N LEU E 145 7.21 -15.60 33.55
CA LEU E 145 8.23 -14.88 34.29
C LEU E 145 7.95 -13.38 34.23
N TRP E 146 8.55 -12.66 35.17
CA TRP E 146 8.52 -11.20 35.12
C TRP E 146 9.60 -10.72 34.15
N VAL E 147 9.21 -9.87 33.22
CA VAL E 147 10.16 -9.26 32.28
C VAL E 147 9.97 -7.75 32.35
N PRO E 148 11.01 -6.96 32.10
CA PRO E 148 10.87 -5.51 32.16
C PRO E 148 9.91 -4.99 31.11
N ASP E 149 9.23 -3.90 31.43
CA ASP E 149 8.31 -3.26 30.50
C ASP E 149 9.06 -2.29 29.60
N THR E 150 10.12 -2.77 28.95
CA THR E 150 10.93 -1.93 28.08
C THR E 150 10.19 -1.62 26.80
N TYR E 151 10.20 -0.35 26.39
CA TYR E 151 9.58 0.05 25.14
C TYR E 151 10.46 1.11 24.48
N PHE E 152 10.15 1.41 23.24
CA PHE E 152 10.91 2.37 22.45
C PHE E 152 10.11 3.66 22.35
N LEU E 153 10.72 4.76 22.76
CA LEU E 153 10.00 6.02 22.90
C LEU E 153 9.51 6.55 21.56
N ASN E 154 10.35 6.49 20.53
CA ASN E 154 10.08 7.14 19.27
C ASN E 154 9.61 6.18 18.18
N ASP E 155 9.36 4.92 18.51
CA ASP E 155 8.93 3.97 17.50
C ASP E 155 7.49 4.26 17.07
N LYS E 156 7.16 3.80 15.87
CA LYS E 156 5.84 3.97 15.28
C LYS E 156 5.16 2.65 14.99
N LYS E 157 5.91 1.62 14.59
CA LYS E 157 5.36 0.30 14.34
C LYS E 157 6.49 -0.70 14.52
N SER E 158 6.43 -1.49 15.57
CA SER E 158 7.45 -2.49 15.85
C SER E 158 6.77 -3.82 16.14
N PHE E 159 7.47 -4.90 15.81
CA PHE E 159 6.94 -6.24 16.04
C PHE E 159 8.10 -7.18 16.38
N VAL E 160 7.75 -8.33 16.94
CA VAL E 160 8.69 -9.39 17.24
C VAL E 160 8.46 -10.52 16.25
N HIS E 161 9.54 -10.95 15.59
CA HIS E 161 9.42 -11.99 14.58
C HIS E 161 8.93 -13.29 15.20
N GLY E 162 8.04 -13.98 14.50
CA GLY E 162 7.38 -15.14 15.07
C GLY E 162 7.35 -16.38 14.19
N VAL E 163 8.39 -16.57 13.38
CA VAL E 163 8.52 -17.76 12.54
C VAL E 163 9.92 -18.31 12.74
N THR E 164 10.04 -19.61 13.01
CA THR E 164 8.92 -20.55 13.13
C THR E 164 8.19 -20.41 14.45
N VAL E 165 8.94 -20.05 15.50
CA VAL E 165 8.36 -19.73 16.79
C VAL E 165 8.64 -18.25 17.06
N LYS E 166 8.12 -17.74 18.16
CA LYS E 166 8.42 -16.36 18.54
C LYS E 166 9.92 -16.23 18.79
N ASN E 167 10.54 -15.25 18.14
CA ASN E 167 11.99 -15.09 18.18
C ASN E 167 12.38 -14.56 19.55
N ARG E 168 12.34 -15.45 20.53
CA ARG E 168 12.48 -15.11 21.93
C ARG E 168 13.40 -16.13 22.60
N MET E 169 14.26 -15.65 23.48
CA MET E 169 15.23 -16.50 24.18
C MET E 169 15.19 -16.21 25.67
N ILE E 170 15.07 -17.26 26.47
CA ILE E 170 15.14 -17.18 27.92
C ILE E 170 16.28 -18.08 28.39
N ARG E 171 17.24 -17.50 29.11
CA ARG E 171 18.34 -18.26 29.68
C ARG E 171 18.49 -17.89 31.14
N LEU E 172 18.53 -18.89 32.00
CA LEU E 172 18.69 -18.70 33.43
C LEU E 172 20.07 -19.15 33.87
N HIS E 173 20.55 -18.54 34.95
CA HIS E 173 21.84 -18.81 35.53
C HIS E 173 21.65 -19.20 36.99
N PRO E 174 22.61 -19.95 37.57
CA PRO E 174 22.40 -20.47 38.93
C PRO E 174 22.12 -19.39 39.97
N ASP E 175 22.70 -18.20 39.81
CA ASP E 175 22.49 -17.12 40.77
C ASP E 175 21.23 -16.32 40.50
N GLY E 176 20.29 -16.85 39.72
CA GLY E 176 19.05 -16.16 39.44
C GLY E 176 19.12 -15.14 38.33
N THR E 177 20.23 -15.08 37.60
CA THR E 177 20.36 -14.12 36.51
C THR E 177 19.57 -14.57 35.29
N VAL E 178 18.84 -13.65 34.69
CA VAL E 178 17.99 -13.91 33.53
C VAL E 178 18.52 -13.12 32.35
N LEU E 179 18.70 -13.81 31.23
CA LEU E 179 18.98 -13.22 29.93
C LEU E 179 17.78 -13.43 29.04
N TYR E 180 17.25 -12.33 28.48
CA TYR E 180 15.98 -12.34 27.74
C TYR E 180 16.20 -11.62 26.42
N GLY E 181 16.13 -12.37 25.32
CA GLY E 181 16.46 -11.82 24.01
C GLY E 181 15.27 -11.85 23.07
N LEU E 182 15.15 -10.80 22.25
CA LEU E 182 14.09 -10.69 21.27
C LEU E 182 14.66 -10.17 19.95
N ARG E 183 14.19 -10.73 18.84
CA ARG E 183 14.54 -10.19 17.53
C ARG E 183 13.42 -9.25 17.11
N ILE E 184 13.72 -7.96 17.05
CA ILE E 184 12.71 -6.92 16.91
C ILE E 184 13.00 -6.12 15.64
N THR E 185 11.94 -5.85 14.88
CA THR E 185 11.98 -4.91 13.77
C THR E 185 11.11 -3.72 14.12
N THR E 186 11.68 -2.52 14.11
CA THR E 186 11.01 -1.32 14.57
C THR E 186 11.21 -0.19 13.56
N THR E 187 10.13 0.54 13.29
CA THR E 187 10.18 1.73 12.45
C THR E 187 10.21 2.93 13.39
N ALA E 188 11.39 3.50 13.61
CA ALA E 188 11.58 4.58 14.55
C ALA E 188 11.56 5.92 13.80
N ALA E 189 10.81 6.88 14.34
CA ALA E 189 10.74 8.20 13.73
C ALA E 189 12.06 8.93 13.89
N CYS E 190 12.43 9.70 12.87
CA CYS E 190 13.66 10.49 12.88
C CYS E 190 13.38 11.79 12.14
N MET E 191 13.20 12.88 12.89
CA MET E 191 13.05 14.19 12.27
C MET E 191 14.35 14.60 11.60
N MET E 192 14.24 15.08 10.36
CA MET E 192 15.40 15.38 9.53
CA MET E 192 15.40 15.37 9.54
C MET E 192 15.38 16.83 9.10
N ASP E 193 16.55 17.46 9.13
CA ASP E 193 16.72 18.83 8.67
C ASP E 193 17.25 18.76 7.24
N LEU E 194 16.38 19.00 6.28
CA LEU E 194 16.71 18.88 4.86
C LEU E 194 17.15 20.20 4.25
N ARG E 195 17.62 21.15 5.06
CA ARG E 195 18.05 22.44 4.51
C ARG E 195 19.26 22.27 3.61
N ARG E 196 20.19 21.38 3.97
CA ARG E 196 21.37 21.11 3.16
C ARG E 196 21.21 19.86 2.30
N TYR E 197 19.98 19.39 2.12
CA TYR E 197 19.73 18.23 1.29
C TYR E 197 20.12 18.54 -0.16
N PRO E 198 20.72 17.58 -0.87
CA PRO E 198 21.07 16.21 -0.48
C PRO E 198 22.46 16.09 0.15
N LEU E 199 23.13 17.19 0.44
CA LEU E 199 24.43 17.15 1.12
C LEU E 199 24.30 17.20 2.63
N ASP E 200 23.14 16.80 3.16
CA ASP E 200 22.87 16.92 4.59
C ASP E 200 23.49 15.76 5.35
N GLU E 201 23.62 15.96 6.67
CA GLU E 201 24.07 14.93 7.60
C GLU E 201 23.03 14.83 8.70
N GLN E 202 22.48 13.63 8.88
CA GLN E 202 21.36 13.42 9.78
C GLN E 202 21.80 12.71 11.04
N ASN E 203 20.97 12.83 12.07
CA ASN E 203 21.22 12.19 13.36
C ASN E 203 19.93 11.50 13.78
N CYS E 204 19.94 10.17 13.76
CA CYS E 204 18.75 9.39 14.06
C CYS E 204 18.98 8.57 15.33
N THR E 205 18.04 8.65 16.26
CA THR E 205 18.19 8.03 17.56
C THR E 205 17.11 6.98 17.80
N LEU E 206 17.46 5.99 18.61
CA LEU E 206 16.52 5.02 19.16
C LEU E 206 16.51 5.21 20.67
N GLU E 207 15.33 5.46 21.22
CA GLU E 207 15.17 5.74 22.64
C GLU E 207 14.50 4.57 23.33
N ILE E 208 15.12 4.10 24.41
CA ILE E 208 14.68 2.93 25.16
C ILE E 208 14.30 3.39 26.56
N GLU E 209 13.11 3.01 27.01
CA GLU E 209 12.64 3.51 28.30
C GLU E 209 11.74 2.46 28.96
N SER E 210 11.68 2.51 30.28
CA SER E 210 10.69 1.73 31.02
C SER E 210 9.37 2.46 31.04
N TYR E 211 8.28 1.73 30.79
CA TYR E 211 6.98 2.38 30.65
C TYR E 211 6.32 2.67 31.99
N GLY E 212 6.35 1.70 32.91
CA GLY E 212 5.61 1.85 34.14
C GLY E 212 6.45 2.08 35.38
N TYR E 213 7.66 1.53 35.40
CA TYR E 213 8.50 1.59 36.59
C TYR E 213 9.39 2.82 36.54
N THR E 214 9.44 3.55 37.65
CA THR E 214 10.27 4.74 37.76
C THR E 214 11.69 4.32 38.17
N THR E 215 12.57 5.30 38.40
CA THR E 215 13.93 5.01 38.82
C THR E 215 14.00 4.42 40.22
N ASP E 216 12.91 4.47 40.99
CA ASP E 216 12.87 3.82 42.29
C ASP E 216 12.64 2.32 42.17
N ASP E 217 12.34 1.82 40.98
CA ASP E 217 12.04 0.40 40.78
C ASP E 217 12.93 -0.25 39.74
N ILE E 218 13.34 0.44 38.69
CA ILE E 218 14.15 -0.14 37.63
CA ILE E 218 14.13 -0.13 37.62
C ILE E 218 15.19 0.88 37.19
N GLU E 219 16.39 0.40 36.88
CA GLU E 219 17.47 1.21 36.35
C GLU E 219 18.08 0.54 35.14
N PHE E 220 18.36 1.32 34.11
CA PHE E 220 18.95 0.82 32.88
C PHE E 220 20.43 1.16 32.81
N TYR E 221 21.18 0.32 32.12
CA TYR E 221 22.56 0.63 31.79
C TYR E 221 22.95 -0.15 30.55
N TRP E 222 23.87 0.42 29.77
CA TRP E 222 24.38 -0.25 28.58
C TRP E 222 25.37 -1.31 29.03
N ARG E 223 24.96 -2.57 28.98
CA ARG E 223 25.83 -3.66 29.40
C ARG E 223 26.98 -3.82 28.43
N GLY E 224 28.21 -3.82 28.96
CA GLY E 224 29.38 -3.79 28.13
C GLY E 224 29.91 -2.42 27.80
N GLY E 225 29.22 -1.37 28.25
CA GLY E 225 29.72 -0.02 28.01
C GLY E 225 29.63 0.35 26.54
N ASP E 226 30.76 0.81 25.98
CA ASP E 226 30.78 1.24 24.60
C ASP E 226 30.56 0.09 23.63
N LYS E 227 30.80 -1.15 24.05
CA LYS E 227 30.58 -2.32 23.22
C LYS E 227 29.21 -2.93 23.42
N ALA E 228 28.26 -2.18 23.98
CA ALA E 228 26.92 -2.70 24.17
C ALA E 228 26.23 -2.96 22.84
N VAL E 229 26.43 -2.09 21.87
CA VAL E 229 25.79 -2.20 20.56
C VAL E 229 26.84 -2.64 19.55
N THR E 230 26.57 -3.73 18.85
CA THR E 230 27.47 -4.26 17.83
C THR E 230 26.74 -4.33 16.49
N GLY E 231 27.50 -4.66 15.45
CA GLY E 231 26.95 -4.78 14.13
C GLY E 231 26.77 -3.48 13.37
N VAL E 232 27.18 -2.35 13.95
CA VAL E 232 27.02 -1.07 13.28
C VAL E 232 27.93 -1.00 12.05
N GLU E 233 29.14 -1.57 12.15
CA GLU E 233 30.09 -1.49 11.04
C GLU E 233 29.67 -2.33 9.85
N ARG E 234 28.79 -3.31 10.04
CA ARG E 234 28.35 -4.17 8.96
C ARG E 234 27.08 -3.68 8.28
N ILE E 235 26.52 -2.55 8.73
CA ILE E 235 25.29 -2.03 8.13
C ILE E 235 25.58 -1.48 6.75
N GLU E 236 24.75 -1.86 5.78
CA GLU E 236 24.92 -1.46 4.39
C GLU E 236 23.73 -0.59 4.00
N LEU E 237 23.94 0.72 3.99
CA LEU E 237 22.95 1.67 3.51
C LEU E 237 23.37 2.19 2.15
N PRO E 238 22.59 1.92 1.09
CA PRO E 238 23.00 2.40 -0.24
C PRO E 238 23.13 3.91 -0.32
N GLN E 239 22.28 4.65 0.38
CA GLN E 239 22.25 6.11 0.27
C GLN E 239 23.02 6.81 1.39
N PHE E 240 23.26 6.15 2.52
CA PHE E 240 23.90 6.76 3.66
C PHE E 240 25.13 5.97 4.07
N SER E 241 26.02 6.66 4.77
CA SER E 241 27.16 6.02 5.43
C SER E 241 27.13 6.41 6.90
N ILE E 242 27.30 5.42 7.78
CA ILE E 242 27.22 5.64 9.22
C ILE E 242 28.57 6.17 9.69
N VAL E 243 28.63 7.48 9.95
CA VAL E 243 29.88 8.08 10.38
C VAL E 243 30.22 7.64 11.81
N GLU E 244 29.23 7.65 12.70
CA GLU E 244 29.49 7.40 14.11
C GLU E 244 28.20 6.96 14.78
N HIS E 245 28.33 6.27 15.91
CA HIS E 245 27.21 5.94 16.77
C HIS E 245 27.60 6.18 18.22
N ARG E 246 26.61 6.54 19.03
CA ARG E 246 26.83 6.90 20.42
C ARG E 246 25.77 6.27 21.30
N LEU E 247 26.15 6.01 22.56
CA LEU E 247 25.28 5.43 23.57
C LEU E 247 25.18 6.39 24.74
N VAL E 248 23.95 6.71 25.14
CA VAL E 248 23.69 7.65 26.22
C VAL E 248 22.78 6.99 27.24
N SER E 249 23.08 7.20 28.53
CA SER E 249 22.24 6.72 29.61
C SER E 249 21.89 7.89 30.52
N ARG E 250 20.63 8.02 30.88
CA ARG E 250 20.21 9.15 31.71
C ARG E 250 18.86 8.84 32.35
N ASN E 251 18.31 9.82 33.05
CA ASN E 251 16.98 9.74 33.65
C ASN E 251 16.16 10.93 33.19
N VAL E 252 14.89 10.68 32.87
CA VAL E 252 13.99 11.70 32.35
C VAL E 252 12.83 11.85 33.32
N VAL E 253 12.50 13.10 33.66
CA VAL E 253 11.45 13.39 34.63
C VAL E 253 10.16 13.70 33.88
N PHE E 254 9.12 12.92 34.15
CA PHE E 254 7.77 13.17 33.69
C PHE E 254 6.86 13.39 34.90
N ALA E 255 5.58 13.64 34.62
CA ALA E 255 4.63 13.96 35.68
C ALA E 255 4.51 12.84 36.71
N THR E 256 4.85 11.61 36.35
CA THR E 256 4.76 10.48 37.26
C THR E 256 6.09 10.10 37.91
N GLY E 257 7.17 10.82 37.60
CA GLY E 257 8.44 10.57 38.25
C GLY E 257 9.57 10.45 37.26
N ALA E 258 10.70 9.92 37.73
CA ALA E 258 11.90 9.81 36.92
C ALA E 258 12.00 8.39 36.35
N TYR E 259 12.20 8.30 35.04
CA TYR E 259 12.29 7.05 34.33
C TYR E 259 13.67 6.88 33.72
N PRO E 260 14.21 5.66 33.71
CA PRO E 260 15.49 5.43 33.05
C PRO E 260 15.36 5.57 31.54
N ARG E 261 16.44 5.98 30.90
CA ARG E 261 16.43 6.23 29.46
C ARG E 261 17.78 5.83 28.89
N LEU E 262 17.74 5.05 27.81
CA LEU E 262 18.92 4.75 27.01
C LEU E 262 18.70 5.32 25.61
N SER E 263 19.79 5.75 24.99
CA SER E 263 19.72 6.33 23.66
C SER E 263 20.84 5.76 22.80
N LEU E 264 20.47 5.26 21.63
CA LEU E 264 21.43 4.78 20.63
C LEU E 264 21.30 5.67 19.41
N SER E 265 22.29 6.51 19.15
CA SER E 265 22.21 7.48 18.09
C SER E 265 23.22 7.17 16.99
N PHE E 266 22.80 7.31 15.74
CA PHE E 266 23.67 7.21 14.58
C PHE E 266 23.74 8.56 13.90
N ARG E 267 24.92 8.89 13.36
CA ARG E 267 25.09 10.05 12.51
C ARG E 267 25.35 9.56 11.10
N LEU E 268 24.43 9.86 10.19
CA LEU E 268 24.47 9.36 8.82
C LEU E 268 24.86 10.49 7.87
N LYS E 269 25.78 10.20 6.96
CA LYS E 269 26.18 11.13 5.91
C LYS E 269 25.64 10.61 4.59
N ARG E 270 24.86 11.43 3.89
CA ARG E 270 24.21 11.00 2.67
C ARG E 270 25.21 10.96 1.52
N ASN E 271 25.21 9.85 0.79
CA ASN E 271 26.01 9.77 -0.44
C ASN E 271 25.43 10.68 -1.51
N ILE E 272 26.32 11.25 -2.32
CA ILE E 272 25.93 12.26 -3.30
C ILE E 272 25.90 11.71 -4.72
N GLY E 273 26.43 10.51 -4.96
CA GLY E 273 26.55 10.03 -6.33
C GLY E 273 25.22 9.90 -7.04
N TYR E 274 24.21 9.38 -6.34
CA TYR E 274 22.90 9.22 -6.96
C TYR E 274 22.34 10.57 -7.40
N PHE E 275 22.46 11.59 -6.55
CA PHE E 275 21.91 12.89 -6.90
C PHE E 275 22.76 13.61 -7.94
N ILE E 276 24.07 13.31 -7.97
CA ILE E 276 24.90 13.82 -9.05
C ILE E 276 24.43 13.25 -10.38
N LEU E 277 24.13 11.97 -10.43
CA LEU E 277 23.70 11.34 -11.67
C LEU E 277 22.23 11.59 -11.99
N GLN E 278 21.43 12.01 -11.03
CA GLN E 278 19.98 12.10 -11.20
C GLN E 278 19.46 13.53 -11.36
N THR E 279 20.03 14.49 -10.64
CA THR E 279 19.48 15.84 -10.65
C THR E 279 20.45 16.88 -11.17
N TYR E 280 21.70 16.87 -10.70
CA TYR E 280 22.64 17.93 -11.08
C TYR E 280 23.05 17.81 -12.54
N MET E 281 23.42 16.61 -12.97
CA MET E 281 23.84 16.44 -14.37
C MET E 281 22.74 16.77 -15.36
N PRO E 282 21.48 16.33 -15.18
CA PRO E 282 20.44 16.80 -16.10
C PRO E 282 20.30 18.31 -16.15
N SER E 283 20.41 18.98 -15.01
CA SER E 283 20.32 20.44 -15.01
C SER E 283 21.46 21.07 -15.79
N ILE E 284 22.68 20.57 -15.60
CA ILE E 284 23.83 21.11 -16.33
C ILE E 284 23.66 20.88 -17.82
N LEU E 285 23.20 19.69 -18.20
CA LEU E 285 23.01 19.39 -19.62
C LEU E 285 21.93 20.26 -20.23
N ILE E 286 20.85 20.53 -19.48
CA ILE E 286 19.80 21.41 -19.99
C ILE E 286 20.33 22.83 -20.14
N THR E 287 21.17 23.29 -19.21
CA THR E 287 21.75 24.62 -19.34
C THR E 287 22.66 24.72 -20.56
N ILE E 288 23.45 23.69 -20.83
CA ILE E 288 24.29 23.68 -22.03
C ILE E 288 23.41 23.67 -23.28
N LEU E 289 22.32 22.89 -23.24
CA LEU E 289 21.37 22.89 -24.34
C LEU E 289 20.81 24.28 -24.59
N SER E 290 20.53 25.02 -23.52
CA SER E 290 20.09 26.40 -23.68
C SER E 290 21.17 27.26 -24.32
N TRP E 291 22.43 27.06 -23.91
CA TRP E 291 23.52 27.82 -24.52
C TRP E 291 23.64 27.55 -26.00
N VAL E 292 23.23 26.36 -26.45
CA VAL E 292 23.37 25.99 -27.85
C VAL E 292 22.75 27.03 -28.78
N SER E 293 21.66 27.68 -28.33
CA SER E 293 20.95 28.62 -29.18
C SER E 293 21.79 29.85 -29.55
N PHE E 294 22.85 30.14 -28.80
CA PHE E 294 23.64 31.33 -29.08
C PHE E 294 24.37 31.24 -30.42
N TRP E 295 24.72 30.02 -30.84
CA TRP E 295 25.38 29.83 -32.12
C TRP E 295 24.41 29.72 -33.28
N ILE E 296 23.12 29.57 -33.02
CA ILE E 296 22.12 29.54 -34.07
C ILE E 296 21.88 30.96 -34.55
N ASN E 297 21.64 31.10 -35.85
CA ASN E 297 21.40 32.43 -36.42
CA ASN E 297 21.39 32.42 -36.43
C ASN E 297 20.12 33.02 -35.84
N TYR E 298 20.14 34.34 -35.64
CA TYR E 298 19.00 35.00 -35.02
C TYR E 298 17.78 35.06 -35.93
N ASP E 299 17.93 34.80 -37.23
CA ASP E 299 16.77 34.77 -38.10
C ASP E 299 15.95 33.50 -37.90
N ALA E 300 16.53 32.46 -37.31
CA ALA E 300 15.82 31.22 -37.03
C ALA E 300 15.03 31.37 -35.73
N SER E 301 13.95 32.16 -35.82
CA SER E 301 13.20 32.52 -34.64
C SER E 301 12.57 31.30 -33.98
N ALA E 302 11.96 30.43 -34.78
CA ALA E 302 11.28 29.26 -34.23
C ALA E 302 12.27 28.34 -33.50
N ALA E 303 13.45 28.14 -34.09
CA ALA E 303 14.42 27.23 -33.49
C ALA E 303 14.89 27.73 -32.13
N ARG E 304 15.30 29.00 -32.05
CA ARG E 304 15.84 29.53 -30.81
C ARG E 304 14.74 29.67 -29.74
N VAL E 305 13.55 30.08 -30.15
CA VAL E 305 12.44 30.16 -29.20
C VAL E 305 12.09 28.77 -28.68
N ALA E 306 12.13 27.76 -29.55
CA ALA E 306 11.87 26.40 -29.12
C ALA E 306 12.92 25.92 -28.13
N LEU E 307 14.19 26.23 -28.39
CA LEU E 307 15.24 25.86 -27.45
C LEU E 307 15.00 26.49 -26.10
N GLY E 308 14.69 27.79 -26.08
CA GLY E 308 14.42 28.47 -24.82
C GLY E 308 13.24 27.87 -24.08
N ILE E 309 12.13 27.65 -24.80
CA ILE E 309 10.93 27.12 -24.18
C ILE E 309 11.19 25.74 -23.59
N THR E 310 11.84 24.87 -24.36
CA THR E 310 12.07 23.51 -23.89
C THR E 310 12.98 23.50 -22.69
N THR E 311 14.05 24.30 -22.71
CA THR E 311 14.94 24.34 -21.55
C THR E 311 14.23 24.85 -20.30
N VAL E 312 13.45 25.93 -20.45
CA VAL E 312 12.74 26.49 -19.30
C VAL E 312 11.75 25.49 -18.74
N LEU E 313 10.96 24.87 -19.61
CA LEU E 313 9.94 23.93 -19.14
C LEU E 313 10.57 22.70 -18.52
N THR E 314 11.67 22.20 -19.09
CA THR E 314 12.35 21.06 -18.51
C THR E 314 12.88 21.38 -17.13
N MET E 315 13.47 22.57 -16.97
CA MET E 315 13.96 22.95 -15.65
C MET E 315 12.82 23.03 -14.63
N THR E 316 11.69 23.63 -15.04
CA THR E 316 10.56 23.72 -14.12
C THR E 316 10.03 22.35 -13.74
N THR E 317 9.91 21.45 -14.72
CA THR E 317 9.40 20.11 -14.42
C THR E 317 10.36 19.35 -13.50
N ILE E 318 11.67 19.49 -13.73
CA ILE E 318 12.63 18.84 -12.85
C ILE E 318 12.48 19.34 -11.43
N ASN E 319 12.39 20.66 -11.26
CA ASN E 319 12.26 21.23 -9.93
C ASN E 319 10.99 20.76 -9.24
N THR E 320 9.86 20.80 -9.96
CA THR E 320 8.60 20.41 -9.36
C THR E 320 8.57 18.94 -8.99
N HIS E 321 9.08 18.08 -9.87
CA HIS E 321 9.11 16.65 -9.57
C HIS E 321 9.99 16.37 -8.36
N LEU E 322 11.17 17.00 -8.29
CA LEU E 322 12.04 16.77 -7.15
C LEU E 322 11.39 17.22 -5.85
N ARG E 323 10.73 18.39 -5.87
CA ARG E 323 10.04 18.83 -4.66
C ARG E 323 8.89 17.90 -4.31
N GLU E 324 8.21 17.34 -5.30
CA GLU E 324 7.12 16.41 -5.00
C GLU E 324 7.61 15.11 -4.40
N THR E 325 8.81 14.66 -4.77
CA THR E 325 9.34 13.43 -4.20
C THR E 325 9.53 13.54 -2.70
N LEU E 326 10.03 14.69 -2.23
CA LEU E 326 10.30 14.91 -0.82
C LEU E 326 9.04 15.35 -0.08
N PRO E 327 9.04 15.27 1.25
CA PRO E 327 7.88 15.74 2.02
C PRO E 327 7.70 17.25 1.89
N LYS E 328 6.48 17.70 2.17
CA LYS E 328 6.10 19.10 1.99
C LYS E 328 6.72 19.93 3.11
N ILE E 329 8.00 20.23 2.96
CA ILE E 329 8.72 21.09 3.90
C ILE E 329 8.53 22.54 3.47
N PRO E 330 8.41 23.48 4.40
CA PRO E 330 8.13 24.87 4.04
C PRO E 330 9.35 25.73 3.74
N TYR E 331 10.55 25.17 3.71
CA TYR E 331 11.77 25.93 3.50
C TYR E 331 12.42 25.54 2.18
N VAL E 332 13.58 26.12 1.91
CA VAL E 332 14.30 25.95 0.67
C VAL E 332 15.53 25.08 0.93
N LYS E 333 15.74 24.07 0.09
CA LYS E 333 16.87 23.18 0.20
C LYS E 333 18.02 23.65 -0.69
N ALA E 334 19.17 22.99 -0.54
CA ALA E 334 20.33 23.32 -1.36
C ALA E 334 20.07 23.02 -2.83
N ILE E 335 19.52 21.84 -3.11
CA ILE E 335 19.23 21.48 -4.49
C ILE E 335 18.17 22.40 -5.07
N ASP E 336 17.24 22.89 -4.24
CA ASP E 336 16.29 23.90 -4.71
C ASP E 336 17.03 25.17 -5.14
N MET E 337 18.03 25.58 -4.38
CA MET E 337 18.82 26.75 -4.78
C MET E 337 19.52 26.51 -6.10
N TYR E 338 20.11 25.33 -6.28
CA TYR E 338 20.79 25.03 -7.53
C TYR E 338 19.83 25.03 -8.71
N LEU E 339 18.65 24.42 -8.53
CA LEU E 339 17.68 24.36 -9.62
C LEU E 339 17.15 25.76 -9.95
N MET E 340 16.94 26.60 -8.94
CA MET E 340 16.51 27.97 -9.21
C MET E 340 17.59 28.75 -9.94
N GLY E 341 18.86 28.55 -9.60
CA GLY E 341 19.92 29.19 -10.35
C GLY E 341 19.96 28.75 -11.80
N CYS E 342 19.80 27.45 -12.04
CA CYS E 342 19.78 26.96 -13.42
C CYS E 342 18.58 27.51 -14.19
N PHE E 343 17.42 27.59 -13.53
CA PHE E 343 16.26 28.19 -14.17
C PHE E 343 16.50 29.65 -14.52
N VAL E 344 17.14 30.39 -13.61
CA VAL E 344 17.47 31.77 -13.90
C VAL E 344 18.36 31.86 -15.12
N PHE E 345 19.34 30.96 -15.23
CA PHE E 345 20.25 31.00 -16.37
C PHE E 345 19.52 30.72 -17.68
N VAL E 346 18.65 29.70 -17.70
CA VAL E 346 17.97 29.37 -18.95
C VAL E 346 16.97 30.47 -19.32
N PHE E 347 16.30 31.06 -18.32
CA PHE E 347 15.40 32.16 -18.58
C PHE E 347 16.14 33.37 -19.12
N LEU E 348 17.35 33.62 -18.59
CA LEU E 348 18.16 34.72 -19.11
C LEU E 348 18.60 34.46 -20.54
N ALA E 349 18.88 33.20 -20.88
CA ALA E 349 19.21 32.89 -22.27
C ALA E 349 18.03 33.19 -23.19
N LEU E 350 16.82 32.79 -22.78
CA LEU E 350 15.65 33.07 -23.60
C LEU E 350 15.41 34.58 -23.72
N LEU E 351 15.56 35.32 -22.62
CA LEU E 351 15.40 36.76 -22.67
C LEU E 351 16.47 37.41 -23.53
N GLU E 352 17.68 36.87 -23.53
CA GLU E 352 18.73 37.39 -24.40
C GLU E 352 18.33 37.22 -25.86
N TYR E 353 17.78 36.06 -26.22
CA TYR E 353 17.30 35.92 -27.58
C TYR E 353 16.16 36.87 -27.88
N ALA E 354 15.27 37.10 -26.90
CA ALA E 354 14.18 38.03 -27.12
C ALA E 354 14.71 39.43 -27.41
N PHE E 355 15.72 39.86 -26.66
CA PHE E 355 16.34 41.16 -26.90
C PHE E 355 17.00 41.22 -28.28
N VAL E 356 17.70 40.14 -28.66
CA VAL E 356 18.33 40.10 -29.97
C VAL E 356 17.30 40.19 -31.07
N ASN E 357 16.20 39.45 -30.95
CA ASN E 357 15.14 39.50 -31.95
C ASN E 357 14.45 40.84 -31.97
N TYR E 358 14.41 41.54 -30.83
CA TYR E 358 13.80 42.85 -30.79
C TYR E 358 14.66 43.88 -31.51
N ILE E 359 15.98 43.84 -31.32
CA ILE E 359 16.84 44.91 -31.82
C ILE E 359 17.60 44.53 -33.08
N PHE E 360 17.38 43.33 -33.63
CA PHE E 360 18.22 42.87 -34.72
C PHE E 360 17.83 43.44 -36.07
N PHE E 361 16.66 44.06 -36.19
CA PHE E 361 16.24 44.60 -37.48
C PHE E 361 16.98 45.90 -37.79
N SER E 362 16.89 46.88 -36.88
CA SER E 362 17.54 48.16 -37.11
C SER E 362 19.03 48.11 -36.86
N GLN E 363 19.48 47.28 -35.93
CA GLN E 363 20.89 47.25 -35.50
C GLN E 363 21.41 45.81 -35.55
N PRO E 364 21.62 45.26 -36.75
CA PRO E 364 22.13 43.88 -36.82
C PRO E 364 23.50 43.71 -36.19
N ALA E 365 24.37 44.72 -36.28
CA ALA E 365 25.70 44.62 -35.70
C ALA E 365 25.62 44.47 -34.19
N ARG E 366 24.74 45.24 -33.55
CA ARG E 366 24.59 45.14 -32.10
C ARG E 366 24.06 43.77 -31.71
N ALA E 367 23.14 43.21 -32.49
CA ALA E 367 22.62 41.88 -32.19
C ALA E 367 23.70 40.81 -32.32
N ALA E 368 24.50 40.89 -33.38
CA ALA E 368 25.60 39.93 -33.53
C ALA E 368 26.60 40.07 -32.39
N ALA E 369 26.91 41.30 -31.99
CA ALA E 369 27.81 41.50 -30.87
C ALA E 369 27.24 40.92 -29.58
N ILE E 370 25.94 41.09 -29.36
CA ILE E 370 25.31 40.55 -28.16
C ILE E 370 25.38 39.03 -28.16
N ASP E 371 25.11 38.39 -29.30
CA ASP E 371 25.22 36.94 -29.37
C ASP E 371 26.65 36.47 -29.10
N ARG E 372 27.62 37.14 -29.72
CA ARG E 372 29.02 36.75 -29.54
C ARG E 372 29.46 36.92 -28.09
N TRP E 373 29.02 38.00 -27.44
CA TRP E 373 29.36 38.19 -26.04
C TRP E 373 28.65 37.18 -25.14
N SER E 374 27.41 36.83 -25.46
CA SER E 374 26.69 35.85 -24.66
C SER E 374 27.38 34.50 -24.70
N ARG E 375 27.91 34.12 -25.87
CA ARG E 375 28.57 32.82 -26.02
C ARG E 375 29.69 32.63 -25.01
N ILE E 376 30.32 33.72 -24.57
CA ILE E 376 31.37 33.66 -23.57
C ILE E 376 30.84 33.93 -22.18
N VAL E 377 29.91 34.88 -22.04
CA VAL E 377 29.46 35.29 -20.72
C VAL E 377 28.70 34.17 -20.02
N PHE E 378 27.78 33.52 -20.74
CA PHE E 378 26.94 32.53 -20.08
C PHE E 378 27.73 31.34 -19.54
N PRO E 379 28.60 30.68 -20.31
CA PRO E 379 29.38 29.57 -19.72
C PRO E 379 30.25 29.99 -18.55
N PHE E 380 30.87 31.17 -18.65
CA PHE E 380 31.76 31.63 -17.58
C PHE E 380 30.97 31.93 -16.30
N THR E 381 29.85 32.64 -16.43
CA THR E 381 29.04 32.95 -15.26
C THR E 381 28.46 31.69 -14.64
N PHE E 382 28.05 30.73 -15.47
CA PHE E 382 27.54 29.48 -14.92
C PHE E 382 28.63 28.70 -14.20
N SER E 383 29.86 28.72 -14.75
CA SER E 383 30.97 28.08 -14.04
C SER E 383 31.22 28.74 -12.70
N LEU E 384 31.16 30.07 -12.64
CA LEU E 384 31.34 30.77 -11.38
CA LEU E 384 31.34 30.77 -11.38
C LEU E 384 30.24 30.41 -10.40
N PHE E 385 28.99 30.33 -10.88
CA PHE E 385 27.88 29.97 -10.02
C PHE E 385 28.05 28.57 -9.45
N ASN E 386 28.46 27.62 -10.28
CA ASN E 386 28.70 26.26 -9.78
C ASN E 386 29.85 26.25 -8.78
N LEU E 387 30.91 27.01 -9.06
CA LEU E 387 32.04 27.05 -8.14
C LEU E 387 31.63 27.55 -6.76
N VAL E 388 30.91 28.68 -6.72
CA VAL E 388 30.52 29.23 -5.42
C VAL E 388 29.51 28.33 -4.74
N TYR E 389 28.60 27.72 -5.50
CA TYR E 389 27.62 26.82 -4.91
C TYR E 389 28.29 25.61 -4.26
N TRP E 390 29.25 25.00 -4.95
CA TRP E 390 29.89 23.82 -4.40
C TRP E 390 30.83 24.19 -3.26
N LEU E 391 31.45 25.37 -3.29
CA LEU E 391 32.25 25.79 -2.16
C LEU E 391 31.38 26.02 -0.92
N TYR E 392 30.19 26.60 -1.11
CA TYR E 392 29.35 26.92 0.03
C TYR E 392 28.86 25.66 0.74
N TYR E 393 28.44 24.65 -0.01
CA TYR E 393 27.83 23.45 0.57
C TYR E 393 28.83 22.31 0.79
N VAL E 394 30.11 22.52 0.49
CA VAL E 394 31.12 21.51 0.80
C VAL E 394 32.27 22.15 1.57
C1 NAG F . -13.50 22.86 16.77
C2 NAG F . -13.11 23.81 17.89
C3 NAG F . -13.76 23.39 19.20
C4 NAG F . -15.27 23.23 19.02
C5 NAG F . -15.56 22.31 17.84
C6 NAG F . -17.03 22.19 17.52
C7 NAG F . -10.99 24.91 18.52
C8 NAG F . -9.50 24.76 18.61
N2 NAG F . -11.66 23.85 18.04
O3 NAG F . -13.50 24.36 20.20
O4 NAG F . -15.82 22.61 20.18
O5 NAG F . -14.92 22.82 16.66
O6 NAG F . -17.57 23.45 17.12
O7 NAG F . -11.57 25.94 18.87
C1 NAG F . -16.66 23.52 20.91
C2 NAG F . -17.73 22.68 21.61
C3 NAG F . -18.62 23.58 22.46
C4 NAG F . -17.77 24.38 23.44
C5 NAG F . -16.70 25.15 22.67
C6 NAG F . -15.74 25.89 23.57
C7 NAG F . -18.47 20.62 20.51
C8 NAG F . -19.36 20.02 19.45
N2 NAG F . -18.52 21.95 20.63
O3 NAG F . -19.55 22.77 23.17
O4 NAG F . -18.58 25.27 24.17
O5 NAG F . -15.91 24.25 21.89
O6 NAG F . -14.69 26.50 22.82
O7 NAG F . -17.75 19.93 21.21
C1 BMA F . -18.57 24.88 25.56
C2 BMA F . -19.06 26.05 26.39
C3 BMA F . -19.10 25.69 27.86
C4 BMA F . -19.94 24.43 28.07
C5 BMA F . -19.44 23.30 27.16
C6 BMA F . -20.32 22.08 27.21
O2 BMA F . -20.35 26.45 25.95
O3 BMA F . -19.65 26.75 28.63
O4 BMA F . -19.84 24.00 29.42
O5 BMA F . -19.43 23.76 25.79
O6 BMA F . -21.66 22.41 26.86
C1 MAN F . -18.73 27.87 28.61
C2 MAN F . -18.43 28.27 30.05
C3 MAN F . -19.70 28.80 30.72
C4 MAN F . -20.31 29.92 29.89
C5 MAN F . -20.52 29.45 28.45
C6 MAN F . -21.03 30.54 27.54
O2 MAN F . -17.42 29.28 30.07
O3 MAN F . -19.40 29.26 32.02
O4 MAN F . -21.56 30.31 30.44
O5 MAN F . -19.28 28.99 27.90
O6 MAN F . -21.21 30.06 26.22
C1 MAN F . -22.52 21.31 27.22
C2 MAN F . -23.77 21.38 26.34
C3 MAN F . -24.56 22.63 26.64
C4 MAN F . -24.88 22.71 28.13
C5 MAN F . -23.59 22.59 28.95
C6 MAN F . -23.84 22.54 30.43
O2 MAN F . -24.56 20.23 26.55
O3 MAN F . -25.76 22.65 25.89
O4 MAN F . -25.50 23.96 28.44
O5 MAN F . -22.90 21.37 28.59
O6 MAN F . -22.61 22.38 31.16
C1 NAG G . 1.48 7.67 45.50
C2 NAG G . 2.48 8.50 46.29
C3 NAG G . 1.80 9.75 46.85
C4 NAG G . 1.11 10.52 45.73
C5 NAG G . 0.16 9.59 44.98
C6 NAG G . -0.49 10.25 43.79
C7 NAG G . 4.39 7.65 47.58
C8 NAG G . 4.82 6.80 48.74
N2 NAG G . 3.07 7.73 47.37
O3 NAG G . 2.77 10.58 47.49
O4 NAG G . 0.37 11.61 46.28
O5 NAG G . 0.89 8.47 44.47
O6 NAG G . 0.48 10.75 42.87
O7 NAG G . 5.20 8.24 46.86
C1 NAG G . 0.87 12.85 45.76
C2 NAG G . -0.04 13.98 46.25
C3 NAG G . 0.47 15.33 45.77
C4 NAG G . 1.93 15.50 46.17
C5 NAG G . 2.76 14.32 45.67
C6 NAG G . 4.20 14.38 46.11
C7 NAG G . -2.28 13.01 46.51
C8 NAG G . -3.65 12.89 45.91
N2 NAG G . -1.41 13.75 45.81
O3 NAG G . -0.32 16.36 46.33
O4 NAG G . 2.45 16.71 45.63
O5 NAG G . 2.21 13.10 46.19
O6 NAG G . 4.94 13.28 45.59
O7 NAG G . -1.98 12.46 47.56
C1 NAG H . -31.05 -1.40 -4.52
C2 NAG H . -32.31 -0.72 -4.04
C3 NAG H . -33.11 -1.67 -3.13
C4 NAG H . -33.34 -3.01 -3.82
C5 NAG H . -32.01 -3.57 -4.33
C6 NAG H . -32.19 -4.83 -5.16
C7 NAG H . -32.85 1.55 -3.26
C8 NAG H . -32.36 2.74 -2.49
N2 NAG H . -32.00 0.51 -3.33
O3 NAG H . -34.36 -1.07 -2.80
O4 NAG H . -33.85 -3.94 -2.88
O5 NAG H . -31.37 -2.61 -5.19
O6 NAG H . -32.94 -4.57 -6.33
O7 NAG H . -33.96 1.52 -3.78
C1 NAG H . -35.23 -4.26 -3.14
C2 NAG H . -35.47 -5.68 -2.63
C3 NAG H . -36.93 -6.06 -2.82
C4 NAG H . -37.83 -5.03 -2.14
C5 NAG H . -37.50 -3.63 -2.69
C6 NAG H . -38.28 -2.54 -2.01
C7 NAG H . -33.55 -7.21 -2.74
C8 NAG H . -32.77 -8.17 -3.59
N2 NAG H . -34.61 -6.62 -3.32
O3 NAG H . -37.16 -7.34 -2.24
O4 NAG H . -39.19 -5.33 -2.41
O5 NAG H . -36.11 -3.36 -2.47
O6 NAG H . -37.94 -1.26 -2.54
O7 NAG H . -33.23 -6.95 -1.58
C1 BMA H . -39.84 -5.68 -1.18
C2 BMA H . -41.34 -5.55 -1.39
C3 BMA H . -42.09 -5.95 -0.12
C4 BMA H . -41.65 -7.34 0.32
C5 BMA H . -40.14 -7.41 0.45
C6 BMA H . -39.64 -8.80 0.77
O2 BMA H . -41.74 -6.37 -2.47
O3 BMA H . -43.49 -5.93 -0.35
O4 BMA H . -42.24 -7.66 1.58
O5 BMA H . -39.53 -7.02 -0.79
O6 BMA H . -40.04 -9.73 -0.23
C1 MAN H . -43.94 -4.56 -0.34
C2 MAN H . -45.15 -4.45 0.59
C3 MAN H . -46.30 -5.27 0.03
C4 MAN H . -46.61 -4.85 -1.40
C5 MAN H . -45.34 -4.93 -2.25
C6 MAN H . -45.54 -4.42 -3.65
O2 MAN H . -45.53 -3.10 0.73
O3 MAN H . -47.46 -5.10 0.85
O4 MAN H . -47.59 -5.71 -1.96
O5 MAN H . -44.32 -4.13 -1.65
O6 MAN H . -44.34 -4.51 -4.41
C1 MAN H . -39.99 -11.06 0.32
C2 MAN H . -39.97 -12.04 -0.84
C3 MAN H . -41.26 -11.99 -1.63
C4 MAN H . -42.45 -12.19 -0.70
C5 MAN H . -42.38 -11.19 0.45
C6 MAN H . -43.47 -11.40 1.48
O2 MAN H . -39.76 -13.37 -0.33
O3 MAN H . -41.27 -12.98 -2.65
O4 MAN H . -43.66 -12.00 -1.41
O5 MAN H . -41.13 -11.32 1.14
O6 MAN H . -43.37 -10.46 2.55
C1 NAG I . -34.09 -0.84 31.35
C2 NAG I . -34.70 0.47 31.85
C3 NAG I . -36.17 0.55 31.44
C4 NAG I . -36.30 0.33 29.94
C5 NAG I . -35.63 -0.98 29.53
C6 NAG I . -35.63 -1.21 28.04
C7 NAG I . -33.75 1.50 33.85
C8 NAG I . -33.73 1.50 35.36
N2 NAG I . -34.56 0.60 33.28
O3 NAG I . -36.70 1.82 31.80
O4 NAG I . -37.68 0.27 29.58
O5 NAG I . -34.25 -0.95 29.95
O6 NAG I . -34.96 -0.16 27.36
O7 NAG I . -33.06 2.26 33.20
C1 NAG I . -38.00 1.43 28.78
C2 NAG I . -39.24 1.12 27.94
C3 NAG I . -39.63 2.34 27.11
C4 NAG I . -39.82 3.54 28.02
C5 NAG I . -38.56 3.76 28.86
C6 NAG I . -38.72 4.88 29.86
C7 NAG I . -39.42 -1.27 27.40
C8 NAG I . -39.09 -2.35 26.42
N2 NAG I . -39.00 -0.04 27.08
O3 NAG I . -40.84 2.06 26.40
O4 NAG I . -40.07 4.70 27.24
O5 NAG I . -38.27 2.57 29.61
O6 NAG I . -37.54 5.05 30.64
O7 NAG I . -40.03 -1.51 28.44
C1 NAG J . -6.60 -26.08 -16.26
C2 NAG J . -7.79 -26.87 -16.82
C3 NAG J . -7.96 -28.18 -16.05
C4 NAG J . -6.65 -28.95 -16.01
C5 NAG J . -5.53 -28.06 -15.48
C6 NAG J . -4.18 -28.72 -15.52
C7 NAG J . -9.92 -26.07 -17.73
C8 NAG J . -11.12 -25.20 -17.50
N2 NAG J . -9.01 -26.08 -16.76
O3 NAG J . -8.96 -28.96 -16.69
O4 NAG J . -6.79 -30.04 -15.10
O5 NAG J . -5.43 -26.88 -16.29
O6 NAG J . -3.80 -29.05 -16.84
O7 NAG J . -9.78 -26.72 -18.76
C1 NAG J . -6.84 -31.30 -15.77
C2 NAG J . -6.22 -32.34 -14.85
C3 NAG J . -6.31 -33.73 -15.47
C4 NAG J . -7.76 -34.04 -15.83
C5 NAG J . -8.31 -32.95 -16.74
C6 NAG J . -9.78 -33.12 -17.06
C7 NAG J . -4.44 -31.68 -13.30
C8 NAG J . -2.98 -31.36 -13.16
N2 NAG J . -4.85 -32.01 -14.54
O3 NAG J . -5.83 -34.70 -14.54
O4 NAG J . -7.81 -35.29 -16.53
O5 NAG J . -8.19 -31.67 -16.08
O6 NAG J . -10.24 -32.09 -17.93
O7 NAG J . -5.21 -31.63 -12.35
C1 BMA J . -8.64 -36.20 -15.77
C2 BMA J . -9.01 -37.35 -16.70
C3 BMA J . -9.87 -38.36 -15.96
C4 BMA J . -9.18 -38.82 -14.68
C5 BMA J . -8.76 -37.61 -13.84
C6 BMA J . -7.96 -37.99 -12.63
O2 BMA J . -7.82 -37.98 -17.18
O3 BMA J . -10.14 -39.49 -16.79
O4 BMA J . -10.05 -39.64 -13.92
O5 BMA J . -7.95 -36.72 -14.63
O6 BMA J . -6.81 -38.75 -12.99
C1 MAN J . -11.03 -39.10 -17.84
C2 MAN J . -12.27 -40.00 -17.77
C3 MAN J . -11.87 -41.44 -18.04
C4 MAN J . -11.13 -41.55 -19.37
C5 MAN J . -9.95 -40.57 -19.38
C6 MAN J . -9.24 -40.53 -20.71
O2 MAN J . -13.23 -39.57 -18.72
O3 MAN J . -13.03 -42.27 -18.07
O4 MAN J . -10.63 -42.87 -19.55
O5 MAN J . -10.42 -39.23 -19.12
O6 MAN J . -8.16 -39.60 -20.69
C1 MAN J . -6.17 -39.24 -11.79
C2 MAN J . -4.67 -39.08 -11.95
C3 MAN J . -4.17 -39.97 -13.07
C4 MAN J . -4.60 -41.42 -12.85
C5 MAN J . -6.10 -41.47 -12.64
C6 MAN J . -6.59 -42.86 -12.28
O2 MAN J . -4.02 -39.41 -10.73
O3 MAN J . -2.74 -39.90 -13.16
O4 MAN J . -4.25 -42.21 -13.97
O5 MAN J . -6.49 -40.61 -11.56
O6 MAN J . -8.00 -42.87 -12.06
C1 NAG K . -30.90 -33.24 8.91
C2 NAG K . -32.36 -33.24 8.50
C3 NAG K . -32.63 -34.38 7.52
C4 NAG K . -31.68 -34.28 6.34
C5 NAG K . -30.23 -34.24 6.84
C6 NAG K . -29.23 -34.03 5.73
C7 NAG K . -34.20 -32.49 9.94
C8 NAG K . -34.99 -32.76 11.18
N2 NAG K . -33.23 -33.36 9.67
O3 NAG K . -33.98 -34.31 7.07
O4 NAG K . -31.86 -35.39 5.47
O5 NAG K . -30.07 -33.14 7.75
O6 NAG K . -29.45 -32.80 5.07
O7 NAG K . -34.44 -31.53 9.21
C1 NAG K . -32.32 -34.90 4.19
C2 NAG K . -32.04 -35.97 3.14
C3 NAG K . -32.56 -35.51 1.78
C4 NAG K . -34.03 -35.14 1.89
C5 NAG K . -34.22 -34.10 2.98
C6 NAG K . -35.67 -33.74 3.22
C7 NAG K . -30.03 -37.22 3.81
C8 NAG K . -28.55 -37.38 3.61
N2 NAG K . -30.62 -36.27 3.06
O3 NAG K . -32.39 -36.56 0.82
O4 NAG K . -34.50 -34.60 0.65
O5 NAG K . -33.72 -34.61 4.23
O6 NAG K . -35.80 -32.74 4.22
O7 NAG K . -30.67 -37.89 4.61
C1 NAG L . 26.24 -17.05 -2.36
C2 NAG L . 26.68 -18.41 -2.90
C3 NAG L . 27.01 -19.35 -1.75
C4 NAG L . 27.98 -18.71 -0.76
C5 NAG L . 27.47 -17.35 -0.33
C6 NAG L . 28.46 -16.60 0.53
C7 NAG L . 25.93 -19.89 -4.70
C8 NAG L . 24.75 -20.38 -5.49
N2 NAG L . 25.66 -18.97 -3.76
O3 NAG L . 27.56 -20.56 -2.26
O4 NAG L . 28.07 -19.52 0.40
O5 NAG L . 27.24 -16.53 -1.49
O6 NAG L . 29.68 -16.35 -0.17
O7 NAG L . 27.05 -20.31 -4.91
C1 NAG L . 29.33 -20.20 0.47
C2 NAG L . 29.67 -20.38 1.96
C3 NAG L . 30.96 -21.16 2.11
C4 NAG L . 30.86 -22.48 1.36
C5 NAG L . 30.49 -22.22 -0.09
C6 NAG L . 30.26 -23.50 -0.87
C7 NAG L . 28.91 -18.71 3.58
C8 NAG L . 29.16 -17.35 4.16
N2 NAG L . 29.76 -19.09 2.62
O3 NAG L . 31.22 -21.39 3.49
O4 NAG L . 32.11 -23.17 1.42
O5 NAG L . 29.27 -21.48 -0.15
O6 NAG L . 29.90 -23.23 -2.21
O7 NAG L . 28.00 -19.43 3.97
C1 BMA L . 31.94 -24.38 2.19
C2 BMA L . 33.13 -25.28 1.90
C3 BMA L . 33.02 -26.57 2.70
C4 BMA L . 32.85 -26.26 4.18
C5 BMA L . 31.68 -25.29 4.39
C6 BMA L . 31.55 -24.83 5.82
O2 BMA L . 34.33 -24.60 2.23
O3 BMA L . 34.18 -27.37 2.51
O4 BMA L . 32.60 -27.45 4.91
O5 BMA L . 31.87 -24.11 3.59
O6 BMA L . 32.75 -24.20 6.26
C1 MAN L . 34.26 -27.80 1.13
C2 MAN L . 34.54 -29.30 1.13
C3 MAN L . 35.90 -29.59 1.74
C4 MAN L . 36.98 -28.76 1.05
C5 MAN L . 36.59 -27.28 1.04
C6 MAN L . 37.56 -26.42 0.26
O2 MAN L . 34.49 -29.78 -0.22
O3 MAN L . 36.20 -30.96 1.64
O4 MAN L . 38.22 -28.92 1.72
O5 MAN L . 35.30 -27.12 0.44
O6 MAN L . 37.17 -25.05 0.28
C1 MAN L . 32.69 -23.98 7.68
C2 MAN L . 33.62 -22.82 8.02
C3 MAN L . 35.06 -23.21 7.72
C4 MAN L . 35.43 -24.50 8.44
C5 MAN L . 34.42 -25.59 8.09
C6 MAN L . 34.63 -26.87 8.87
O2 MAN L . 33.48 -22.47 9.39
O3 MAN L . 35.95 -22.16 8.12
O4 MAN L . 36.73 -24.93 8.06
O5 MAN L . 33.09 -25.14 8.41
O6 MAN L . 33.66 -27.85 8.54
C1 NAG M . 6.71 -44.86 9.64
C2 NAG M . 6.51 -45.94 8.58
C3 NAG M . 7.84 -46.61 8.25
C4 NAG M . 8.88 -45.56 7.88
C5 NAG M . 8.99 -44.52 8.98
C6 NAG M . 9.93 -43.39 8.66
C7 NAG M . 4.31 -47.00 8.46
C8 NAG M . 3.41 -48.07 9.01
N2 NAG M . 5.53 -46.92 8.99
O3 NAG M . 7.66 -47.53 7.19
O4 NAG M . 10.15 -46.19 7.71
O5 NAG M . 7.69 -43.93 9.21
O6 NAG M . 9.48 -42.67 7.51
O7 NAG M . 3.93 -46.23 7.58
C1 NAG M . 10.54 -46.09 6.32
C2 NAG M . 12.05 -46.32 6.24
C3 NAG M . 12.51 -46.26 4.78
C4 NAG M . 11.72 -47.27 3.96
C5 NAG M . 10.22 -47.00 4.12
C6 NAG M . 9.36 -48.02 3.41
C7 NAG M . 13.29 -45.60 8.24
C8 NAG M . 13.99 -44.47 8.93
N2 NAG M . 12.76 -45.33 7.04
O3 NAG M . 13.90 -46.57 4.72
O4 NAG M . 12.07 -47.15 2.59
O5 NAG M . 9.87 -47.07 5.52
O6 NAG M . 7.98 -47.72 3.56
O7 NAG M . 13.21 -46.72 8.73
C1 NAG N . 21.88 13.18 18.17
C2 NAG N . 23.31 12.92 18.66
C3 NAG N . 23.30 12.53 20.14
C4 NAG N . 22.54 13.57 20.95
C5 NAG N . 21.15 13.80 20.36
C6 NAG N . 20.39 14.91 21.04
C7 NAG N . 25.25 11.76 17.72
C8 NAG N . 25.73 10.60 16.88
N2 NAG N . 23.94 11.87 17.86
O3 NAG N . 24.64 12.45 20.60
O4 NAG N . 22.36 13.08 22.28
O5 NAG N . 21.28 14.18 18.98
O6 NAG N . 21.07 16.15 20.92
O7 NAG N . 26.04 12.53 18.25
C1 NAG N . 23.17 13.79 23.23
C2 NAG N . 22.49 13.70 24.59
C3 NAG N . 23.33 14.38 25.66
C4 NAG N . 24.75 13.81 25.65
C5 NAG N . 25.34 13.90 24.25
C6 NAG N . 26.70 13.24 24.14
C7 NAG N . 20.03 13.57 24.49
C8 NAG N . 18.75 14.34 24.45
N2 NAG N . 21.16 14.29 24.53
O3 NAG N . 22.74 14.19 26.93
O4 NAG N . 25.56 14.55 26.55
O5 NAG N . 24.48 13.22 23.32
O6 NAG N . 27.21 13.32 22.82
O7 NAG N . 20.06 12.34 24.51
C1 BMA N . 25.96 13.71 27.65
C2 BMA N . 27.11 14.39 28.38
C3 BMA N . 27.56 13.55 29.55
C4 BMA N . 26.39 13.25 30.47
C5 BMA N . 25.24 12.63 29.67
C6 BMA N . 23.98 12.43 30.49
O2 BMA N . 26.70 15.68 28.81
O3 BMA N . 28.57 14.24 30.28
O4 BMA N . 26.78 12.34 31.49
O5 BMA N . 24.89 13.49 28.58
O6 BMA N . 23.56 13.66 31.08
C1 MAN N . 29.83 14.09 29.60
C2 MAN N . 30.90 13.70 30.61
C3 MAN N . 31.11 14.84 31.61
C4 MAN N . 31.41 16.14 30.88
C5 MAN N . 30.33 16.42 29.84
C6 MAN N . 30.63 17.64 29.00
O2 MAN N . 32.12 13.41 29.94
O3 MAN N . 32.17 14.52 32.50
O4 MAN N . 31.47 17.22 31.81
O5 MAN N . 30.21 15.31 28.95
O6 MAN N . 29.58 17.90 28.08
C1 MAN N . 22.56 13.37 32.08
C2 MAN N . 21.80 14.66 32.38
C3 MAN N . 22.74 15.68 33.01
C4 MAN N . 23.41 15.10 34.24
C5 MAN N . 24.10 13.79 33.88
C6 MAN N . 24.68 13.08 35.09
O2 MAN N . 20.71 14.39 33.24
O3 MAN N . 22.01 16.86 33.36
O4 MAN N . 24.38 16.01 34.75
O5 MAN N . 23.15 12.88 33.29
O6 MAN N . 25.28 11.84 34.72
C1 NAG O . 26.83 -19.37 32.11
C2 NAG O . 28.20 -19.98 31.86
C3 NAG O . 29.29 -19.15 32.55
C4 NAG O . 29.18 -17.69 32.12
C5 NAG O . 27.76 -17.18 32.37
C6 NAG O . 27.55 -15.77 31.87
C7 NAG O . 28.62 -22.39 31.56
C8 NAG O . 28.60 -23.74 32.22
N2 NAG O . 28.24 -21.36 32.34
O3 NAG O . 30.57 -19.67 32.21
O4 NAG O . 30.10 -16.91 32.87
O5 NAG O . 26.83 -18.02 31.67
O6 NAG O . 27.67 -15.70 30.45
O7 NAG O . 28.96 -22.24 30.40
C1 NAG O . 31.07 -16.31 31.99
C2 NAG O . 31.86 -15.28 32.80
C3 NAG O . 32.94 -14.65 31.92
C4 NAG O . 33.81 -15.74 31.31
C5 NAG O . 32.94 -16.74 30.57
C6 NAG O . 33.72 -17.91 30.01
C7 NAG O . 30.38 -14.36 34.53
C8 NAG O . 29.51 -13.22 34.93
N2 NAG O . 30.98 -14.26 33.34
O3 NAG O . 33.74 -13.77 32.71
O4 NAG O . 34.75 -15.17 30.41
O5 NAG O . 31.96 -17.30 31.46
O6 NAG O . 32.89 -18.80 29.29
O7 NAG O . 30.54 -15.35 35.25
C1 NAG P . 6.51 -12.41 54.69
C2 NAG P . 7.04 -12.99 56.00
C3 NAG P . 6.66 -14.46 56.13
C4 NAG P . 5.15 -14.62 55.97
C5 NAG P . 4.70 -13.99 54.66
C6 NAG P . 3.20 -14.01 54.47
C7 NAG P . 9.08 -12.31 57.18
C8 NAG P . 10.58 -12.21 57.12
N2 NAG P . 8.48 -12.82 56.10
O3 NAG P . 7.07 -14.95 57.40
O4 NAG P . 4.80 -16.00 55.97
O5 NAG P . 5.10 -12.61 54.62
O6 NAG P . 2.55 -13.26 55.48
O7 NAG P . 8.46 -11.96 58.17
N HSM Q . -21.23 5.12 23.62
CA HSM Q . -22.23 5.45 22.57
CB HSM Q . -22.79 4.20 21.92
CG HSM Q . -23.73 4.50 20.80
ND1 HSM Q . -24.77 3.64 20.48
CD2 HSM Q . -23.75 5.56 19.95
CE1 HSM Q . -25.39 4.21 19.46
NE2 HSM Q . -24.81 5.36 19.10
C1 D10 R . 14.46 46.87 -25.49
C2 D10 R . 13.86 45.49 -25.59
C3 D10 R . 13.80 44.76 -24.27
C4 D10 R . 13.12 43.40 -24.33
C5 D10 R . 12.94 42.75 -22.98
C6 D10 R . 11.96 41.60 -22.96
C7 D10 R . 11.54 41.17 -21.56
C8 D10 R . 10.36 40.24 -21.51
C9 D10 R . 9.83 40.00 -20.10
C10 D10 R . 8.59 39.13 -20.08
C1 D10 S . 7.98 50.83 -22.81
C2 D10 S . 7.64 49.39 -22.54
C3 D10 S . 7.89 48.98 -21.10
C4 D10 S . 7.54 47.53 -20.81
C5 D10 S . 7.83 47.09 -19.38
C6 D10 S . 7.61 45.61 -19.13
C7 D10 S . 7.96 45.16 -17.74
C8 D10 S . 7.85 43.65 -17.55
C9 D10 S . 8.26 43.16 -16.16
C10 D10 S . 8.18 41.66 -16.01
C1 D10 T . 4.24 40.69 -11.84
C2 D10 T . 4.42 39.53 -10.90
C3 D10 T . 3.82 39.77 -9.53
C4 D10 T . 4.03 38.63 -8.54
C5 D10 T . 3.47 38.91 -7.15
C6 D10 T . 3.68 37.77 -6.16
C7 D10 T . 3.17 38.08 -4.77
C8 D10 T . 3.33 36.94 -3.77
C9 D10 T . 2.83 37.26 -2.37
C10 D10 T . 2.97 36.11 -1.41
CL CL U . -9.23 0.11 15.71
N HSM V . -25.82 -18.10 5.99
CA HSM V . -25.63 -18.57 4.59
CB HSM V . -24.73 -19.78 4.54
CG HSM V . -24.48 -20.28 3.15
ND1 HSM V . -24.07 -21.57 2.90
CD2 HSM V . -24.61 -19.61 1.96
CE1 HSM V . -23.96 -21.65 1.58
NE2 HSM V . -24.27 -20.50 0.98
C1 D10 W . -11.17 40.32 -35.66
C2 D10 W . -10.28 39.14 -35.39
C3 D10 W . -10.50 38.51 -34.02
C4 D10 W . -9.75 37.22 -33.80
C5 D10 W . -10.12 36.51 -32.50
C6 D10 W . -9.83 35.02 -32.51
C7 D10 W . -10.51 34.27 -31.38
C8 D10 W . -10.47 32.76 -31.52
C9 D10 W . -11.27 32.02 -30.47
C10 D10 W . -11.27 30.53 -30.67
C1 D10 X . -8.58 17.18 -51.76
C2 D10 X . -7.58 17.19 -50.63
C3 D10 X . -8.11 16.53 -49.37
C4 D10 X . -7.10 16.42 -48.24
C5 D10 X . -7.59 15.64 -47.05
C6 D10 X . -6.48 15.08 -46.16
C7 D10 X . -6.97 14.05 -45.17
C8 D10 X . -5.87 13.22 -44.53
C9 D10 X . -6.37 12.04 -43.74
C10 D10 X . -5.27 11.16 -43.22
C1 D10 Y . -17.89 36.50 -38.84
C2 D10 Y . -16.93 36.08 -37.75
C3 D10 Y . -17.61 35.29 -36.64
C4 D10 Y . -16.66 34.86 -35.53
C5 D10 Y . -17.33 34.10 -34.40
C6 D10 Y . -16.37 33.69 -33.30
C7 D10 Y . -17.02 32.92 -32.16
C8 D10 Y . -16.04 32.48 -31.08
C9 D10 Y . -16.69 31.70 -29.95
C10 D10 Y . -15.69 31.24 -28.90
C1 D10 Z . -18.78 26.97 -27.48
C2 D10 Z . -18.50 26.22 -26.20
C3 D10 Z . -19.76 25.77 -25.48
C4 D10 Z . -19.50 25.12 -24.14
C5 D10 Z . -20.77 24.78 -23.36
C6 D10 Z . -20.51 24.19 -21.98
C7 D10 Z . -21.78 23.83 -21.22
C8 D10 Z . -21.53 23.11 -19.90
C9 D10 Z . -22.80 22.68 -19.20
C10 D10 Z . -22.55 21.91 -17.92
C1 NAG AA . -24.61 -8.49 50.22
C2 NAG AA . -24.95 -8.50 51.71
C3 NAG AA . -24.23 -9.66 52.40
C4 NAG AA . -24.57 -10.96 51.70
C5 NAG AA . -24.24 -10.86 50.21
C6 NAG AA . -24.64 -12.09 49.43
C7 NAG AA . -25.30 -6.70 53.33
C8 NAG AA . -24.80 -5.39 53.86
N2 NAG AA . -24.60 -7.24 52.34
O3 NAG AA . -24.63 -9.71 53.77
O4 NAG AA . -23.85 -12.04 52.28
O5 NAG AA . -24.95 -9.75 49.64
O6 NAG AA . -26.06 -12.24 49.42
O7 NAG AA . -26.30 -7.23 53.79
CL CL BA . -13.09 -9.89 8.27
N HSM CA . 0.17 -32.14 1.85
CA HSM CA . 1.48 -31.87 1.21
CB HSM CA . 2.60 -31.90 2.23
CG HSM CA . 3.95 -31.70 1.63
ND1 HSM CA . 5.10 -31.70 2.39
CD2 HSM CA . 4.28 -31.49 0.31
CE1 HSM CA . 6.09 -31.50 1.53
NE2 HSM CA . 5.64 -31.37 0.27
C1 D10 DA . 18.64 9.32 -50.87
C2 D10 DA . 18.10 9.92 -49.59
C3 D10 DA . 17.67 8.88 -48.58
C4 D10 DA . 17.28 9.46 -47.22
C5 D10 DA . 17.00 8.41 -46.18
C6 D10 DA . 17.09 8.92 -44.75
C7 D10 DA . 17.15 7.80 -43.72
C8 D10 DA . 17.66 8.25 -42.35
C9 D10 DA . 17.90 7.09 -41.40
C10 D10 DA . 18.51 7.53 -40.09
C1 D10 EA . -6.38 10.61 -54.78
C2 D10 EA . -5.89 9.78 -53.61
C3 D10 EA . -6.89 9.70 -52.48
C4 D10 EA . -6.41 8.91 -51.28
C5 D10 EA . -7.40 8.88 -50.13
C6 D10 EA . -6.90 8.16 -48.89
C7 D10 EA . -7.87 8.19 -47.73
C8 D10 EA . -7.36 7.51 -46.47
C9 D10 EA . -8.35 7.54 -45.32
C10 D10 EA . -7.84 6.85 -44.08
C1 D10 FA . -7.27 2.57 -42.25
C2 D10 FA . -7.74 2.33 -40.83
C3 D10 FA . -7.96 0.86 -40.52
C4 D10 FA . -8.54 0.60 -39.14
C5 D10 FA . -8.86 -0.87 -38.88
C6 D10 FA . -9.49 -1.13 -37.52
C7 D10 FA . -9.78 -2.59 -37.25
C8 D10 FA . -10.36 -2.87 -35.87
C9 D10 FA . -10.60 -4.34 -35.59
C10 D10 FA . -11.15 -4.60 -34.20
CL CL GA . -2.62 -17.33 5.03
C1 NAG HA . -34.71 -32.17 31.01
C2 NAG HA . -35.73 -32.81 31.94
C3 NAG HA . -35.16 -32.94 33.35
C4 NAG HA . -33.84 -33.69 33.31
C5 NAG HA . -32.89 -33.01 32.33
C6 NAG HA . -31.58 -33.73 32.16
C7 NAG HA . -38.17 -32.59 32.14
C8 NAG HA . -39.34 -31.64 32.12
N2 NAG HA . -36.97 -32.04 31.96
O3 NAG HA . -36.09 -33.61 34.19
O4 NAG HA . -33.25 -33.71 34.60
O5 NAG HA . -33.50 -32.94 31.04
O6 NAG HA . -31.79 -35.04 31.63
O7 NAG HA . -38.32 -33.80 32.30
N HSM IA . 20.79 -17.28 17.44
CA HSM IA . 21.57 -16.02 17.31
CB HSM IA . 21.18 -15.03 18.38
CG HSM IA . 21.99 -13.77 18.34
ND1 HSM IA . 22.03 -12.89 19.41
CD2 HSM IA . 22.76 -13.28 17.33
CE1 HSM IA . 22.84 -11.91 19.02
NE2 HSM IA . 23.30 -12.10 17.78
C1 D10 JA . 26.29 7.47 -49.83
C2 D10 JA . 25.43 7.72 -48.62
C3 D10 JA . 25.33 6.52 -47.69
C4 D10 JA . 24.43 6.74 -46.49
C5 D10 JA . 24.31 5.55 -45.57
C6 D10 JA . 23.36 5.77 -44.40
C7 D10 JA . 23.14 4.54 -43.53
C8 D10 JA . 22.08 4.76 -42.45
C9 D10 JA . 21.78 3.52 -41.62
C10 D10 JA . 20.67 3.75 -40.63
C1 D10 KA . 23.20 0.83 -35.93
C2 D10 KA . 22.98 0.41 -34.49
C3 D10 KA . 22.81 -1.08 -34.31
C4 D10 KA . 22.55 -1.52 -32.89
C5 D10 KA . 22.41 -3.02 -32.71
C6 D10 KA . 22.20 -3.47 -31.27
C7 D10 KA . 22.20 -4.97 -31.08
C8 D10 KA . 22.04 -5.42 -29.64
C9 D10 KA . 22.12 -6.93 -29.43
C10 D10 KA . 21.99 -7.34 -27.99
CL CL LA . 7.76 -11.94 11.12
C1 NAG MA . -9.70 -50.16 23.93
C2 NAG MA . -10.51 -51.40 24.33
C3 NAG MA . -11.23 -51.14 25.66
C4 NAG MA . -10.21 -50.72 26.71
C5 NAG MA . -9.43 -49.50 26.21
C6 NAG MA . -8.33 -49.07 27.16
C7 NAG MA . -11.87 -53.02 23.08
C8 NAG MA . -12.85 -53.21 21.97
N2 NAG MA . -11.46 -51.76 23.30
O3 NAG MA . -11.89 -52.33 26.08
O4 NAG MA . -10.88 -50.37 27.92
O5 NAG MA . -8.79 -49.82 24.97
O6 NAG MA . -7.37 -50.10 27.33
O7 NAG MA . -11.46 -53.96 23.76
N HSM NA . 7.46 5.74 30.88
CA HSM NA . 6.97 7.00 30.27
CB HSM NA . 5.63 7.42 30.86
CG HSM NA . 5.13 8.71 30.30
ND1 HSM NA . 3.85 9.18 30.59
CD2 HSM NA . 5.75 9.60 29.48
CE1 HSM NA . 3.75 10.32 29.94
NE2 HSM NA . 4.87 10.62 29.26
C1 D10 OA . 33.23 27.47 -34.52
C2 D10 OA . 31.78 27.32 -34.12
C3 D10 OA . 31.54 26.19 -33.13
C4 D10 OA . 30.10 26.09 -32.64
C5 D10 OA . 29.91 25.05 -31.54
C6 D10 OA . 28.65 25.24 -30.73
C7 D10 OA . 28.66 24.48 -29.42
C8 D10 OA . 27.63 24.98 -28.42
C9 D10 OA . 27.78 24.35 -27.04
C10 D10 OA . 26.81 24.91 -26.04
C1 D10 PA . 35.76 32.88 -28.98
C2 D10 PA . 34.48 32.23 -28.52
C3 D10 PA . 34.69 31.20 -27.42
C4 D10 PA . 33.42 30.52 -26.97
C5 D10 PA . 33.64 29.44 -25.93
C6 D10 PA . 32.37 28.67 -25.57
C7 D10 PA . 32.61 27.52 -24.60
C8 D10 PA . 31.36 26.70 -24.31
C9 D10 PA . 31.59 25.55 -23.35
C10 D10 PA . 30.33 24.75 -23.06
C1 D10 QA . 30.69 25.15 -18.30
C2 D10 QA . 30.05 23.99 -17.56
C3 D10 QA . 30.44 23.94 -16.09
C4 D10 QA . 29.89 22.73 -15.35
C5 D10 QA . 30.40 22.58 -13.93
C6 D10 QA . 29.97 21.28 -13.27
C7 D10 QA . 30.52 21.08 -11.88
C8 D10 QA . 30.12 19.76 -11.23
C9 D10 QA . 30.68 19.55 -9.84
C10 D10 QA . 30.28 18.24 -9.22
CL CL RA . 3.68 -1.84 17.95
C1 NAG SA . 15.85 -38.06 38.64
C2 NAG SA . 16.21 -39.37 39.34
C3 NAG SA . 14.95 -40.01 39.93
C4 NAG SA . 14.25 -39.01 40.84
C5 NAG SA . 13.96 -37.72 40.07
C6 NAG SA . 13.37 -36.64 40.93
C7 NAG SA . 17.84 -41.14 38.82
C8 NAG SA . 18.42 -42.00 37.74
N2 NAG SA . 16.87 -40.29 38.43
O3 NAG SA . 15.31 -41.17 40.66
O4 NAG SA . 13.02 -39.56 41.30
O5 NAG SA . 15.20 -37.18 39.55
O6 NAG SA . 14.25 -36.25 41.97
O7 NAG SA . 18.23 -41.19 39.97
#